data_8QPW
#
_entry.id   8QPW
#
_cell.length_a   1.00
_cell.length_b   1.00
_cell.length_c   1.00
_cell.angle_alpha   90.00
_cell.angle_beta   90.00
_cell.angle_gamma   90.00
#
_symmetry.space_group_name_H-M   'P 1'
#
loop_
_entity.id
_entity.type
_entity.pdbx_description
1 polymer 'Outer membrane protein assembly factor BamA'
2 polymer 'Outer membrane protein assembly factor BamB'
3 polymer 'Outer membrane protein assembly factor BamC'
4 polymer 'Outer membrane protein assembly factor BamD'
5 polymer 'Outer membrane protein assembly factor BamE'
6 polymer 'Chaperone SurA'
7 polymer OmpX
#
loop_
_entity_poly.entity_id
_entity_poly.type
_entity_poly.pdbx_seq_one_letter_code
_entity_poly.pdbx_strand_id
1 'polypeptide(L)'
;AEGFVVKDIHFEGLQRVAVGAALLSMPVRTGDTVNDEDISNTIRALFATGNFEDVCVLRDGDTLLVQVKERPTIASITFS
GNKSVKDDMLKQNLEASGVRVGESLDRTTIADIEKGLEDFYYSVGKYSASVKAVVTPLPRNRVDLKLVFQEGVSAEIQQI
NIVGNHAFTTDELISHFQLRDEVPWWNVVGDRKYQKQKLAGDLETLRSYYLDRGYARFNIDSTQVSLTPDKKGIYVTVNI
TEGDQYKLSGVEVSGNLAGHSAEIEQLTKIEPGELYNGTKVTKMEDDIKKLLGRYGYAYPRVQSMPEINDADKTVKLRVN
VDAGNRFYVRKIRFEGNDTSKDAVLRREMRQMEGAWLGSDLVDQGKERLNRLGFFETVDTDTQRVPGSPDQVDVVYKVKE
RNTGSFNFGIGYGTESGVSFQAGVQQDNWLGTGYAVGINGTKNDYQTYAELSVTNPYFTVDGVSLGGRLFYNDFQADDAD
LSDYTNKSYGTDVTLGFPINEYNSLRAGLGYVHNSLSNMQPQVAMWRYLYSMGEHPSTSDQDNSFKTDDFTFNYGWTYNK
LDRGYFPTDGSRVNLTGKVTIPGSDNEYYKVTLDTATYVPIDDDHKWVVLGRTRWGYGDGLGGKEMPFYENFYAGGSSTV
RGFQSNTIGPKAVYFPHQASNYDPDYDYECATQDGAKDLCKSDDAVGGNAMAVASLEFITPTPFISDKYANSVRTSFFWD
MGTVWDTNWDSSQYSGYPDYSDPSNIRMSAGIALQWMSPLGPLVFSYAQPFKKYDGDKAEQFQFNIGKTW
;
A
2 'polypeptide(L)'
;CSLFNSEEDVVKMSPLPTVENQFTPTTAWSTSVGSGIGNFYSNLHPALADNVVYAADRAGLVKALNADDGKEIWSVSLAE
KDGWFSKEPALLSGGVTVSGGHVYIGSEKAQVYALNTSDGTVAWQTKVAGEALSRPVVSDGLVLIHTSNGQLQALNEADG
AVKWTVNLDMPSLSLRGESAPTTAFGAAVVGGDNGRVSAVLMEQGQMIWQQRISQATGSTEIDRLSDVDTTPVVVNGVVF
ALAYNGNLTALDLRSGQIMWKRELGSVNDFIVDGNRIYLVDQNDRVMALTIDGGVTLWTQSDLLHRLLTSPVLYNGNLVV
GDSEGYLHWINVEDGRFVAQQKVDSSGFQTEPVAADGKLLIQAKDGTVYSITR
;
B
3 'polypeptide(L)'
;CSSDSRYKRQVSGDEAYLEAAPLAELHAPAGMILPVTSGDYAIPVTNGSGAVGKALDIRPPAQPLALVSGARTQFTGDTA
SLLVENGRGNTLWPQVVSVLQAKNYTITQRDDAGQTLTTDWVQWNRLDEDEQYRGRYQISVKPQGYQQAVTVKLLNLEQA
GKPVADAASMQRYSTEMMNVISAGLDKSATDAANAAQNRASTTMDVQSAADDTGLPMLVVRGPFNVVWQRLPAALEKVGM
KVTDSTRSQGNMAVTYKPLSDSDWQELGASDPGLASGDYKLQVGDLDNRSSLQFIDPKGHTLTQSQNDALVAVFQAAFSK
;
C
4 'polypeptide(L)'
;CSGSKEEVPDNPPNEIYATAQQKLQDGNWRQAITQLEALDNRYPFGPYSQQVQLDLIYAYYKNADLPLAQAAIDRFIRLN
PTHPNIDYVMYMRGLTNMALDDSALQGFFGVDRSDRDPQHARAAFSDFSKLVRGYPNSQYTTDATKRLVFLKDRLAKYEY
SVAEYYTERGAWVAVVNRVEGMLRDYPDTQATRDALPLMENAYRQMQMNAQAEKVAKIIAANSSNT
;
D
5 'polypeptide(L)'
;CSTLERVVYRPDINQGNYLTANDVSKIRVGMTQQQVAYALGTPLMSDPFGTNTWFYVFRQQPGHEGVTQQTLTLTFNSSG
VLTNIDNKPALSGNGGHHHHHHHH
;
E
6 'polypeptide(L)'
;GSSAWSHPQFEKGGGSGGGSGGSAWSHPQFEKSSGENLYFQGAPQVVDCVAAVVNNGVVLESDVDGLMQSVKLNAAQARQ
QLPDDATLRHQIMERLIMDQIILQMGQKMGVKISDEQLDQAIANIAKQNNMTLDQMRSRLAYDGLNYNTYRNQIRKEMII
SEVRNNEVRRRITILPQEVESLAQQVGNQNDASTELNLSHILIPLPENPTSDQVNEAESQARAIVDQARNGADFGKLAIA
HSADQQALNGGQMGWGRIQELPGIFAQALSTAKKGDIVGPIRSGVGFHILKVNDLRGESKNISVTEVHARHILLKPSPIM
TDEQARVKLEQIAADIKSGKTTFAAAAKEFSQDPGSANQGGDLGWATPDIFDPAFRDALTRLNKGQMSAPVHSSFGWHLI
ELLDTRNVDKTDAAQKDRAYRMLMNRKFSEEAASWMQEQRASAYVKILSN
;
F
7 'polypeptide(L)'
;DAAQKDRAYRMLMNRKFSEEAASWMQEQRASAYVKILSNATSTVTGGYAQSDAQGQMNKMGGFNLKYRYEEDNSPLGVIG
SFTYTEKSRTASSGDYNKNQYYGITAGPAYRINDWASIYGVVGVGYGKFQTTEYPTYKHDTSDYGFSYGAGLQFNPMENV
ALDFSYEQSRIRSVDVGTWIAGVGYRF
;
X
#
# COMPACT_ATOMS: atom_id res chain seq x y z
N PHE A 4 -55.25 6.67 25.73
CA PHE A 4 -56.53 6.43 25.10
C PHE A 4 -56.37 6.08 23.62
N VAL A 5 -57.45 6.24 22.84
CA VAL A 5 -57.47 5.84 21.43
C VAL A 5 -57.02 7.00 20.57
N VAL A 6 -56.04 6.76 19.70
CA VAL A 6 -55.49 7.78 18.83
C VAL A 6 -56.15 7.67 17.46
N LYS A 7 -56.43 8.82 16.85
CA LYS A 7 -57.09 8.86 15.56
C LYS A 7 -56.10 8.87 14.40
N ASP A 8 -55.00 9.61 14.52
CA ASP A 8 -54.03 9.73 13.45
C ASP A 8 -52.66 9.98 14.07
N ILE A 9 -51.62 9.76 13.25
CA ILE A 9 -50.24 9.96 13.67
C ILE A 9 -49.57 10.90 12.68
N HIS A 10 -48.89 11.92 13.20
CA HIS A 10 -48.18 12.89 12.39
C HIS A 10 -46.73 12.98 12.86
N PHE A 11 -45.85 13.33 11.93
CA PHE A 11 -44.41 13.31 12.18
C PHE A 11 -43.79 14.64 11.78
N GLU A 12 -42.52 14.78 12.11
CA GLU A 12 -41.72 15.93 11.71
C GLU A 12 -40.48 15.53 10.91
N GLY A 13 -40.30 14.24 10.63
CA GLY A 13 -39.15 13.79 9.87
C GLY A 13 -39.51 13.37 8.46
N LEU A 14 -39.00 14.08 7.47
CA LEU A 14 -39.34 13.83 6.08
C LEU A 14 -38.15 13.84 5.13
N GLN A 15 -36.93 14.04 5.62
CA GLN A 15 -35.78 14.23 4.74
C GLN A 15 -35.20 12.90 4.27
N ARG A 16 -35.06 11.95 5.17
CA ARG A 16 -34.54 10.62 4.82
C ARG A 16 -35.62 9.55 4.80
N VAL A 17 -36.39 9.44 5.87
CA VAL A 17 -37.41 8.41 5.99
C VAL A 17 -38.54 8.70 5.02
N ALA A 18 -39.10 7.65 4.43
CA ALA A 18 -40.28 7.79 3.59
C ALA A 18 -41.49 8.07 4.50
N VAL A 19 -42.59 8.54 3.91
CA VAL A 19 -43.78 8.81 4.69
C VAL A 19 -44.32 7.52 5.29
N GLY A 20 -44.23 6.42 4.55
CA GLY A 20 -44.68 5.13 5.03
C GLY A 20 -43.62 4.28 5.70
N ALA A 21 -42.34 4.61 5.51
CA ALA A 21 -41.28 3.85 6.16
C ALA A 21 -41.36 4.00 7.67
N ALA A 22 -41.64 5.21 8.16
CA ALA A 22 -41.84 5.41 9.59
C ALA A 22 -43.06 4.65 10.07
N LEU A 23 -44.12 4.61 9.25
CA LEU A 23 -45.32 3.85 9.59
C LEU A 23 -45.04 2.35 9.71
N LEU A 24 -43.98 1.86 9.08
CA LEU A 24 -43.67 0.43 9.13
C LEU A 24 -43.32 -0.02 10.54
N SER A 25 -42.69 0.84 11.35
CA SER A 25 -42.29 0.50 12.70
C SER A 25 -43.35 0.84 13.74
N MET A 26 -44.51 1.31 13.33
CA MET A 26 -45.58 1.62 14.28
C MET A 26 -46.24 0.34 14.79
N PRO A 27 -46.20 0.06 16.08
CA PRO A 27 -46.98 -1.05 16.63
C PRO A 27 -48.40 -0.66 17.05
N VAL A 28 -48.67 0.65 17.17
CA VAL A 28 -50.02 1.10 17.51
C VAL A 28 -50.97 0.86 16.34
N ARG A 29 -50.45 0.91 15.13
CA ARG A 29 -51.23 0.75 13.89
C ARG A 29 -52.28 1.83 13.71
N THR A 30 -52.17 2.94 14.43
CA THR A 30 -53.04 4.11 14.34
C THR A 30 -54.49 3.80 14.71
N GLY A 31 -54.79 2.57 15.12
CA GLY A 31 -56.15 2.20 15.46
C GLY A 31 -56.22 1.34 16.70
N ASP A 32 -55.27 1.51 17.61
CA ASP A 32 -55.24 0.75 18.85
C ASP A 32 -55.12 1.72 20.01
N THR A 33 -55.89 1.47 21.07
CA THR A 33 -55.82 2.31 22.26
C THR A 33 -54.44 2.22 22.89
N VAL A 34 -53.99 3.32 23.46
CA VAL A 34 -52.68 3.37 24.10
C VAL A 34 -52.79 2.77 25.49
N ASN A 35 -51.99 1.74 25.76
CA ASN A 35 -51.94 1.15 27.09
C ASN A 35 -51.30 2.10 28.10
N ASP A 36 -50.58 3.12 27.63
CA ASP A 36 -49.82 4.10 28.42
C ASP A 36 -48.47 3.56 28.90
N GLU A 37 -48.05 2.39 28.41
CA GLU A 37 -46.69 1.92 28.67
C GLU A 37 -46.02 1.50 27.37
N ASP A 38 -46.81 1.22 26.34
CA ASP A 38 -46.25 0.86 25.04
C ASP A 38 -45.57 2.03 24.35
N ILE A 39 -45.74 3.25 24.86
CA ILE A 39 -45.08 4.41 24.27
C ILE A 39 -43.57 4.26 24.36
N SER A 40 -43.07 3.86 25.53
CA SER A 40 -41.63 3.66 25.69
C SER A 40 -41.12 2.55 24.79
N ASN A 41 -41.88 1.47 24.66
CA ASN A 41 -41.48 0.37 23.78
C ASN A 41 -41.40 0.84 22.34
N THR A 42 -42.40 1.61 21.89
CA THR A 42 -42.39 2.14 20.53
C THR A 42 -41.20 3.07 20.32
N ILE A 43 -40.91 3.94 21.30
CA ILE A 43 -39.80 4.86 21.17
C ILE A 43 -38.47 4.11 21.08
N ARG A 44 -38.31 3.09 21.91
CA ARG A 44 -37.10 2.29 21.87
C ARG A 44 -36.97 1.55 20.54
N ALA A 45 -38.10 1.06 20.02
CA ALA A 45 -38.07 0.41 18.71
C ALA A 45 -37.66 1.38 17.61
N LEU A 46 -38.17 2.62 17.68
CA LEU A 46 -37.83 3.62 16.67
C LEU A 46 -36.35 4.00 16.74
N PHE A 47 -35.83 4.21 17.94
CA PHE A 47 -34.44 4.61 18.05
C PHE A 47 -33.50 3.44 17.75
N ALA A 48 -33.91 2.21 18.05
CA ALA A 48 -33.06 1.05 17.81
C ALA A 48 -32.74 0.87 16.34
N THR A 49 -33.52 1.49 15.44
CA THR A 49 -33.22 1.46 14.03
C THR A 49 -31.94 2.22 13.69
N GLY A 50 -31.39 3.00 14.63
CA GLY A 50 -30.22 3.79 14.33
C GLY A 50 -30.47 4.87 13.30
N ASN A 51 -31.73 5.25 13.11
CA ASN A 51 -32.14 6.16 12.05
C ASN A 51 -32.45 7.56 12.58
N PHE A 52 -32.65 7.70 13.89
CA PHE A 52 -33.10 8.94 14.49
C PHE A 52 -32.22 9.29 15.69
N GLU A 53 -32.20 10.57 16.06
CA GLU A 53 -31.67 11.02 17.34
C GLU A 53 -32.75 11.32 18.35
N ASP A 54 -33.69 12.21 18.03
CA ASP A 54 -34.72 12.64 18.95
C ASP A 54 -36.01 11.89 18.64
N VAL A 55 -36.67 11.41 19.70
CA VAL A 55 -37.99 10.80 19.60
C VAL A 55 -38.87 11.49 20.63
N CYS A 56 -39.96 12.10 20.17
CA CYS A 56 -40.86 12.84 21.05
C CYS A 56 -42.29 12.46 20.72
N VAL A 57 -43.12 12.34 21.77
CA VAL A 57 -44.53 12.02 21.63
C VAL A 57 -45.34 13.10 22.34
N LEU A 58 -46.43 13.53 21.71
CA LEU A 58 -47.30 14.54 22.30
C LEU A 58 -48.74 14.25 21.93
N ARG A 59 -49.62 14.37 22.91
CA ARG A 59 -51.06 14.17 22.74
C ARG A 59 -51.82 15.41 23.20
N ASP A 60 -51.29 16.60 22.85
CA ASP A 60 -51.90 17.85 23.28
C ASP A 60 -53.35 17.97 22.85
N GLY A 61 -53.72 17.34 21.74
CA GLY A 61 -55.12 17.26 21.34
C GLY A 61 -55.71 15.92 21.69
N ASP A 62 -56.22 15.20 20.69
CA ASP A 62 -56.66 13.82 20.87
C ASP A 62 -55.86 12.85 20.02
N THR A 63 -54.74 13.30 19.45
CA THR A 63 -53.93 12.48 18.57
C THR A 63 -52.47 12.55 19.01
N LEU A 64 -51.69 11.56 18.60
CA LEU A 64 -50.29 11.46 18.96
C LEU A 64 -49.43 12.13 17.90
N LEU A 65 -48.68 13.16 18.30
CA LEU A 65 -47.77 13.85 17.41
C LEU A 65 -46.35 13.34 17.65
N VAL A 66 -45.63 13.07 16.57
CA VAL A 66 -44.28 12.51 16.64
C VAL A 66 -43.31 13.60 16.21
N GLN A 67 -42.38 13.94 17.11
CA GLN A 67 -41.33 14.91 16.83
C GLN A 67 -40.00 14.18 16.82
N VAL A 68 -39.29 14.27 15.68
CA VAL A 68 -38.05 13.52 15.48
C VAL A 68 -37.00 14.45 14.91
N LYS A 69 -35.79 14.36 15.44
CA LYS A 69 -34.61 15.06 14.89
C LYS A 69 -33.75 14.00 14.21
N GLU A 70 -33.77 14.00 12.88
CA GLU A 70 -32.97 13.05 12.11
C GLU A 70 -31.51 13.48 12.09
N ARG A 71 -30.65 12.58 11.59
CA ARG A 71 -29.24 12.90 11.49
C ARG A 71 -29.04 14.06 10.53
N PRO A 72 -28.24 15.07 10.91
CA PRO A 72 -27.92 16.14 9.96
C PRO A 72 -27.12 15.58 8.79
N THR A 73 -27.35 16.16 7.61
CA THR A 73 -26.67 15.72 6.40
C THR A 73 -25.34 16.43 6.29
N ILE A 74 -24.27 15.64 6.15
CA ILE A 74 -22.95 16.23 5.91
C ILE A 74 -22.87 16.67 4.46
N ALA A 75 -22.47 17.92 4.24
CA ALA A 75 -22.40 18.49 2.90
C ALA A 75 -20.99 18.85 2.47
N SER A 76 -20.06 19.01 3.41
CA SER A 76 -18.70 19.37 3.05
C SER A 76 -17.78 18.96 4.19
N ILE A 77 -16.56 18.56 3.82
CA ILE A 77 -15.52 18.19 4.77
C ILE A 77 -14.36 19.15 4.58
N THR A 78 -13.92 19.77 5.68
CA THR A 78 -12.77 20.64 5.67
C THR A 78 -11.87 20.27 6.84
N PHE A 79 -10.57 20.47 6.66
CA PHE A 79 -9.57 20.00 7.61
C PHE A 79 -8.26 20.71 7.36
N SER A 80 -7.51 20.93 8.44
CA SER A 80 -6.27 21.68 8.38
C SER A 80 -5.26 21.06 9.34
N GLY A 81 -4.07 21.63 9.34
CA GLY A 81 -2.98 21.12 10.16
C GLY A 81 -2.41 19.81 9.68
N ASN A 82 -2.77 19.36 8.49
CA ASN A 82 -2.34 18.07 7.98
C ASN A 82 -1.05 18.23 7.18
N LYS A 83 0.02 17.58 7.65
CA LYS A 83 1.27 17.51 6.91
C LYS A 83 1.67 16.08 6.60
N SER A 84 1.61 15.19 7.59
CA SER A 84 1.92 13.79 7.36
C SER A 84 0.86 13.07 6.55
N VAL A 85 -0.38 13.57 6.55
CA VAL A 85 -1.49 12.96 5.81
C VAL A 85 -2.03 14.00 4.85
N LYS A 86 -2.10 13.64 3.58
CA LYS A 86 -2.67 14.53 2.57
C LYS A 86 -4.15 14.22 2.41
N ASP A 87 -4.78 14.80 1.39
CA ASP A 87 -6.23 14.72 1.28
C ASP A 87 -6.71 13.29 1.01
N ASP A 88 -6.05 12.58 0.10
CA ASP A 88 -6.64 11.36 -0.45
C ASP A 88 -6.79 10.28 0.61
N MET A 89 -5.68 9.91 1.26
CA MET A 89 -5.74 8.85 2.25
C MET A 89 -6.71 9.18 3.37
N LEU A 90 -6.78 10.45 3.76
CA LEU A 90 -7.79 10.87 4.73
C LEU A 90 -9.20 10.62 4.19
N LYS A 91 -9.42 10.92 2.91
CA LYS A 91 -10.75 10.76 2.32
C LYS A 91 -11.17 9.29 2.32
N GLN A 92 -10.30 8.40 1.87
CA GLN A 92 -10.71 6.99 1.89
C GLN A 92 -10.69 6.39 3.29
N ASN A 93 -9.94 6.96 4.22
CA ASN A 93 -10.08 6.54 5.62
C ASN A 93 -11.47 6.90 6.14
N LEU A 94 -11.94 8.10 5.82
CA LEU A 94 -13.30 8.48 6.20
C LEU A 94 -14.33 7.59 5.51
N GLU A 95 -14.10 7.28 4.24
CA GLU A 95 -15.02 6.42 3.51
C GLU A 95 -15.04 5.01 4.10
N ALA A 96 -13.92 4.56 4.67
CA ALA A 96 -13.88 3.23 5.27
C ALA A 96 -14.96 3.07 6.32
N SER A 97 -15.26 4.11 7.07
CA SER A 97 -16.32 4.08 8.06
C SER A 97 -17.70 4.29 7.45
N GLY A 98 -17.79 4.57 6.16
CA GLY A 98 -19.06 4.79 5.51
C GLY A 98 -19.64 6.17 5.67
N VAL A 99 -18.93 7.09 6.32
CA VAL A 99 -19.38 8.46 6.48
C VAL A 99 -18.85 9.27 5.30
N ARG A 100 -19.76 9.89 4.56
CA ARG A 100 -19.41 10.56 3.32
C ARG A 100 -20.44 11.64 3.03
N VAL A 101 -20.02 12.65 2.27
CA VAL A 101 -20.94 13.71 1.87
C VAL A 101 -22.10 13.11 1.08
N GLY A 102 -23.31 13.59 1.37
CA GLY A 102 -24.50 13.08 0.74
C GLY A 102 -25.28 12.08 1.57
N GLU A 103 -24.75 11.65 2.71
CA GLU A 103 -25.45 10.75 3.61
C GLU A 103 -25.47 11.33 5.02
N SER A 104 -25.94 10.52 5.96
CA SER A 104 -26.17 10.97 7.32
C SER A 104 -24.85 11.17 8.06
N LEU A 105 -24.96 11.52 9.34
CA LEU A 105 -23.81 11.72 10.20
C LEU A 105 -24.13 11.19 11.59
N ASP A 106 -23.43 10.14 12.00
CA ASP A 106 -23.58 9.55 13.32
C ASP A 106 -22.36 9.91 14.17
N ARG A 107 -22.61 10.31 15.41
CA ARG A 107 -21.57 10.97 16.20
C ARG A 107 -20.52 10.00 16.71
N THR A 108 -20.90 8.75 16.98
CA THR A 108 -19.93 7.80 17.53
C THR A 108 -18.84 7.46 16.51
N THR A 109 -19.20 7.37 15.23
CA THR A 109 -18.22 7.12 14.19
C THR A 109 -17.17 8.22 14.14
N ILE A 110 -17.55 9.45 14.50
CA ILE A 110 -16.58 10.54 14.53
C ILE A 110 -15.49 10.24 15.55
N ALA A 111 -15.88 9.86 16.77
CA ALA A 111 -14.90 9.51 17.79
C ALA A 111 -14.07 8.31 17.36
N ASP A 112 -14.69 7.35 16.69
CA ASP A 112 -13.94 6.22 16.15
C ASP A 112 -12.86 6.68 15.19
N ILE A 113 -13.19 7.63 14.31
CA ILE A 113 -12.23 8.16 13.37
C ILE A 113 -11.10 8.89 14.11
N GLU A 114 -11.45 9.64 15.15
CA GLU A 114 -10.42 10.31 15.94
C GLU A 114 -9.44 9.28 16.52
N LYS A 115 -9.98 8.19 17.07
CA LYS A 115 -9.11 7.15 17.61
C LYS A 115 -8.23 6.56 16.52
N GLY A 116 -8.78 6.32 15.34
CA GLY A 116 -7.99 5.74 14.26
C GLY A 116 -6.85 6.64 13.83
N LEU A 117 -7.13 7.93 13.64
CA LEU A 117 -6.08 8.86 13.24
C LEU A 117 -5.03 9.03 14.34
N GLU A 118 -5.47 9.06 15.60
CA GLU A 118 -4.51 9.14 16.70
C GLU A 118 -3.61 7.92 16.72
N ASP A 119 -4.19 6.75 16.48
CA ASP A 119 -3.39 5.52 16.40
C ASP A 119 -2.38 5.61 15.25
N PHE A 120 -2.80 6.14 14.11
CA PHE A 120 -1.86 6.25 12.99
C PHE A 120 -0.72 7.20 13.34
N TYR A 121 -1.04 8.32 13.98
CA TYR A 121 0.00 9.26 14.41
C TYR A 121 0.97 8.59 15.37
N TYR A 122 0.45 7.80 16.30
CA TYR A 122 1.33 7.03 17.19
C TYR A 122 2.18 6.05 16.39
N SER A 123 1.59 5.49 15.31
CA SER A 123 2.33 4.56 14.47
C SER A 123 3.54 5.23 13.83
N VAL A 124 3.33 6.42 13.26
CA VAL A 124 4.44 7.11 12.63
C VAL A 124 5.42 7.61 13.68
N GLY A 125 4.91 8.15 14.78
CA GLY A 125 5.77 8.69 15.82
C GLY A 125 5.25 10.01 16.35
N LYS A 126 4.13 10.47 15.80
CA LYS A 126 3.50 11.71 16.25
C LYS A 126 2.78 11.44 17.57
N TYR A 127 3.57 11.47 18.65
CA TYR A 127 3.03 11.14 19.96
C TYR A 127 2.35 12.34 20.60
N SER A 128 3.05 13.47 20.69
CA SER A 128 2.42 14.67 21.24
C SER A 128 1.59 15.39 20.19
N ALA A 129 0.73 14.62 19.52
CA ALA A 129 -0.15 15.15 18.48
C ALA A 129 -1.56 14.65 18.71
N SER A 130 -2.53 15.52 18.47
CA SER A 130 -3.91 15.21 18.76
C SER A 130 -4.80 15.62 17.60
N VAL A 131 -5.78 14.78 17.30
CA VAL A 131 -6.79 15.06 16.29
C VAL A 131 -8.07 15.52 16.97
N LYS A 132 -8.67 16.58 16.44
CA LYS A 132 -9.94 17.10 16.95
C LYS A 132 -10.87 17.38 15.79
N ALA A 133 -12.11 16.91 15.90
CA ALA A 133 -13.14 17.15 14.90
C ALA A 133 -14.07 18.24 15.40
N VAL A 134 -14.21 19.30 14.60
CA VAL A 134 -15.08 20.42 14.93
C VAL A 134 -16.34 20.31 14.08
N VAL A 135 -17.43 19.90 14.70
CA VAL A 135 -18.71 19.75 14.02
C VAL A 135 -19.41 21.10 14.00
N THR A 136 -19.37 21.77 12.85
CA THR A 136 -19.96 23.09 12.73
C THR A 136 -21.39 22.96 12.24
N PRO A 137 -22.37 23.48 12.97
CA PRO A 137 -23.77 23.32 12.55
C PRO A 137 -24.07 24.08 11.28
N LEU A 138 -25.06 23.59 10.55
CA LEU A 138 -25.56 24.22 9.34
C LEU A 138 -27.06 24.33 9.41
N PRO A 139 -27.65 25.32 8.72
CA PRO A 139 -29.11 25.47 8.76
C PRO A 139 -29.81 24.30 8.09
N ARG A 140 -31.05 24.09 8.50
CA ARG A 140 -31.94 23.08 7.90
C ARG A 140 -31.40 21.67 8.08
N ASN A 141 -31.07 21.32 9.33
CA ASN A 141 -30.68 19.97 9.71
C ASN A 141 -29.48 19.48 8.89
N ARG A 142 -28.41 20.29 8.92
CA ARG A 142 -27.15 19.92 8.30
C ARG A 142 -26.01 20.31 9.22
N VAL A 143 -24.85 19.68 9.00
CA VAL A 143 -23.64 19.98 9.75
C VAL A 143 -22.45 19.92 8.81
N ASP A 144 -21.34 20.50 9.27
CA ASP A 144 -20.07 20.46 8.55
C ASP A 144 -18.97 20.09 9.54
N LEU A 145 -17.95 19.41 9.04
CA LEU A 145 -16.90 18.84 9.87
C LEU A 145 -15.58 19.53 9.61
N LYS A 146 -14.93 19.97 10.69
CA LYS A 146 -13.60 20.56 10.63
C LYS A 146 -12.64 19.73 11.47
N LEU A 147 -11.51 19.36 10.86
CA LEU A 147 -10.50 18.55 11.53
C LEU A 147 -9.25 19.39 11.76
N VAL A 148 -8.78 19.42 13.00
CA VAL A 148 -7.59 20.17 13.39
C VAL A 148 -6.54 19.17 13.85
N PHE A 149 -5.38 19.21 13.21
CA PHE A 149 -4.26 18.32 13.53
C PHE A 149 -3.18 19.13 14.23
N GLN A 150 -3.00 18.86 15.52
CA GLN A 150 -1.94 19.51 16.29
C GLN A 150 -0.66 18.69 16.19
N GLU A 151 -0.13 18.60 14.97
CA GLU A 151 1.04 17.78 14.70
C GLU A 151 2.28 18.41 15.31
N GLY A 152 2.64 17.96 16.51
CA GLY A 152 3.75 18.54 17.23
C GLY A 152 5.10 18.23 16.63
N VAL A 153 5.51 16.96 16.70
CA VAL A 153 6.82 16.54 16.22
C VAL A 153 6.82 15.02 16.12
N SER A 154 7.56 14.50 15.13
CA SER A 154 7.72 13.07 15.01
C SER A 154 8.69 12.55 16.07
N ALA A 155 8.53 11.27 16.39
CA ALA A 155 9.40 10.63 17.38
C ALA A 155 10.78 10.36 16.79
N GLU A 156 11.80 10.49 17.61
CA GLU A 156 13.18 10.27 17.22
C GLU A 156 13.73 9.08 17.98
N ILE A 157 14.49 8.24 17.29
CA ILE A 157 15.12 7.08 17.91
C ILE A 157 16.55 7.44 18.29
N GLN A 158 16.99 6.98 19.47
CA GLN A 158 18.33 7.29 19.96
C GLN A 158 19.24 6.09 20.05
N GLN A 159 18.72 4.91 20.41
CA GLN A 159 19.56 3.75 20.60
C GLN A 159 18.79 2.47 20.32
N ILE A 160 19.47 1.51 19.68
CA ILE A 160 18.98 0.16 19.49
C ILE A 160 19.97 -0.79 20.13
N ASN A 161 19.48 -1.68 20.98
CA ASN A 161 20.33 -2.61 21.72
C ASN A 161 19.98 -4.04 21.34
N ILE A 162 21.01 -4.88 21.25
CA ILE A 162 20.85 -6.29 20.91
C ILE A 162 21.42 -7.16 22.01
N VAL A 163 21.29 -6.69 23.25
CA VAL A 163 21.83 -7.42 24.39
C VAL A 163 21.30 -8.85 24.40
N GLY A 164 22.19 -9.80 24.68
CA GLY A 164 21.84 -11.20 24.65
C GLY A 164 22.61 -11.95 23.58
N ASN A 165 23.62 -11.32 23.01
CA ASN A 165 24.40 -11.90 21.93
C ASN A 165 25.83 -12.15 22.39
N HIS A 166 26.45 -13.18 21.80
CA HIS A 166 27.84 -13.48 22.07
C HIS A 166 28.61 -13.89 20.82
N ALA A 167 28.07 -13.64 19.62
CA ALA A 167 28.73 -14.04 18.40
C ALA A 167 28.76 -12.98 17.31
N PHE A 168 28.04 -11.87 17.46
CA PHE A 168 27.95 -10.86 16.42
C PHE A 168 28.01 -9.47 17.03
N THR A 169 28.75 -8.58 16.38
CA THR A 169 28.96 -7.23 16.88
C THR A 169 27.69 -6.40 16.72
N THR A 170 27.50 -5.46 17.65
CA THR A 170 26.31 -4.63 17.66
C THR A 170 26.21 -3.78 16.39
N ASP A 171 27.32 -3.18 15.98
CA ASP A 171 27.29 -2.26 14.84
C ASP A 171 26.90 -2.98 13.57
N GLU A 172 27.43 -4.17 13.34
CA GLU A 172 27.09 -4.94 12.16
C GLU A 172 25.59 -5.20 12.09
N LEU A 173 24.99 -5.54 13.22
CA LEU A 173 23.55 -5.80 13.22
C LEU A 173 22.75 -4.51 13.02
N ILE A 174 23.07 -3.46 13.78
CA ILE A 174 22.28 -2.23 13.70
C ILE A 174 22.40 -1.60 12.32
N SER A 175 23.45 -1.93 11.57
CA SER A 175 23.48 -1.54 10.17
C SER A 175 22.40 -2.28 9.36
N HIS A 176 22.08 -3.51 9.77
CA HIS A 176 21.20 -4.35 8.96
C HIS A 176 19.74 -3.94 9.05
N PHE A 177 19.27 -3.53 10.22
CA PHE A 177 17.87 -3.15 10.34
C PHE A 177 17.54 -1.98 9.41
N GLN A 178 16.32 -2.00 8.89
CA GLN A 178 15.84 -0.87 8.10
C GLN A 178 15.85 0.42 8.92
N LEU A 179 15.67 0.31 10.23
CA LEU A 179 15.75 1.47 11.09
C LEU A 179 17.18 2.00 11.15
N ARG A 180 17.31 3.32 11.16
CA ARG A 180 18.60 3.98 11.18
C ARG A 180 18.77 4.65 12.55
N ASP A 181 19.51 3.98 13.43
CA ASP A 181 19.72 4.50 14.78
C ASP A 181 20.57 5.77 14.73
N GLU A 182 21.56 5.81 13.85
CA GLU A 182 22.43 6.97 13.72
C GLU A 182 22.86 7.12 12.27
N VAL A 183 22.45 8.22 11.66
CA VAL A 183 22.86 8.55 10.29
C VAL A 183 24.27 9.15 10.34
N PRO A 184 25.15 8.81 9.41
CA PRO A 184 26.47 9.47 9.37
C PRO A 184 26.31 10.98 9.21
N TRP A 185 27.21 11.72 9.86
CA TRP A 185 27.09 13.17 9.91
C TRP A 185 27.18 13.79 8.53
N TRP A 186 28.09 13.32 7.69
CA TRP A 186 28.23 13.83 6.33
C TRP A 186 27.44 12.99 5.34
N ASN A 187 26.16 12.77 5.67
CA ASN A 187 25.25 12.04 4.81
C ASN A 187 23.82 12.45 5.14
N VAL A 188 22.97 12.53 4.10
CA VAL A 188 21.58 12.91 4.27
C VAL A 188 20.79 11.75 3.64
N VAL A 189 21.39 10.56 3.68
CA VAL A 189 20.82 9.40 3.01
C VAL A 189 19.47 9.02 3.62
N GLY A 190 19.32 9.17 4.93
CA GLY A 190 18.08 8.78 5.58
C GLY A 190 17.75 9.59 6.81
N ASP A 191 16.77 9.12 7.59
CA ASP A 191 16.34 9.81 8.80
C ASP A 191 16.25 8.85 9.97
N ARG A 192 15.65 9.30 11.06
CA ARG A 192 15.51 8.51 12.28
C ARG A 192 14.05 8.36 12.67
N LYS A 193 13.20 8.04 11.69
CA LYS A 193 11.79 7.88 11.95
C LYS A 193 11.51 6.51 12.58
N TYR A 194 10.25 6.27 12.91
CA TYR A 194 9.81 5.04 13.55
C TYR A 194 8.60 4.48 12.81
N GLN A 195 8.47 3.16 12.82
CA GLN A 195 7.32 2.47 12.24
C GLN A 195 7.31 1.04 12.75
N LYS A 196 6.18 0.61 13.33
CA LYS A 196 6.09 -0.76 13.81
C LYS A 196 6.18 -1.76 12.66
N GLN A 197 5.72 -1.37 11.47
CA GLN A 197 5.91 -2.23 10.31
C GLN A 197 7.39 -2.46 10.04
N LYS A 198 8.19 -1.38 10.09
CA LYS A 198 9.63 -1.54 9.93
C LYS A 198 10.24 -2.31 11.10
N LEU A 199 9.66 -2.17 12.30
CA LEU A 199 10.13 -2.94 13.45
C LEU A 199 9.93 -4.45 13.21
N ALA A 200 8.74 -4.82 12.74
CA ALA A 200 8.49 -6.23 12.45
C ALA A 200 9.40 -6.71 11.33
N GLY A 201 9.57 -5.90 10.30
CA GLY A 201 10.47 -6.28 9.21
C GLY A 201 11.89 -6.53 9.71
N ASP A 202 12.39 -5.65 10.57
CA ASP A 202 13.77 -5.80 11.01
C ASP A 202 13.94 -6.94 12.00
N LEU A 203 12.93 -7.22 12.84
CA LEU A 203 13.05 -8.38 13.71
C LEU A 203 13.01 -9.68 12.91
N GLU A 204 12.18 -9.74 11.87
CA GLU A 204 12.20 -10.91 11.00
C GLU A 204 13.54 -11.03 10.28
N THR A 205 14.11 -9.90 9.86
CA THR A 205 15.41 -9.93 9.21
C THR A 205 16.49 -10.43 10.17
N LEU A 206 16.44 -10.00 11.42
CA LEU A 206 17.37 -10.50 12.44
C LEU A 206 17.21 -12.00 12.64
N ARG A 207 15.95 -12.46 12.72
CA ARG A 207 15.69 -13.89 12.84
C ARG A 207 16.33 -14.64 11.69
N SER A 208 16.11 -14.17 10.47
CA SER A 208 16.71 -14.81 9.31
C SER A 208 18.23 -14.75 9.37
N TYR A 209 18.79 -13.65 9.87
CA TYR A 209 20.25 -13.49 9.89
C TYR A 209 20.90 -14.47 10.87
N TYR A 210 20.22 -14.79 11.96
CA TYR A 210 20.71 -15.91 12.78
C TYR A 210 20.44 -17.27 12.14
N LEU A 211 19.25 -17.48 11.58
CA LEU A 211 18.92 -18.82 11.10
C LEU A 211 19.70 -19.22 9.86
N ASP A 212 20.20 -18.25 9.09
CA ASP A 212 20.98 -18.61 7.90
C ASP A 212 22.48 -18.70 8.18
N ARG A 213 22.92 -18.36 9.39
CA ARG A 213 24.32 -18.51 9.76
C ARG A 213 24.64 -19.87 10.35
N GLY A 214 23.65 -20.76 10.47
CA GLY A 214 23.83 -22.06 11.07
C GLY A 214 23.18 -22.22 12.42
N TYR A 215 22.79 -21.13 13.07
CA TYR A 215 22.11 -21.22 14.36
C TYR A 215 20.65 -21.59 14.16
N ALA A 216 20.23 -22.70 14.77
CA ALA A 216 18.86 -23.18 14.67
C ALA A 216 18.06 -22.96 15.94
N ARG A 217 18.61 -23.34 17.10
CA ARG A 217 17.94 -23.13 18.37
C ARG A 217 18.06 -21.66 18.77
N PHE A 218 17.32 -20.84 18.03
CA PHE A 218 17.27 -19.40 18.25
C PHE A 218 15.83 -18.93 18.28
N ASN A 219 15.55 -17.95 19.14
CA ASN A 219 14.27 -17.27 19.12
C ASN A 219 14.45 -15.91 19.78
N ILE A 220 13.56 -14.98 19.43
CA ILE A 220 13.54 -13.68 20.07
C ILE A 220 12.78 -13.82 21.39
N ASP A 221 13.44 -13.47 22.49
CA ASP A 221 12.84 -13.64 23.80
C ASP A 221 11.71 -12.62 24.01
N SER A 222 12.03 -11.34 23.89
CA SER A 222 11.02 -10.29 23.97
C SER A 222 11.62 -9.01 23.39
N THR A 223 10.81 -7.97 23.36
CA THR A 223 11.21 -6.67 22.85
C THR A 223 10.48 -5.57 23.61
N GLN A 224 11.17 -4.48 23.90
CA GLN A 224 10.58 -3.34 24.55
C GLN A 224 10.90 -2.08 23.77
N VAL A 225 10.02 -1.08 23.87
CA VAL A 225 10.21 0.21 23.23
C VAL A 225 10.10 1.27 24.32
N SER A 226 11.23 1.63 24.90
CA SER A 226 11.25 2.69 25.90
C SER A 226 10.90 4.02 25.27
N LEU A 227 10.21 4.85 26.04
CA LEU A 227 9.80 6.17 25.57
C LEU A 227 10.28 7.20 26.58
N THR A 228 10.99 8.22 26.09
CA THR A 228 11.51 9.24 26.97
C THR A 228 10.37 10.03 27.60
N PRO A 229 10.52 10.49 28.85
CA PRO A 229 9.41 11.15 29.52
C PRO A 229 9.19 12.57 29.02
N ASP A 230 9.25 12.75 27.71
CA ASP A 230 8.89 13.99 27.07
C ASP A 230 8.17 13.78 25.74
N LYS A 231 7.90 12.53 25.37
CA LYS A 231 7.35 12.19 24.06
C LYS A 231 8.25 12.66 22.93
N LYS A 232 9.56 12.44 23.09
CA LYS A 232 10.53 12.77 22.06
C LYS A 232 11.33 11.56 21.57
N GLY A 233 11.86 10.75 22.49
CA GLY A 233 12.81 9.71 22.15
C GLY A 233 12.26 8.32 22.39
N ILE A 234 12.59 7.40 21.48
CA ILE A 234 12.23 6.00 21.58
C ILE A 234 13.51 5.17 21.59
N TYR A 235 13.65 4.31 22.59
CA TYR A 235 14.74 3.35 22.66
C TYR A 235 14.16 1.98 22.37
N VAL A 236 14.76 1.28 21.42
CA VAL A 236 14.32 -0.07 21.07
C VAL A 236 15.35 -1.06 21.61
N THR A 237 14.88 -1.99 22.44
CA THR A 237 15.74 -3.03 23.00
C THR A 237 15.10 -4.38 22.71
N VAL A 238 15.93 -5.35 22.35
CA VAL A 238 15.47 -6.69 22.03
C VAL A 238 16.09 -7.68 23.01
N ASN A 239 15.51 -8.87 23.05
CA ASN A 239 15.98 -9.96 23.90
C ASN A 239 16.13 -11.22 23.06
N ILE A 240 17.33 -11.79 23.06
CA ILE A 240 17.67 -12.87 22.15
C ILE A 240 18.37 -13.98 22.92
N THR A 241 18.00 -15.23 22.63
CA THR A 241 18.70 -16.40 23.14
C THR A 241 19.65 -16.87 22.04
N GLU A 242 20.96 -16.73 22.31
CA GLU A 242 21.94 -16.88 21.24
C GLU A 242 21.92 -18.27 20.63
N GLY A 243 21.80 -19.31 21.46
CA GLY A 243 21.84 -20.65 20.90
C GLY A 243 23.21 -20.99 20.37
N ASP A 244 23.25 -21.95 19.43
CA ASP A 244 24.50 -22.39 18.87
C ASP A 244 24.27 -22.88 17.44
N GLN A 245 25.37 -22.97 16.69
CA GLN A 245 25.33 -23.42 15.30
C GLN A 245 24.87 -24.86 15.22
N TYR A 246 24.58 -25.29 13.99
CA TYR A 246 24.14 -26.66 13.75
C TYR A 246 24.57 -27.08 12.35
N LYS A 247 24.53 -28.39 12.12
CA LYS A 247 24.99 -28.98 10.88
C LYS A 247 23.87 -29.79 10.23
N LEU A 248 23.72 -29.65 8.93
CA LEU A 248 22.74 -30.41 8.16
C LEU A 248 23.28 -31.81 7.92
N SER A 249 22.81 -32.78 8.71
CA SER A 249 23.26 -34.15 8.53
C SER A 249 22.71 -34.75 7.23
N GLY A 250 21.40 -34.59 6.99
CA GLY A 250 20.79 -35.12 5.79
C GLY A 250 19.36 -34.69 5.62
N VAL A 251 18.85 -34.76 4.39
CA VAL A 251 17.49 -34.35 4.07
C VAL A 251 16.78 -35.52 3.40
N GLU A 252 15.60 -35.85 3.88
CA GLU A 252 14.80 -36.94 3.34
C GLU A 252 13.48 -36.40 2.82
N VAL A 253 13.09 -36.87 1.64
CA VAL A 253 11.87 -36.43 0.96
C VAL A 253 10.74 -37.36 1.36
N SER A 254 9.58 -36.78 1.67
CA SER A 254 8.42 -37.55 2.09
C SER A 254 7.16 -36.91 1.52
N GLY A 255 6.12 -37.72 1.42
CA GLY A 255 4.84 -37.25 0.93
C GLY A 255 4.46 -37.89 -0.40
N ASN A 256 3.32 -37.46 -0.92
CA ASN A 256 2.75 -38.03 -2.15
C ASN A 256 3.45 -37.47 -3.39
N LEU A 257 4.76 -37.71 -3.45
CA LEU A 257 5.53 -37.29 -4.62
C LEU A 257 5.22 -38.20 -5.80
N ALA A 258 5.26 -37.61 -6.99
CA ALA A 258 5.03 -38.37 -8.22
C ALA A 258 6.33 -39.08 -8.61
N GLY A 259 6.37 -39.61 -9.84
CA GLY A 259 7.56 -40.30 -10.32
C GLY A 259 8.74 -39.42 -10.57
N HIS A 260 8.59 -38.10 -10.41
CA HIS A 260 9.65 -37.13 -10.66
C HIS A 260 10.66 -37.07 -9.52
N SER A 261 10.66 -38.06 -8.62
CA SER A 261 11.49 -38.00 -7.43
C SER A 261 12.97 -38.00 -7.73
N ALA A 262 13.38 -38.42 -8.93
CA ALA A 262 14.81 -38.45 -9.25
C ALA A 262 15.41 -37.04 -9.27
N GLU A 263 14.81 -36.12 -10.02
CA GLU A 263 15.34 -34.77 -10.08
C GLU A 263 15.00 -34.00 -8.81
N ILE A 264 13.94 -34.41 -8.10
CA ILE A 264 13.68 -33.85 -6.78
C ILE A 264 14.85 -34.16 -5.85
N GLU A 265 15.31 -35.42 -5.87
CA GLU A 265 16.49 -35.78 -5.09
C GLU A 265 17.73 -35.05 -5.59
N GLN A 266 17.82 -34.87 -6.92
CA GLN A 266 18.94 -34.11 -7.48
C GLN A 266 19.00 -32.71 -6.91
N LEU A 267 17.84 -32.05 -6.81
CA LEU A 267 17.77 -30.78 -6.10
C LEU A 267 18.15 -30.95 -4.64
N THR A 268 17.68 -32.03 -4.01
CA THR A 268 17.95 -32.29 -2.61
C THR A 268 19.42 -32.61 -2.34
N LYS A 269 20.21 -32.86 -3.39
CA LYS A 269 21.61 -33.21 -3.19
C LYS A 269 22.34 -32.12 -2.44
N ILE A 270 22.75 -32.42 -1.21
CA ILE A 270 23.39 -31.46 -0.32
C ILE A 270 24.62 -32.12 0.30
N GLU A 271 25.73 -31.39 0.29
CA GLU A 271 26.92 -31.88 0.96
C GLU A 271 26.65 -32.02 2.46
N PRO A 272 27.03 -33.13 3.08
CA PRO A 272 26.73 -33.30 4.51
C PRO A 272 27.51 -32.32 5.37
N GLY A 273 26.93 -32.01 6.53
CA GLY A 273 27.57 -31.15 7.49
C GLY A 273 27.43 -29.66 7.25
N GLU A 274 26.66 -29.26 6.24
CA GLU A 274 26.46 -27.84 6.01
C GLU A 274 25.65 -27.22 7.15
N LEU A 275 25.90 -25.94 7.40
CA LEU A 275 25.17 -25.23 8.44
C LEU A 275 23.72 -25.04 8.04
N TYR A 276 22.82 -25.26 8.99
CA TYR A 276 21.39 -25.12 8.75
C TYR A 276 21.08 -23.66 8.46
N ASN A 277 20.59 -23.38 7.25
CA ASN A 277 20.30 -22.02 6.82
C ASN A 277 18.84 -21.92 6.40
N GLY A 278 18.14 -20.90 6.93
CA GLY A 278 16.75 -20.71 6.57
C GLY A 278 16.58 -20.33 5.10
N THR A 279 17.47 -19.48 4.59
CA THR A 279 17.40 -19.12 3.18
C THR A 279 17.61 -20.32 2.26
N LYS A 280 18.51 -21.23 2.64
CA LYS A 280 18.71 -22.43 1.85
C LYS A 280 17.44 -23.26 1.78
N VAL A 281 16.78 -23.44 2.92
CA VAL A 281 15.55 -24.22 2.96
C VAL A 281 14.47 -23.55 2.12
N THR A 282 14.35 -22.22 2.25
CA THR A 282 13.34 -21.51 1.46
C THR A 282 13.60 -21.63 -0.03
N LYS A 283 14.88 -21.51 -0.42
CA LYS A 283 15.24 -21.66 -1.84
C LYS A 283 14.90 -23.05 -2.34
N MET A 284 15.20 -24.08 -1.55
CA MET A 284 14.87 -25.44 -1.95
C MET A 284 13.38 -25.62 -2.11
N GLU A 285 12.59 -25.11 -1.16
CA GLU A 285 11.15 -25.24 -1.26
C GLU A 285 10.60 -24.52 -2.49
N ASP A 286 11.11 -23.32 -2.77
CA ASP A 286 10.67 -22.60 -3.95
C ASP A 286 11.02 -23.35 -5.23
N ASP A 287 12.23 -23.92 -5.28
CA ASP A 287 12.63 -24.67 -6.46
C ASP A 287 11.76 -25.90 -6.66
N ILE A 288 11.46 -26.61 -5.57
CA ILE A 288 10.57 -27.76 -5.67
C ILE A 288 9.19 -27.32 -6.16
N LYS A 289 8.69 -26.21 -5.65
CA LYS A 289 7.36 -25.75 -6.04
C LYS A 289 7.31 -25.41 -7.52
N LYS A 290 8.33 -24.70 -8.02
CA LYS A 290 8.31 -24.36 -9.44
C LYS A 290 8.53 -25.59 -10.31
N LEU A 291 9.33 -26.56 -9.84
CA LEU A 291 9.51 -27.79 -10.59
C LEU A 291 8.19 -28.55 -10.70
N LEU A 292 7.44 -28.63 -9.60
CA LEU A 292 6.14 -29.28 -9.64
C LEU A 292 5.16 -28.54 -10.54
N GLY A 293 5.17 -27.20 -10.48
CA GLY A 293 4.31 -26.42 -11.36
C GLY A 293 4.65 -26.61 -12.82
N ARG A 294 5.93 -26.87 -13.13
CA ARG A 294 6.33 -27.10 -14.51
C ARG A 294 5.66 -28.33 -15.11
N TYR A 295 5.25 -29.28 -14.28
CA TYR A 295 4.68 -30.54 -14.77
C TYR A 295 3.17 -30.58 -14.69
N GLY A 296 2.52 -29.55 -14.18
CA GLY A 296 1.06 -29.51 -14.18
C GLY A 296 0.44 -29.43 -12.80
N TYR A 297 1.25 -29.55 -11.76
CA TYR A 297 0.77 -29.45 -10.38
C TYR A 297 1.10 -28.04 -9.89
N ALA A 298 0.19 -27.11 -10.12
CA ALA A 298 0.41 -25.71 -9.78
C ALA A 298 0.09 -25.39 -8.33
N TYR A 299 -0.47 -26.32 -7.58
CA TYR A 299 -0.84 -26.11 -6.18
C TYR A 299 -0.27 -27.22 -5.32
N PRO A 300 1.04 -27.22 -5.10
CA PRO A 300 1.65 -28.22 -4.23
C PRO A 300 1.66 -27.76 -2.78
N ARG A 301 1.75 -28.74 -1.88
CA ARG A 301 1.80 -28.46 -0.45
C ARG A 301 3.19 -28.85 0.04
N VAL A 302 3.92 -27.89 0.59
CA VAL A 302 5.31 -28.07 0.98
C VAL A 302 5.48 -27.63 2.42
N GLN A 303 6.16 -28.46 3.21
CA GLN A 303 6.54 -28.08 4.57
C GLN A 303 7.86 -28.77 4.91
N SER A 304 8.81 -28.00 5.41
CA SER A 304 10.12 -28.51 5.79
C SER A 304 10.20 -28.52 7.31
N MET A 305 10.42 -29.71 7.88
CA MET A 305 10.45 -29.87 9.32
C MET A 305 11.89 -29.93 9.80
N PRO A 306 12.35 -28.96 10.59
CA PRO A 306 13.72 -28.99 11.11
C PRO A 306 13.88 -29.98 12.26
N GLU A 307 13.73 -31.26 11.94
CA GLU A 307 13.92 -32.31 12.93
C GLU A 307 15.36 -32.27 13.42
N ILE A 308 15.56 -31.91 14.69
CA ILE A 308 16.88 -31.61 15.23
C ILE A 308 17.14 -32.48 16.45
N ASN A 309 18.33 -33.05 16.51
CA ASN A 309 18.84 -33.65 17.73
C ASN A 309 19.56 -32.55 18.51
N ASP A 310 19.17 -32.36 19.76
CA ASP A 310 19.71 -31.29 20.58
C ASP A 310 20.99 -31.69 21.31
N ALA A 311 21.72 -32.69 20.82
CA ALA A 311 22.88 -33.21 21.53
C ALA A 311 24.15 -33.32 20.69
N ASP A 312 24.05 -33.32 19.35
CA ASP A 312 25.24 -33.59 18.55
C ASP A 312 25.38 -32.65 17.35
N LYS A 313 24.79 -31.45 17.40
CA LYS A 313 24.93 -30.46 16.34
C LYS A 313 24.47 -31.01 14.99
N THR A 314 23.32 -31.69 15.00
CA THR A 314 22.79 -32.31 13.79
C THR A 314 21.33 -31.96 13.62
N VAL A 315 20.90 -31.87 12.36
CA VAL A 315 19.50 -31.69 12.01
C VAL A 315 19.17 -32.64 10.86
N LYS A 316 17.98 -33.22 10.90
CA LYS A 316 17.48 -34.11 9.85
C LYS A 316 16.26 -33.46 9.23
N LEU A 317 16.47 -32.59 8.25
CA LEU A 317 15.37 -31.87 7.63
C LEU A 317 14.48 -32.83 6.85
N ARG A 318 13.17 -32.68 7.03
CA ARG A 318 12.17 -33.51 6.38
C ARG A 318 11.36 -32.66 5.43
N VAL A 319 11.16 -33.15 4.21
CA VAL A 319 10.41 -32.44 3.19
C VAL A 319 9.04 -33.11 3.04
N ASN A 320 7.99 -32.32 3.22
CA ASN A 320 6.62 -32.78 3.04
C ASN A 320 6.10 -32.29 1.69
N VAL A 321 5.57 -33.22 0.89
CA VAL A 321 5.09 -32.89 -0.45
C VAL A 321 3.73 -33.54 -0.65
N ASP A 322 2.73 -32.73 -0.98
CA ASP A 322 1.40 -33.20 -1.39
C ASP A 322 1.09 -32.54 -2.72
N ALA A 323 1.38 -33.23 -3.81
CA ALA A 323 1.31 -32.62 -5.14
C ALA A 323 -0.09 -32.14 -5.46
N GLY A 324 -1.04 -33.07 -5.52
CA GLY A 324 -2.39 -32.73 -5.92
C GLY A 324 -2.78 -33.35 -7.24
N ASN A 325 -3.43 -32.59 -8.11
CA ASN A 325 -3.84 -33.06 -9.42
C ASN A 325 -3.15 -32.26 -10.51
N ARG A 326 -3.44 -32.64 -11.75
CA ARG A 326 -2.92 -31.96 -12.93
C ARG A 326 -3.91 -30.87 -13.31
N PHE A 327 -3.48 -29.61 -13.21
CA PHE A 327 -4.38 -28.49 -13.41
C PHE A 327 -4.34 -28.02 -14.85
N TYR A 328 -5.52 -27.91 -15.46
CA TYR A 328 -5.65 -27.59 -16.87
C TYR A 328 -6.35 -26.25 -17.03
N VAL A 329 -5.96 -25.52 -18.08
CA VAL A 329 -6.52 -24.21 -18.37
C VAL A 329 -7.82 -24.39 -19.15
N ARG A 330 -8.90 -23.77 -18.67
CA ARG A 330 -10.19 -23.90 -19.33
C ARG A 330 -10.35 -22.92 -20.48
N LYS A 331 -9.94 -21.68 -20.29
CA LYS A 331 -10.05 -20.66 -21.32
C LYS A 331 -9.07 -19.53 -20.99
N ILE A 332 -8.90 -18.63 -21.93
CA ILE A 332 -8.00 -17.48 -21.78
C ILE A 332 -8.81 -16.21 -21.96
N ARG A 333 -8.66 -15.28 -21.03
CA ARG A 333 -9.41 -14.04 -21.04
C ARG A 333 -8.47 -12.86 -20.81
N PHE A 334 -8.70 -11.79 -21.57
CA PHE A 334 -7.94 -10.55 -21.49
C PHE A 334 -8.86 -9.38 -21.20
N GLU A 335 -8.42 -8.49 -20.33
CA GLU A 335 -9.17 -7.30 -19.96
C GLU A 335 -8.29 -6.08 -20.12
N GLY A 336 -8.88 -4.99 -20.62
CA GLY A 336 -8.17 -3.75 -20.81
C GLY A 336 -7.77 -3.47 -22.25
N ASN A 337 -7.84 -4.45 -23.14
CA ASN A 337 -7.55 -4.23 -24.56
C ASN A 337 -8.72 -3.54 -25.24
N ASP A 338 -9.04 -2.35 -24.75
CA ASP A 338 -10.21 -1.63 -25.21
C ASP A 338 -10.10 -1.23 -26.68
N THR A 339 -8.89 -0.98 -27.17
CA THR A 339 -8.70 -0.55 -28.56
C THR A 339 -7.88 -1.54 -29.38
N SER A 340 -6.87 -2.17 -28.78
CA SER A 340 -6.06 -3.12 -29.51
C SER A 340 -6.86 -4.38 -29.81
N LYS A 341 -6.66 -4.94 -31.01
CA LYS A 341 -7.37 -6.14 -31.41
C LYS A 341 -7.02 -7.28 -30.46
N ASP A 342 -8.00 -8.15 -30.21
CA ASP A 342 -7.75 -9.29 -29.34
C ASP A 342 -6.69 -10.22 -29.92
N ALA A 343 -6.54 -10.24 -31.25
CA ALA A 343 -5.55 -11.09 -31.88
C ALA A 343 -4.13 -10.68 -31.50
N VAL A 344 -3.86 -9.37 -31.43
CA VAL A 344 -2.49 -8.91 -31.23
C VAL A 344 -2.02 -9.22 -29.82
N LEU A 345 -2.86 -9.85 -29.00
CA LEU A 345 -2.42 -10.27 -27.68
C LEU A 345 -2.33 -11.80 -27.57
N ARG A 346 -3.24 -12.52 -28.23
CA ARG A 346 -3.21 -13.98 -28.14
C ARG A 346 -1.93 -14.57 -28.69
N ARG A 347 -1.50 -14.12 -29.87
CA ARG A 347 -0.35 -14.72 -30.53
C ARG A 347 0.95 -14.53 -29.77
N GLU A 348 0.97 -13.65 -28.77
CA GLU A 348 2.15 -13.46 -27.95
C GLU A 348 2.13 -14.29 -26.68
N MET A 349 1.07 -15.08 -26.46
CA MET A 349 1.07 -16.04 -25.37
C MET A 349 2.13 -17.11 -25.60
N ARG A 350 2.47 -17.83 -24.53
CA ARG A 350 3.34 -18.98 -24.66
C ARG A 350 2.68 -20.21 -24.04
N GLN A 351 1.87 -20.00 -23.02
CA GLN A 351 1.10 -21.07 -22.40
C GLN A 351 -0.13 -21.32 -23.27
N MET A 352 -0.08 -22.39 -24.07
CA MET A 352 -1.16 -22.65 -25.01
C MET A 352 -2.43 -23.06 -24.28
N GLU A 353 -3.56 -22.56 -24.78
CA GLU A 353 -4.86 -22.93 -24.22
C GLU A 353 -5.19 -24.38 -24.57
N GLY A 354 -5.84 -25.06 -23.62
CA GLY A 354 -6.28 -26.43 -23.83
C GLY A 354 -5.24 -27.49 -23.56
N ALA A 355 -4.49 -27.33 -22.47
CA ALA A 355 -3.49 -28.31 -22.09
C ALA A 355 -3.19 -28.17 -20.60
N TRP A 356 -2.26 -28.98 -20.12
CA TRP A 356 -1.82 -28.86 -18.74
C TRP A 356 -1.08 -27.54 -18.54
N LEU A 357 -1.26 -26.97 -17.35
CA LEU A 357 -0.73 -25.64 -17.06
C LEU A 357 0.79 -25.64 -17.07
N GLY A 358 1.37 -24.55 -17.57
CA GLY A 358 2.80 -24.34 -17.47
C GLY A 358 3.12 -23.20 -16.51
N SER A 359 3.70 -23.54 -15.36
CA SER A 359 3.99 -22.52 -14.35
C SER A 359 4.98 -21.48 -14.86
N ASP A 360 5.93 -21.89 -15.70
CA ASP A 360 6.86 -20.95 -16.31
C ASP A 360 6.38 -20.45 -17.66
N LEU A 361 5.56 -21.22 -18.38
CA LEU A 361 5.03 -20.73 -19.64
C LEU A 361 4.17 -19.49 -19.45
N VAL A 362 3.36 -19.48 -18.39
CA VAL A 362 2.46 -18.35 -18.15
C VAL A 362 3.26 -17.08 -17.90
N ASP A 363 4.31 -17.15 -17.07
CA ASP A 363 5.06 -15.94 -16.77
C ASP A 363 5.97 -15.52 -17.93
N GLN A 364 6.45 -16.48 -18.72
CA GLN A 364 7.18 -16.13 -19.93
C GLN A 364 6.27 -15.38 -20.90
N GLY A 365 5.05 -15.86 -21.07
CA GLY A 365 4.08 -15.11 -21.87
C GLY A 365 3.80 -13.75 -21.28
N LYS A 366 3.69 -13.67 -19.96
CA LYS A 366 3.40 -12.39 -19.31
C LYS A 366 4.49 -11.37 -19.58
N GLU A 367 5.75 -11.78 -19.47
CA GLU A 367 6.83 -10.84 -19.76
C GLU A 367 6.89 -10.54 -21.25
N ARG A 368 6.52 -11.50 -22.09
CA ARG A 368 6.55 -11.27 -23.53
C ARG A 368 5.54 -10.21 -23.94
N LEU A 369 4.32 -10.27 -23.41
CA LEU A 369 3.34 -9.22 -23.69
C LEU A 369 3.83 -7.87 -23.17
N ASN A 370 4.60 -7.86 -22.10
CA ASN A 370 5.18 -6.61 -21.61
C ASN A 370 6.22 -6.08 -22.58
N ARG A 371 6.86 -6.96 -23.34
CA ARG A 371 7.93 -6.56 -24.24
C ARG A 371 7.43 -6.01 -25.57
N LEU A 372 6.11 -6.00 -25.79
CA LEU A 372 5.60 -5.41 -27.02
C LEU A 372 5.92 -3.92 -27.10
N GLY A 373 5.90 -3.23 -25.98
CA GLY A 373 6.26 -1.83 -25.93
C GLY A 373 5.11 -0.86 -26.03
N PHE A 374 3.88 -1.35 -26.09
CA PHE A 374 2.70 -0.48 -26.09
C PHE A 374 1.71 -0.94 -25.03
N PHE A 375 2.20 -1.22 -23.83
CA PHE A 375 1.34 -1.61 -22.71
C PHE A 375 1.97 -1.13 -21.42
N GLU A 376 1.19 -0.39 -20.62
CA GLU A 376 1.74 0.23 -19.42
C GLU A 376 2.12 -0.82 -18.38
N THR A 377 1.13 -1.55 -17.87
CA THR A 377 1.37 -2.64 -16.93
C THR A 377 0.59 -3.86 -17.37
N VAL A 378 1.24 -5.02 -17.29
CA VAL A 378 0.59 -6.30 -17.58
C VAL A 378 0.74 -7.19 -16.34
N ASP A 379 -0.36 -7.80 -15.93
CA ASP A 379 -0.37 -8.62 -14.73
C ASP A 379 -1.09 -9.94 -14.97
N THR A 380 -0.54 -11.00 -14.40
CA THR A 380 -1.15 -12.32 -14.45
C THR A 380 -2.17 -12.46 -13.33
N ASP A 381 -3.04 -13.45 -13.47
CA ASP A 381 -4.07 -13.69 -12.47
C ASP A 381 -4.57 -15.12 -12.65
N THR A 382 -4.29 -15.97 -11.68
CA THR A 382 -4.70 -17.37 -11.71
C THR A 382 -5.93 -17.55 -10.84
N GLN A 383 -7.00 -18.06 -11.43
CA GLN A 383 -8.24 -18.34 -10.71
C GLN A 383 -8.83 -19.66 -11.23
N ARG A 384 -9.51 -20.37 -10.35
CA ARG A 384 -10.04 -21.69 -10.66
C ARG A 384 -11.56 -21.65 -10.80
N VAL A 385 -12.09 -22.63 -11.51
CA VAL A 385 -13.54 -22.76 -11.65
C VAL A 385 -14.13 -23.18 -10.30
N PRO A 386 -15.32 -22.69 -9.93
CA PRO A 386 -15.96 -23.14 -8.69
C PRO A 386 -16.51 -24.56 -8.73
N GLY A 387 -16.41 -25.25 -9.86
CA GLY A 387 -17.00 -26.56 -9.99
C GLY A 387 -16.00 -27.70 -9.84
N SER A 388 -15.59 -28.28 -10.96
CA SER A 388 -14.69 -29.41 -10.93
C SER A 388 -13.34 -28.99 -10.34
N PRO A 389 -12.60 -29.93 -9.74
CA PRO A 389 -11.46 -29.53 -8.91
C PRO A 389 -10.34 -28.84 -9.67
N ASP A 390 -9.78 -29.47 -10.70
CA ASP A 390 -8.51 -29.05 -11.29
C ASP A 390 -8.74 -28.35 -12.62
N GLN A 391 -9.11 -27.07 -12.54
CA GLN A 391 -9.16 -26.18 -13.69
C GLN A 391 -8.63 -24.83 -13.25
N VAL A 392 -8.27 -24.00 -14.23
CA VAL A 392 -7.73 -22.69 -13.94
C VAL A 392 -8.05 -21.76 -15.10
N ASP A 393 -8.36 -20.51 -14.78
CA ASP A 393 -8.59 -19.46 -15.76
C ASP A 393 -7.48 -18.43 -15.65
N VAL A 394 -6.89 -18.08 -16.80
CA VAL A 394 -5.80 -17.12 -16.85
C VAL A 394 -6.37 -15.81 -17.41
N VAL A 395 -6.24 -14.74 -16.64
CA VAL A 395 -6.79 -13.44 -17.01
C VAL A 395 -5.69 -12.40 -16.85
N TYR A 396 -5.50 -11.59 -17.90
CA TYR A 396 -4.51 -10.52 -17.88
C TYR A 396 -5.22 -9.18 -17.93
N LYS A 397 -4.92 -8.32 -16.98
CA LYS A 397 -5.49 -6.98 -16.91
C LYS A 397 -4.45 -5.98 -17.37
N VAL A 398 -4.38 -5.75 -18.67
CA VAL A 398 -3.42 -4.81 -19.25
C VAL A 398 -4.07 -3.44 -19.30
N LYS A 399 -3.23 -2.42 -19.42
CA LYS A 399 -3.67 -1.03 -19.53
C LYS A 399 -3.01 -0.42 -20.75
N GLU A 400 -3.79 0.32 -21.54
CA GLU A 400 -3.29 0.86 -22.80
C GLU A 400 -2.58 2.19 -22.60
N ARG A 401 -1.43 2.35 -23.26
CA ARG A 401 -0.66 3.57 -23.27
C ARG A 401 -0.47 4.03 -24.70
N ASN A 402 -0.25 5.33 -24.88
CA ASN A 402 -0.14 5.89 -26.21
C ASN A 402 1.08 5.34 -26.93
N THR A 403 0.90 5.02 -28.21
CA THR A 403 1.98 4.45 -29.03
C THR A 403 2.22 5.25 -30.30
N GLY A 404 1.75 6.49 -30.36
CA GLY A 404 1.94 7.33 -31.52
C GLY A 404 2.76 8.57 -31.21
N SER A 405 3.87 8.76 -31.91
CA SER A 405 4.76 9.88 -31.68
C SER A 405 4.51 10.95 -32.74
N PHE A 406 4.22 12.17 -32.29
CA PHE A 406 3.98 13.30 -33.17
C PHE A 406 5.19 14.21 -33.16
N ASN A 407 5.72 14.51 -34.34
CA ASN A 407 6.91 15.34 -34.47
C ASN A 407 6.61 16.52 -35.39
N PHE A 408 7.08 17.70 -35.02
CA PHE A 408 6.86 18.91 -35.79
C PHE A 408 8.05 19.83 -35.64
N GLY A 409 8.22 20.72 -36.63
CA GLY A 409 9.29 21.70 -36.60
C GLY A 409 8.96 22.83 -37.55
N ILE A 410 9.88 23.78 -37.63
CA ILE A 410 9.72 24.95 -38.48
C ILE A 410 10.99 25.13 -39.31
N GLY A 411 10.86 25.81 -40.45
CA GLY A 411 12.02 26.08 -41.27
C GLY A 411 12.98 27.06 -40.61
N TYR A 412 12.55 28.30 -40.42
CA TYR A 412 13.34 29.29 -39.72
C TYR A 412 12.43 30.40 -39.22
N GLY A 413 12.98 31.22 -38.31
CA GLY A 413 12.20 32.30 -37.73
C GLY A 413 11.75 33.32 -38.77
N THR A 414 12.56 33.56 -39.79
CA THR A 414 12.15 34.42 -40.89
C THR A 414 10.94 33.82 -41.60
N GLU A 415 10.06 34.69 -42.08
CA GLU A 415 8.77 34.28 -42.65
C GLU A 415 9.01 33.59 -43.99
N SER A 416 9.43 32.33 -43.92
CA SER A 416 9.63 31.54 -45.13
C SER A 416 8.33 31.28 -45.87
N GLY A 417 7.26 30.99 -45.13
CA GLY A 417 5.98 30.72 -45.74
C GLY A 417 5.75 29.25 -46.04
N VAL A 418 4.65 28.71 -45.49
CA VAL A 418 4.19 27.33 -45.70
C VAL A 418 5.34 26.33 -45.63
N SER A 419 6.34 26.63 -44.81
CA SER A 419 7.51 25.77 -44.63
C SER A 419 7.50 25.18 -43.23
N PHE A 420 7.62 23.86 -43.15
CA PHE A 420 7.53 23.13 -41.88
C PHE A 420 7.96 21.70 -42.12
N GLN A 421 7.96 20.91 -41.04
CA GLN A 421 8.10 19.45 -41.12
C GLN A 421 7.01 18.83 -40.27
N ALA A 422 6.29 17.88 -40.84
CA ALA A 422 5.19 17.21 -40.16
C ALA A 422 5.26 15.71 -40.41
N GLY A 423 4.72 14.95 -39.47
CA GLY A 423 4.70 13.50 -39.62
C GLY A 423 4.26 12.83 -38.35
N VAL A 424 4.32 11.50 -38.36
CA VAL A 424 3.90 10.70 -37.22
C VAL A 424 4.55 9.32 -37.36
N GLN A 425 4.94 8.75 -36.23
CA GLN A 425 5.42 7.37 -36.17
C GLN A 425 4.48 6.58 -35.29
N GLN A 426 3.97 5.47 -35.82
CA GLN A 426 3.00 4.64 -35.12
C GLN A 426 3.47 3.19 -35.12
N ASP A 427 3.42 2.56 -33.96
CA ASP A 427 3.76 1.14 -33.83
C ASP A 427 2.53 0.26 -33.87
N ASN A 428 1.42 0.73 -33.30
CA ASN A 428 0.22 -0.08 -33.20
C ASN A 428 -0.95 0.65 -33.85
N TRP A 429 -0.73 1.11 -35.08
CA TRP A 429 -1.74 1.83 -35.85
C TRP A 429 -3.10 1.14 -35.78
N LEU A 430 -4.07 1.84 -35.19
CA LEU A 430 -5.44 1.36 -35.00
C LEU A 430 -5.49 0.11 -34.13
N GLY A 431 -4.42 -0.20 -33.40
CA GLY A 431 -4.39 -1.40 -32.60
C GLY A 431 -4.35 -2.68 -33.38
N THR A 432 -4.13 -2.60 -34.70
CA THR A 432 -4.07 -3.80 -35.53
C THR A 432 -2.70 -4.47 -35.48
N GLY A 433 -1.68 -3.76 -35.00
CA GLY A 433 -0.34 -4.28 -34.92
C GLY A 433 0.59 -3.80 -36.02
N TYR A 434 0.05 -3.26 -37.10
CA TYR A 434 0.90 -2.76 -38.18
C TYR A 434 1.58 -1.47 -37.75
N ALA A 435 2.86 -1.35 -38.11
CA ALA A 435 3.65 -0.17 -37.78
C ALA A 435 3.76 0.69 -39.03
N VAL A 436 3.29 1.93 -38.93
CA VAL A 436 3.32 2.88 -40.04
C VAL A 436 4.13 4.10 -39.60
N GLY A 437 5.05 4.53 -40.46
CA GLY A 437 5.82 5.73 -40.19
C GLY A 437 5.85 6.65 -41.38
N ILE A 438 5.27 7.83 -41.23
CA ILE A 438 5.22 8.83 -42.29
C ILE A 438 5.64 10.17 -41.72
N ASN A 439 6.51 10.87 -42.45
CA ASN A 439 6.91 12.22 -42.08
C ASN A 439 7.50 12.90 -43.29
N GLY A 440 7.30 14.22 -43.37
CA GLY A 440 7.78 14.99 -44.50
C GLY A 440 8.05 16.43 -44.15
N THR A 441 8.89 17.09 -44.94
CA THR A 441 9.22 18.48 -44.71
C THR A 441 9.20 19.26 -46.03
N LYS A 442 8.88 20.54 -45.93
CA LYS A 442 8.93 21.46 -47.05
C LYS A 442 9.66 22.72 -46.60
N ASN A 443 10.58 23.18 -47.43
CA ASN A 443 11.36 24.36 -47.10
C ASN A 443 11.97 24.92 -48.37
N ASP A 444 12.31 26.21 -48.33
CA ASP A 444 13.00 26.83 -49.46
C ASP A 444 14.42 26.31 -49.63
N TYR A 445 14.95 25.58 -48.64
CA TYR A 445 16.25 24.95 -48.75
C TYR A 445 16.17 23.46 -49.06
N GLN A 446 15.08 22.80 -48.68
CA GLN A 446 15.00 21.35 -48.75
C GLN A 446 13.55 20.90 -48.72
N THR A 447 13.28 19.73 -49.29
CA THR A 447 11.98 19.09 -49.21
C THR A 447 12.18 17.58 -49.24
N TYR A 448 11.75 16.90 -48.17
CA TYR A 448 11.97 15.47 -48.04
C TYR A 448 10.79 14.85 -47.30
N ALA A 449 10.30 13.72 -47.82
CA ALA A 449 9.22 12.98 -47.19
C ALA A 449 9.43 11.49 -47.43
N GLU A 450 9.08 10.68 -46.43
CA GLU A 450 9.24 9.23 -46.52
C GLU A 450 8.07 8.56 -45.83
N LEU A 451 7.84 7.29 -46.20
CA LEU A 451 6.80 6.48 -45.61
C LEU A 451 7.34 5.07 -45.37
N SER A 452 6.83 4.42 -44.32
CA SER A 452 7.31 3.10 -43.93
C SER A 452 6.14 2.28 -43.38
N VAL A 453 6.06 1.02 -43.80
CA VAL A 453 5.02 0.10 -43.35
C VAL A 453 5.70 -1.19 -42.91
N THR A 454 5.29 -1.71 -41.75
CA THR A 454 5.86 -2.93 -41.19
C THR A 454 4.76 -3.82 -40.64
N ASN A 455 4.83 -5.11 -40.96
CA ASN A 455 3.89 -6.09 -40.43
C ASN A 455 4.68 -7.10 -39.59
N PRO A 456 4.48 -7.16 -38.28
CA PRO A 456 5.23 -8.13 -37.47
C PRO A 456 4.80 -9.57 -37.71
N TYR A 457 3.54 -9.79 -38.08
CA TYR A 457 2.96 -11.13 -38.20
C TYR A 457 2.22 -11.29 -39.52
N PHE A 458 2.91 -10.98 -40.62
CA PHE A 458 2.43 -11.30 -41.96
C PHE A 458 1.82 -12.69 -42.00
N THR A 459 2.47 -13.65 -41.35
CA THR A 459 1.88 -14.94 -41.02
C THR A 459 1.94 -15.12 -39.52
N VAL A 460 1.05 -15.95 -38.98
CA VAL A 460 1.07 -16.15 -37.53
C VAL A 460 2.05 -17.27 -37.23
N ASP A 461 3.34 -16.94 -37.32
CA ASP A 461 4.43 -17.79 -36.88
C ASP A 461 5.56 -17.04 -36.22
N GLY A 462 5.71 -15.75 -36.48
CA GLY A 462 6.88 -14.99 -36.07
C GLY A 462 7.47 -14.24 -37.24
N VAL A 463 7.08 -14.62 -38.46
CA VAL A 463 7.61 -14.00 -39.66
C VAL A 463 7.08 -12.58 -39.78
N SER A 464 7.98 -11.64 -39.97
CA SER A 464 7.64 -10.22 -40.10
C SER A 464 7.86 -9.74 -41.52
N LEU A 465 7.23 -8.62 -41.86
CA LEU A 465 7.43 -7.98 -43.14
C LEU A 465 7.50 -6.48 -42.93
N GLY A 466 8.35 -5.81 -43.70
CA GLY A 466 8.49 -4.37 -43.59
C GLY A 466 8.88 -3.76 -44.91
N GLY A 467 8.43 -2.52 -45.13
CA GLY A 467 8.75 -1.79 -46.34
C GLY A 467 8.84 -0.31 -46.06
N ARG A 468 9.60 0.38 -46.91
CA ARG A 468 9.84 1.80 -46.72
C ARG A 468 10.03 2.47 -48.07
N LEU A 469 9.49 3.68 -48.20
CA LEU A 469 9.62 4.50 -49.39
C LEU A 469 10.09 5.89 -49.00
N PHE A 470 10.70 6.59 -49.95
CA PHE A 470 11.19 7.94 -49.70
C PHE A 470 11.38 8.64 -51.05
N TYR A 471 11.45 9.96 -50.99
CA TYR A 471 11.56 10.80 -52.18
C TYR A 471 12.20 12.12 -51.77
N ASN A 472 13.35 12.44 -52.35
CA ASN A 472 14.18 13.56 -51.89
C ASN A 472 14.64 14.41 -53.06
N ASP A 473 13.70 14.81 -53.93
CA ASP A 473 14.02 15.72 -55.03
C ASP A 473 13.61 17.13 -54.64
N PHE A 474 14.54 17.82 -53.98
CA PHE A 474 14.33 19.21 -53.59
C PHE A 474 15.02 20.20 -54.52
N GLN A 475 16.09 19.76 -55.20
CA GLN A 475 16.79 20.54 -56.23
C GLN A 475 17.06 21.98 -55.80
N ALA A 476 17.38 22.17 -54.51
CA ALA A 476 17.77 23.48 -53.98
C ALA A 476 16.69 24.53 -54.23
N ASP A 477 15.56 24.32 -53.55
CA ASP A 477 14.34 25.10 -53.80
C ASP A 477 14.58 26.60 -53.89
N ASP A 478 15.64 27.10 -53.27
CA ASP A 478 16.00 28.51 -53.44
C ASP A 478 16.35 28.81 -54.90
N ALA A 479 17.22 28.00 -55.50
CA ALA A 479 17.63 28.18 -56.87
C ALA A 479 18.29 26.90 -57.37
N ASP A 480 17.85 26.42 -58.52
CA ASP A 480 18.40 25.20 -59.11
C ASP A 480 19.62 25.46 -59.97
N LEU A 481 20.00 26.72 -60.16
CA LEU A 481 21.13 27.09 -61.01
C LEU A 481 22.35 27.37 -60.15
N SER A 482 23.45 26.67 -60.44
CA SER A 482 24.73 26.87 -59.74
C SER A 482 24.57 26.71 -58.23
N ASP A 483 23.83 25.70 -57.81
CA ASP A 483 23.59 25.45 -56.40
C ASP A 483 23.66 23.95 -56.13
N TYR A 484 23.68 23.61 -54.84
CA TYR A 484 23.91 22.24 -54.40
C TYR A 484 22.63 21.43 -54.59
N THR A 485 22.55 20.72 -55.71
CA THR A 485 21.34 20.00 -56.12
C THR A 485 21.50 18.51 -55.84
N ASN A 486 20.43 17.90 -55.33
CA ASN A 486 20.43 16.47 -55.03
C ASN A 486 19.06 15.91 -55.35
N LYS A 487 19.03 14.86 -56.18
CA LYS A 487 17.81 14.13 -56.49
C LYS A 487 18.06 12.65 -56.23
N SER A 488 17.26 12.05 -55.35
CA SER A 488 17.41 10.65 -55.03
C SER A 488 16.12 10.11 -54.44
N TYR A 489 15.84 8.84 -54.72
CA TYR A 489 14.69 8.14 -54.18
C TYR A 489 14.87 6.66 -54.47
N GLY A 490 14.12 5.84 -53.74
CA GLY A 490 14.21 4.40 -53.93
C GLY A 490 13.16 3.68 -53.10
N THR A 491 13.16 2.35 -53.26
CA THR A 491 12.19 1.49 -52.60
C THR A 491 12.92 0.41 -51.83
N ASP A 492 12.44 0.12 -50.62
CA ASP A 492 13.03 -0.93 -49.79
C ASP A 492 11.92 -1.83 -49.25
N VAL A 493 12.13 -3.13 -49.36
CA VAL A 493 11.21 -4.14 -48.84
C VAL A 493 12.02 -5.19 -48.09
N THR A 494 11.60 -5.51 -46.87
CA THR A 494 12.35 -6.43 -46.03
C THR A 494 11.39 -7.35 -45.28
N LEU A 495 11.95 -8.46 -44.80
CA LEU A 495 11.19 -9.41 -44.01
C LEU A 495 12.14 -10.09 -43.03
N GLY A 496 11.58 -10.61 -41.94
CA GLY A 496 12.39 -11.25 -40.93
C GLY A 496 11.59 -12.31 -40.19
N PHE A 497 12.32 -13.30 -39.68
CA PHE A 497 11.73 -14.42 -38.96
C PHE A 497 12.59 -14.76 -37.75
N PRO A 498 11.99 -15.31 -36.70
CA PRO A 498 12.77 -15.62 -35.50
C PRO A 498 13.50 -16.95 -35.61
N ILE A 499 14.63 -17.02 -34.93
CA ILE A 499 15.41 -18.24 -34.83
C ILE A 499 15.04 -19.04 -33.58
N ASN A 500 14.90 -18.35 -32.46
CA ASN A 500 14.41 -18.93 -31.21
C ASN A 500 13.66 -17.84 -30.47
N GLU A 501 13.45 -18.04 -29.17
CA GLU A 501 12.65 -17.09 -28.41
C GLU A 501 13.26 -15.69 -28.39
N TYR A 502 14.60 -15.60 -28.43
CA TYR A 502 15.26 -14.33 -28.21
C TYR A 502 16.00 -13.78 -29.42
N ASN A 503 16.05 -14.52 -30.54
CA ASN A 503 16.84 -14.09 -31.67
C ASN A 503 16.01 -14.11 -32.94
N SER A 504 16.04 -13.00 -33.65
CA SER A 504 15.34 -12.88 -34.92
C SER A 504 16.19 -12.04 -35.87
N LEU A 505 16.39 -12.56 -37.08
CA LEU A 505 17.13 -11.85 -38.11
C LEU A 505 16.17 -11.35 -39.18
N ARG A 506 16.65 -10.46 -40.03
CA ARG A 506 15.85 -9.87 -41.09
C ARG A 506 16.61 -9.91 -42.40
N ALA A 507 15.85 -9.84 -43.50
CA ALA A 507 16.43 -9.84 -44.84
C ALA A 507 15.48 -9.11 -45.78
N GLY A 508 16.01 -8.70 -46.92
CA GLY A 508 15.20 -7.97 -47.88
C GLY A 508 16.01 -7.54 -49.08
N LEU A 509 15.49 -6.55 -49.79
CA LEU A 509 16.11 -6.07 -51.02
C LEU A 509 15.62 -4.66 -51.30
N GLY A 510 16.24 -4.04 -52.30
CA GLY A 510 15.85 -2.70 -52.72
C GLY A 510 16.88 -2.12 -53.65
N TYR A 511 16.53 -0.96 -54.21
CA TYR A 511 17.43 -0.24 -55.10
C TYR A 511 17.14 1.25 -55.01
N VAL A 512 18.21 2.05 -54.98
CA VAL A 512 18.11 3.50 -54.90
C VAL A 512 19.13 4.12 -55.84
N HIS A 513 18.74 5.18 -56.53
CA HIS A 513 19.66 5.95 -57.35
C HIS A 513 19.72 7.37 -56.80
N ASN A 514 20.83 8.06 -57.11
CA ASN A 514 21.03 9.43 -56.66
C ASN A 514 21.52 10.28 -57.82
N SER A 515 20.90 11.44 -58.01
CA SER A 515 21.32 12.42 -58.99
C SER A 515 21.69 13.71 -58.27
N LEU A 516 22.92 14.18 -58.47
CA LEU A 516 23.43 15.35 -57.78
C LEU A 516 24.18 16.23 -58.77
N SER A 517 23.99 17.55 -58.64
CA SER A 517 24.52 18.50 -59.61
C SER A 517 25.13 19.69 -58.89
N ASN A 518 26.20 20.22 -59.46
CA ASN A 518 26.84 21.46 -59.00
C ASN A 518 27.27 21.33 -57.54
N MET A 519 28.21 20.41 -57.31
CA MET A 519 28.69 20.12 -55.95
C MET A 519 29.86 21.03 -55.61
N GLN A 520 29.88 21.48 -54.35
CA GLN A 520 31.01 22.24 -53.85
C GLN A 520 32.28 21.38 -53.97
N PRO A 521 33.38 21.97 -54.43
CA PRO A 521 34.63 21.18 -54.60
C PRO A 521 35.34 20.98 -53.27
N GLN A 522 35.52 19.72 -52.89
CA GLN A 522 36.30 19.38 -51.71
C GLN A 522 36.99 18.03 -51.94
N VAL A 523 38.06 17.81 -51.17
CA VAL A 523 39.01 16.75 -51.47
C VAL A 523 38.34 15.37 -51.40
N ALA A 524 37.48 15.15 -50.42
CA ALA A 524 36.93 13.82 -50.19
C ALA A 524 36.10 13.36 -51.39
N MET A 525 35.15 14.20 -51.83
CA MET A 525 34.30 13.80 -52.93
C MET A 525 35.07 13.73 -54.24
N TRP A 526 36.08 14.58 -54.42
CA TRP A 526 36.94 14.46 -55.59
C TRP A 526 37.68 13.12 -55.58
N ARG A 527 38.20 12.71 -54.43
CA ARG A 527 38.87 11.43 -54.33
C ARG A 527 37.91 10.29 -54.64
N TYR A 528 36.68 10.39 -54.13
CA TYR A 528 35.70 9.35 -54.45
C TYR A 528 35.41 9.30 -55.95
N LEU A 529 35.28 10.46 -56.59
CA LEU A 529 35.05 10.48 -58.03
C LEU A 529 36.22 9.92 -58.80
N TYR A 530 37.45 10.23 -58.38
CA TYR A 530 38.62 9.67 -59.04
C TYR A 530 38.64 8.15 -58.89
N SER A 531 38.23 7.65 -57.72
CA SER A 531 38.07 6.20 -57.56
C SER A 531 36.99 5.68 -58.49
N MET A 532 35.94 6.47 -58.73
CA MET A 532 34.92 6.10 -59.70
C MET A 532 35.44 6.12 -61.12
N GLY A 533 36.63 6.67 -61.34
CA GLY A 533 37.18 6.80 -62.67
C GLY A 533 36.85 8.09 -63.39
N GLU A 534 36.37 9.10 -62.68
CA GLU A 534 36.01 10.39 -63.27
C GLU A 534 36.97 11.44 -62.76
N HIS A 535 37.33 12.38 -63.64
CA HIS A 535 38.27 13.45 -63.33
C HIS A 535 37.68 14.80 -63.72
N PRO A 536 36.72 15.30 -62.94
CA PRO A 536 36.10 16.59 -63.24
C PRO A 536 37.05 17.74 -62.90
N SER A 537 36.57 18.95 -63.12
CA SER A 537 37.36 20.15 -62.89
C SER A 537 37.39 20.48 -61.39
N THR A 538 38.10 21.55 -61.05
CA THR A 538 38.35 21.90 -59.66
C THR A 538 37.76 23.25 -59.26
N SER A 539 38.06 24.32 -60.01
CA SER A 539 37.63 25.65 -59.59
C SER A 539 36.13 25.81 -59.70
N ASP A 540 35.54 25.42 -60.82
CA ASP A 540 34.11 25.56 -61.01
C ASP A 540 33.36 24.38 -60.40
N GLN A 541 32.12 24.65 -60.00
CA GLN A 541 31.27 23.64 -59.37
C GLN A 541 30.01 23.50 -60.22
N ASP A 542 30.09 22.64 -61.24
CA ASP A 542 28.98 22.45 -62.16
C ASP A 542 28.76 21.00 -62.56
N ASN A 543 29.51 20.06 -62.00
CA ASN A 543 29.42 18.67 -62.42
C ASN A 543 28.12 18.03 -61.93
N SER A 544 27.56 17.16 -62.76
CA SER A 544 26.33 16.44 -62.44
C SER A 544 26.54 14.97 -62.77
N PHE A 545 26.29 14.10 -61.79
CA PHE A 545 26.48 12.67 -61.95
C PHE A 545 25.29 11.92 -61.37
N LYS A 546 24.93 10.82 -62.03
CA LYS A 546 23.84 9.95 -61.59
C LYS A 546 24.39 8.56 -61.36
N THR A 547 24.11 7.99 -60.19
CA THR A 547 24.52 6.65 -59.84
C THR A 547 23.29 5.85 -59.41
N ASP A 548 23.14 4.65 -59.98
CA ASP A 548 22.02 3.78 -59.66
C ASP A 548 22.55 2.57 -58.91
N ASP A 549 22.12 2.40 -57.67
CA ASP A 549 22.62 1.36 -56.79
C ASP A 549 21.55 0.31 -56.55
N PHE A 550 21.91 -0.95 -56.78
CA PHE A 550 21.10 -2.11 -56.41
C PHE A 550 21.89 -2.86 -55.34
N THR A 551 21.27 -3.04 -54.18
CA THR A 551 21.99 -3.53 -53.02
C THR A 551 21.06 -4.35 -52.12
N PHE A 552 21.67 -5.22 -51.32
CA PHE A 552 20.97 -6.19 -50.51
C PHE A 552 21.24 -5.93 -49.03
N ASN A 553 20.21 -6.05 -48.20
CA ASN A 553 20.32 -5.80 -46.77
C ASN A 553 20.06 -7.07 -45.97
N TYR A 554 20.46 -7.01 -44.71
CA TYR A 554 20.22 -8.08 -43.75
C TYR A 554 20.60 -7.56 -42.37
N GLY A 555 20.00 -8.16 -41.34
CA GLY A 555 20.26 -7.74 -39.99
C GLY A 555 19.87 -8.80 -38.99
N TRP A 556 20.46 -8.70 -37.81
CA TRP A 556 20.23 -9.64 -36.72
C TRP A 556 19.87 -8.87 -35.47
N THR A 557 19.03 -9.47 -34.63
CA THR A 557 18.55 -8.79 -33.43
C THR A 557 18.31 -9.80 -32.33
N TYR A 558 18.91 -9.55 -31.17
CA TYR A 558 18.64 -10.29 -29.94
C TYR A 558 18.08 -9.32 -28.92
N ASN A 559 16.95 -9.68 -28.31
CA ASN A 559 16.25 -8.74 -27.43
C ASN A 559 15.59 -9.53 -26.31
N LYS A 560 16.14 -9.42 -25.10
CA LYS A 560 15.45 -9.79 -23.88
C LYS A 560 15.37 -8.52 -23.05
N LEU A 561 14.17 -8.19 -22.58
CA LEU A 561 13.96 -6.89 -21.98
C LEU A 561 12.64 -6.90 -21.21
N ASP A 562 12.69 -6.48 -19.95
CA ASP A 562 11.49 -6.52 -19.12
C ASP A 562 10.41 -5.56 -19.58
N ARG A 563 10.78 -4.36 -20.02
CA ARG A 563 9.81 -3.35 -20.43
C ARG A 563 10.16 -2.84 -21.82
N GLY A 564 9.13 -2.44 -22.56
CA GLY A 564 9.29 -1.87 -23.87
C GLY A 564 9.42 -0.37 -23.90
N TYR A 565 9.54 0.27 -22.74
CA TYR A 565 9.59 1.73 -22.66
C TYR A 565 10.41 2.10 -21.43
N PHE A 566 11.62 2.63 -21.67
CA PHE A 566 12.67 2.86 -20.68
C PHE A 566 12.69 1.74 -19.65
N PRO A 567 13.14 0.56 -20.04
CA PRO A 567 13.05 -0.60 -19.15
C PRO A 567 13.97 -0.52 -17.96
N THR A 568 13.98 -1.57 -17.13
CA THR A 568 14.85 -1.63 -15.96
C THR A 568 15.79 -2.83 -15.93
N ASP A 569 15.68 -3.75 -16.88
CA ASP A 569 16.56 -4.91 -16.87
C ASP A 569 16.61 -5.50 -18.27
N GLY A 570 17.77 -6.04 -18.63
CA GLY A 570 17.97 -6.72 -19.89
C GLY A 570 18.94 -5.96 -20.78
N SER A 571 19.01 -6.40 -22.03
CA SER A 571 19.88 -5.78 -23.02
C SER A 571 19.35 -6.11 -24.40
N ARG A 572 19.96 -5.49 -25.41
CA ARG A 572 19.52 -5.69 -26.78
C ARG A 572 20.66 -5.36 -27.73
N VAL A 573 20.72 -6.09 -28.84
CA VAL A 573 21.67 -5.83 -29.90
C VAL A 573 20.89 -5.66 -31.20
N ASN A 574 21.34 -4.74 -32.05
CA ASN A 574 20.66 -4.41 -33.30
C ASN A 574 21.72 -4.33 -34.40
N LEU A 575 22.01 -5.46 -35.03
CA LEU A 575 22.93 -5.50 -36.15
C LEU A 575 22.18 -5.39 -37.47
N THR A 576 22.83 -4.76 -38.45
CA THR A 576 22.29 -4.64 -39.79
C THR A 576 23.45 -4.66 -40.78
N GLY A 577 23.39 -5.57 -41.73
CA GLY A 577 24.43 -5.70 -42.75
C GLY A 577 23.89 -5.28 -44.11
N LYS A 578 24.66 -4.47 -44.81
CA LYS A 578 24.27 -3.94 -46.12
C LYS A 578 25.36 -4.29 -47.13
N VAL A 579 24.98 -5.03 -48.17
CA VAL A 579 25.94 -5.53 -49.16
C VAL A 579 25.38 -5.27 -50.55
N THR A 580 26.25 -4.83 -51.46
CA THR A 580 25.86 -4.58 -52.84
C THR A 580 25.89 -5.86 -53.66
N ILE A 581 25.27 -5.80 -54.84
CA ILE A 581 25.19 -6.95 -55.73
C ILE A 581 25.80 -6.58 -57.09
N PRO A 582 26.22 -7.55 -57.89
CA PRO A 582 26.78 -7.22 -59.21
C PRO A 582 25.76 -6.50 -60.08
N GLY A 583 26.26 -5.61 -60.93
CA GLY A 583 25.43 -4.75 -61.72
C GLY A 583 25.15 -3.40 -61.09
N SER A 584 25.37 -3.25 -59.80
CA SER A 584 25.20 -1.96 -59.13
C SER A 584 26.33 -1.01 -59.50
N ASP A 585 26.00 0.28 -59.52
CA ASP A 585 27.01 1.28 -59.84
C ASP A 585 28.12 1.30 -58.79
N ASN A 586 27.76 1.18 -57.52
CA ASN A 586 28.71 1.21 -56.42
C ASN A 586 28.79 -0.16 -55.78
N GLU A 587 30.01 -0.66 -55.60
CA GLU A 587 30.25 -1.94 -54.95
C GLU A 587 30.85 -1.66 -53.58
N TYR A 588 30.13 -2.05 -52.53
CA TYR A 588 30.53 -1.74 -51.17
C TYR A 588 29.79 -2.66 -50.21
N TYR A 589 30.19 -2.59 -48.94
CA TYR A 589 29.50 -3.29 -47.87
C TYR A 589 29.50 -2.40 -46.64
N LYS A 590 28.36 -2.36 -45.94
CA LYS A 590 28.21 -1.56 -44.73
C LYS A 590 27.51 -2.38 -43.66
N VAL A 591 27.95 -2.21 -42.42
CA VAL A 591 27.35 -2.88 -41.27
C VAL A 591 27.17 -1.85 -40.17
N THR A 592 26.23 -2.13 -39.26
CA THR A 592 25.95 -1.23 -38.15
C THR A 592 25.66 -2.05 -36.90
N LEU A 593 26.42 -1.78 -35.83
CA LEU A 593 26.24 -2.44 -34.55
C LEU A 593 25.66 -1.43 -33.57
N ASP A 594 24.52 -1.76 -32.98
CA ASP A 594 23.90 -0.95 -31.95
C ASP A 594 23.53 -1.85 -30.78
N THR A 595 23.81 -1.38 -29.56
CA THR A 595 23.58 -2.20 -28.38
C THR A 595 23.36 -1.31 -27.17
N ALA A 596 22.21 -1.46 -26.53
CA ALA A 596 21.90 -0.78 -25.27
C ALA A 596 21.80 -1.83 -24.18
N THR A 597 22.54 -1.62 -23.09
CA THR A 597 22.60 -2.58 -22.00
C THR A 597 22.07 -1.95 -20.72
N TYR A 598 21.23 -2.69 -20.01
CA TYR A 598 20.67 -2.25 -18.74
C TYR A 598 21.13 -3.18 -17.63
N VAL A 599 21.28 -2.65 -16.43
CA VAL A 599 21.56 -3.47 -15.26
C VAL A 599 20.89 -2.86 -14.04
N PRO A 600 20.12 -3.62 -13.28
CA PRO A 600 19.50 -3.06 -12.07
C PRO A 600 20.38 -3.29 -10.85
N ILE A 601 20.47 -2.31 -9.96
CA ILE A 601 21.31 -2.43 -8.77
C ILE A 601 20.50 -2.68 -7.50
N ASP A 602 19.21 -2.38 -7.49
CA ASP A 602 18.38 -2.56 -6.31
C ASP A 602 17.28 -3.56 -6.60
N ASP A 603 16.72 -4.13 -5.54
CA ASP A 603 15.65 -5.12 -5.69
C ASP A 603 14.45 -4.47 -6.37
N ASP A 604 14.09 -3.25 -5.98
CA ASP A 604 12.98 -2.55 -6.60
C ASP A 604 13.24 -2.24 -8.07
N HIS A 605 14.49 -2.36 -8.52
CA HIS A 605 14.87 -2.13 -9.92
C HIS A 605 14.53 -0.70 -10.35
N LYS A 606 14.84 0.25 -9.49
CA LYS A 606 14.66 1.66 -9.78
C LYS A 606 15.94 2.38 -10.16
N TRP A 607 17.08 1.95 -9.64
CA TRP A 607 18.38 2.51 -10.00
C TRP A 607 19.04 1.58 -11.02
N VAL A 608 19.19 2.07 -12.25
CA VAL A 608 19.69 1.25 -13.35
C VAL A 608 20.81 2.01 -14.05
N VAL A 609 21.86 1.29 -14.40
CA VAL A 609 22.97 1.84 -15.19
C VAL A 609 22.77 1.42 -16.63
N LEU A 610 22.59 2.40 -17.51
CA LEU A 610 22.34 2.15 -18.92
C LEU A 610 23.66 2.16 -19.68
N GLY A 611 23.93 1.08 -20.41
CA GLY A 611 25.11 1.01 -21.24
C GLY A 611 24.77 1.04 -22.72
N ARG A 612 25.06 2.16 -23.38
CA ARG A 612 24.75 2.35 -24.79
C ARG A 612 26.05 2.36 -25.58
N THR A 613 26.24 1.34 -26.42
CA THR A 613 27.39 1.27 -27.30
C THR A 613 26.90 1.07 -28.73
N ARG A 614 27.56 1.76 -29.67
CA ARG A 614 27.18 1.68 -31.07
C ARG A 614 28.43 1.83 -31.91
N TRP A 615 28.76 0.79 -32.66
CA TRP A 615 29.92 0.77 -33.54
C TRP A 615 29.45 0.57 -34.98
N GLY A 616 29.97 1.41 -35.88
CA GLY A 616 29.60 1.30 -37.28
C GLY A 616 30.80 1.40 -38.19
N TYR A 617 30.99 0.39 -39.03
CA TYR A 617 32.12 0.35 -39.96
C TYR A 617 31.61 0.07 -41.35
N GLY A 618 32.26 0.66 -42.34
CA GLY A 618 31.91 0.43 -43.73
C GLY A 618 33.13 0.56 -44.60
N ASP A 619 33.11 -0.13 -45.74
CA ASP A 619 34.21 -0.08 -46.68
C ASP A 619 33.72 -0.49 -48.05
N GLY A 620 34.46 -0.08 -49.08
CA GLY A 620 34.11 -0.40 -50.44
C GLY A 620 34.69 -1.73 -50.91
N LEU A 621 34.21 -2.17 -52.06
CA LEU A 621 34.62 -3.44 -52.63
C LEU A 621 35.14 -3.23 -54.05
N GLY A 622 36.20 -3.96 -54.39
CA GLY A 622 36.79 -3.85 -55.72
C GLY A 622 37.35 -2.49 -56.04
N GLY A 623 37.88 -1.79 -55.03
CA GLY A 623 38.47 -0.48 -55.24
C GLY A 623 37.49 0.66 -55.30
N LYS A 624 36.19 0.40 -55.17
CA LYS A 624 35.16 1.43 -55.23
C LYS A 624 34.69 1.72 -53.80
N GLU A 625 35.02 2.90 -53.30
CA GLU A 625 34.81 3.25 -51.90
C GLU A 625 33.32 3.56 -51.65
N MET A 626 33.02 3.78 -50.37
CA MET A 626 31.66 4.16 -49.98
C MET A 626 31.25 5.46 -50.66
N PRO A 627 30.03 5.53 -51.20
CA PRO A 627 29.51 6.81 -51.67
C PRO A 627 29.43 7.81 -50.53
N PHE A 628 29.63 9.08 -50.86
CA PHE A 628 29.76 10.11 -49.82
C PHE A 628 28.49 10.25 -49.00
N TYR A 629 27.32 10.05 -49.60
CA TYR A 629 26.07 10.28 -48.90
C TYR A 629 25.77 9.20 -47.86
N GLU A 630 26.53 8.11 -47.84
CA GLU A 630 26.33 7.04 -46.88
C GLU A 630 27.30 7.13 -45.70
N ASN A 631 27.95 8.28 -45.52
CA ASN A 631 28.87 8.46 -44.41
C ASN A 631 28.13 8.51 -43.09
N PHE A 632 28.83 8.18 -42.01
CA PHE A 632 28.26 8.29 -40.69
C PHE A 632 28.43 9.70 -40.14
N TYR A 633 27.77 9.96 -39.02
CA TYR A 633 27.84 11.24 -38.34
C TYR A 633 27.82 10.99 -36.83
N ALA A 634 27.69 12.05 -36.05
CA ALA A 634 27.60 11.95 -34.61
C ALA A 634 27.02 13.26 -34.07
N GLY A 635 27.04 13.40 -32.75
CA GLY A 635 26.57 14.61 -32.11
C GLY A 635 25.06 14.70 -32.08
N GLY A 636 24.57 15.48 -31.11
CA GLY A 636 23.14 15.66 -30.97
C GLY A 636 22.44 14.45 -30.39
N SER A 637 21.11 14.45 -30.57
CA SER A 637 20.27 13.41 -30.00
C SER A 637 20.58 12.05 -30.62
N SER A 638 20.20 11.00 -29.89
CA SER A 638 20.44 9.61 -30.25
C SER A 638 21.93 9.30 -30.41
N THR A 639 22.79 10.22 -30.00
CA THR A 639 24.24 10.14 -30.17
C THR A 639 24.88 10.84 -28.97
N VAL A 640 26.15 11.21 -29.10
CA VAL A 640 26.75 12.07 -28.10
C VAL A 640 26.05 13.42 -28.13
N ARG A 641 25.70 13.92 -26.94
CA ARG A 641 24.84 15.08 -26.81
C ARG A 641 25.63 16.24 -26.23
N GLY A 642 25.56 17.40 -26.88
CA GLY A 642 26.16 18.59 -26.33
C GLY A 642 26.83 19.53 -27.32
N PHE A 643 27.09 19.09 -28.55
CA PHE A 643 27.78 19.94 -29.52
C PHE A 643 26.84 20.35 -30.66
N GLN A 644 26.39 19.39 -31.47
CA GLN A 644 25.44 19.56 -32.56
C GLN A 644 25.32 18.22 -33.24
N SER A 645 24.22 18.01 -33.95
CA SER A 645 24.04 16.78 -34.71
C SER A 645 24.72 16.89 -36.06
N ASN A 646 25.29 15.77 -36.53
CA ASN A 646 25.84 15.66 -37.88
C ASN A 646 27.03 16.60 -38.09
N THR A 647 27.86 16.73 -37.05
CA THR A 647 28.97 17.67 -37.13
C THR A 647 30.27 17.15 -36.54
N ILE A 648 30.34 15.87 -36.17
CA ILE A 648 31.52 15.29 -35.53
C ILE A 648 32.21 14.37 -36.53
N GLY A 649 33.48 14.66 -36.80
CA GLY A 649 34.25 13.88 -37.75
C GLY A 649 35.16 14.75 -38.59
N PRO A 650 35.63 14.21 -39.71
CA PRO A 650 36.47 15.01 -40.61
C PRO A 650 35.72 16.19 -41.19
N LYS A 651 36.47 17.27 -41.43
CA LYS A 651 35.93 18.50 -41.99
C LYS A 651 36.42 18.66 -43.42
N ALA A 652 35.50 18.97 -44.33
CA ALA A 652 35.85 19.12 -45.73
C ALA A 652 36.64 20.41 -45.95
N VAL A 653 37.60 20.36 -46.87
CA VAL A 653 38.41 21.51 -47.24
C VAL A 653 38.30 21.69 -48.76
N TYR A 654 38.16 22.93 -49.19
CA TYR A 654 37.96 23.24 -50.60
C TYR A 654 39.26 23.67 -51.25
N PHE A 655 39.32 23.49 -52.57
CA PHE A 655 40.43 23.99 -53.36
C PHE A 655 40.38 25.51 -53.42
N PRO A 656 41.49 26.17 -53.78
CA PRO A 656 41.41 27.61 -54.08
C PRO A 656 40.34 27.87 -55.14
N HIS A 657 39.28 28.55 -54.75
CA HIS A 657 38.03 28.56 -55.49
C HIS A 657 37.66 29.99 -55.86
N GLN A 658 37.30 30.19 -57.13
CA GLN A 658 36.87 31.48 -57.64
C GLN A 658 36.29 31.30 -59.04
N ALA A 659 35.34 32.18 -59.38
CA ALA A 659 34.72 32.19 -60.71
C ALA A 659 34.08 30.85 -61.05
N SER A 660 33.31 30.31 -60.11
CA SER A 660 32.65 29.02 -60.28
C SER A 660 31.17 29.29 -60.59
N ASN A 661 30.83 29.27 -61.87
CA ASN A 661 29.44 29.42 -62.35
C ASN A 661 28.91 30.75 -61.84
N TYR A 662 27.85 30.78 -61.05
CA TYR A 662 27.30 32.01 -60.49
C TYR A 662 27.51 32.01 -58.98
N ASP A 663 28.19 33.05 -58.48
CA ASP A 663 28.43 33.22 -57.06
C ASP A 663 28.11 34.65 -56.68
N PRO A 664 26.85 34.94 -56.34
CA PRO A 664 26.51 36.30 -55.89
C PRO A 664 27.21 36.64 -54.58
N ASP A 665 27.52 37.92 -54.43
CA ASP A 665 28.33 38.37 -53.32
C ASP A 665 27.60 38.23 -51.99
N TYR A 666 28.39 38.05 -50.92
CA TYR A 666 27.92 38.00 -49.53
C TYR A 666 27.20 36.68 -49.26
N ASP A 667 27.02 35.86 -50.29
CA ASP A 667 26.38 34.57 -50.14
C ASP A 667 27.17 33.51 -50.90
N TYR A 668 27.02 32.27 -50.47
CA TYR A 668 27.72 31.13 -51.06
C TYR A 668 29.23 31.36 -51.07
N GLU A 669 29.74 31.94 -50.00
CA GLU A 669 31.16 32.23 -49.88
C GLU A 669 31.88 31.10 -49.13
N CYS A 670 31.77 29.90 -49.70
CA CYS A 670 32.47 28.75 -49.14
C CYS A 670 33.98 28.94 -49.21
N ALA A 671 34.50 29.10 -50.43
CA ALA A 671 35.91 29.39 -50.63
C ALA A 671 36.16 30.45 -51.69
N THR A 672 35.13 31.11 -52.19
CA THR A 672 35.31 32.12 -53.23
C THR A 672 35.93 33.38 -52.65
N GLN A 673 36.96 33.88 -53.33
CA GLN A 673 37.66 35.11 -52.95
C GLN A 673 38.64 35.45 -54.06
N ASP A 674 38.80 36.75 -54.33
CA ASP A 674 39.79 37.16 -55.31
C ASP A 674 41.19 36.72 -54.91
N GLY A 675 41.51 36.82 -53.62
CA GLY A 675 42.79 36.36 -53.11
C GLY A 675 42.75 34.92 -52.66
N ALA A 676 42.09 34.05 -53.43
CA ALA A 676 42.05 32.63 -53.12
C ALA A 676 43.45 32.05 -53.26
N LYS A 677 44.12 31.81 -52.14
CA LYS A 677 45.53 31.45 -52.15
C LYS A 677 45.75 29.95 -52.25
N ASP A 678 45.05 29.18 -51.41
CA ASP A 678 45.25 27.74 -51.36
C ASP A 678 44.03 27.12 -50.69
N LEU A 679 44.16 25.85 -50.28
CA LEU A 679 43.07 25.12 -49.64
C LEU A 679 42.48 25.93 -48.50
N CYS A 680 41.15 26.05 -48.50
CA CYS A 680 40.41 26.85 -47.52
C CYS A 680 39.73 25.92 -46.52
N LYS A 681 40.17 26.00 -45.27
CA LYS A 681 39.59 25.19 -44.21
C LYS A 681 38.15 25.59 -43.96
N SER A 682 37.29 24.59 -43.72
CA SER A 682 35.89 24.81 -43.43
C SER A 682 35.45 23.83 -42.34
N ASP A 683 34.36 24.20 -41.66
CA ASP A 683 33.82 23.41 -40.56
C ASP A 683 32.84 22.35 -41.01
N ASP A 684 32.55 22.26 -42.31
CA ASP A 684 31.59 21.28 -42.80
C ASP A 684 32.09 19.87 -42.56
N ALA A 685 31.32 19.11 -41.78
CA ALA A 685 31.67 17.74 -41.43
C ALA A 685 30.78 16.77 -42.20
N VAL A 686 31.39 15.80 -42.85
CA VAL A 686 30.65 14.75 -43.53
C VAL A 686 30.86 13.38 -42.89
N GLY A 687 32.00 13.15 -42.25
CA GLY A 687 32.26 11.90 -41.58
C GLY A 687 32.87 10.86 -42.51
N GLY A 688 33.40 9.82 -41.89
CA GLY A 688 33.99 8.71 -42.62
C GLY A 688 33.05 7.54 -42.76
N ASN A 689 33.63 6.33 -42.77
CA ASN A 689 32.86 5.10 -42.85
C ASN A 689 33.16 4.17 -41.69
N ALA A 690 33.72 4.69 -40.60
CA ALA A 690 34.04 3.91 -39.42
C ALA A 690 33.72 4.76 -38.20
N MET A 691 32.66 4.40 -37.48
CA MET A 691 32.20 5.16 -36.32
C MET A 691 32.05 4.24 -35.12
N ALA A 692 32.35 4.77 -33.94
CA ALA A 692 32.22 4.02 -32.70
C ALA A 692 31.90 4.99 -31.59
N VAL A 693 30.70 4.89 -31.03
CA VAL A 693 30.23 5.80 -29.99
C VAL A 693 29.85 4.98 -28.76
N ALA A 694 30.27 5.44 -27.60
CA ALA A 694 29.97 4.79 -26.33
C ALA A 694 29.30 5.79 -25.39
N SER A 695 28.27 5.35 -24.69
CA SER A 695 27.53 6.22 -23.80
C SER A 695 27.09 5.44 -22.57
N LEU A 696 27.28 6.05 -21.40
CA LEU A 696 26.84 5.50 -20.13
C LEU A 696 26.04 6.55 -19.38
N GLU A 697 25.03 6.12 -18.64
CA GLU A 697 24.22 7.03 -17.86
C GLU A 697 23.66 6.31 -16.65
N PHE A 698 23.35 7.10 -15.61
CA PHE A 698 22.71 6.61 -14.41
C PHE A 698 21.23 6.97 -14.46
N ILE A 699 20.38 6.06 -13.99
CA ILE A 699 18.94 6.25 -13.99
C ILE A 699 18.46 6.29 -12.55
N THR A 700 17.83 7.40 -12.17
CA THR A 700 17.28 7.56 -10.84
C THR A 700 15.89 8.18 -10.95
N PRO A 701 14.98 7.84 -10.04
CA PRO A 701 13.66 8.48 -10.06
C PRO A 701 13.75 9.96 -9.69
N THR A 702 12.82 10.73 -10.21
CA THR A 702 12.78 12.15 -9.91
C THR A 702 12.48 12.36 -8.43
N PRO A 703 13.28 13.16 -7.72
CA PRO A 703 13.08 13.33 -6.27
C PRO A 703 11.91 14.22 -5.90
N PHE A 704 11.15 14.73 -6.86
CA PHE A 704 10.01 15.59 -6.60
C PHE A 704 8.81 15.17 -7.44
N ILE A 705 8.52 13.87 -7.44
CA ILE A 705 7.37 13.35 -8.18
C ILE A 705 6.66 12.34 -7.29
N SER A 706 5.37 12.11 -7.59
CA SER A 706 4.58 11.14 -6.86
C SER A 706 4.60 9.78 -7.56
N ASP A 707 4.15 8.77 -6.83
CA ASP A 707 4.13 7.41 -7.39
C ASP A 707 3.14 7.32 -8.55
N LYS A 708 2.13 8.18 -8.56
CA LYS A 708 1.11 8.11 -9.60
C LYS A 708 1.69 8.36 -10.99
N TYR A 709 2.61 9.30 -11.11
CA TYR A 709 3.26 9.58 -12.39
C TYR A 709 4.75 9.30 -12.33
N ALA A 710 5.17 8.36 -11.47
CA ALA A 710 6.57 7.98 -11.41
C ALA A 710 6.98 7.06 -12.56
N ASN A 711 6.02 6.55 -13.31
CA ASN A 711 6.32 5.73 -14.48
C ASN A 711 6.42 6.55 -15.76
N SER A 712 6.10 7.84 -15.71
CA SER A 712 6.08 8.67 -16.91
C SER A 712 7.28 9.60 -17.04
N VAL A 713 8.12 9.69 -16.01
CA VAL A 713 9.26 10.59 -16.01
C VAL A 713 10.51 9.81 -15.65
N ARG A 714 11.60 10.08 -16.36
CA ARG A 714 12.88 9.42 -16.14
C ARG A 714 13.98 10.45 -16.07
N THR A 715 14.89 10.28 -15.11
CA THR A 715 16.02 11.18 -14.91
C THR A 715 17.30 10.44 -15.23
N SER A 716 18.23 11.13 -15.91
CA SER A 716 19.46 10.50 -16.38
C SER A 716 20.67 11.34 -16.01
N PHE A 717 21.72 10.66 -15.56
CA PHE A 717 23.05 11.25 -15.34
C PHE A 717 23.97 10.64 -16.40
N PHE A 718 24.07 11.29 -17.55
CA PHE A 718 24.71 10.69 -18.71
C PHE A 718 26.17 11.11 -18.83
N TRP A 719 26.99 10.16 -19.30
CA TRP A 719 28.38 10.41 -19.67
C TRP A 719 28.57 9.82 -21.06
N ASP A 720 28.98 10.66 -22.01
CA ASP A 720 28.98 10.25 -23.41
C ASP A 720 30.24 10.68 -24.11
N MET A 721 30.77 9.80 -24.96
CA MET A 721 31.95 10.05 -25.77
C MET A 721 31.65 9.63 -27.20
N GLY A 722 32.29 10.31 -28.15
CA GLY A 722 32.04 10.04 -29.55
C GLY A 722 33.31 10.04 -30.37
N THR A 723 33.37 9.16 -31.36
CA THR A 723 34.51 9.02 -32.25
C THR A 723 34.03 8.81 -33.68
N VAL A 724 34.48 9.68 -34.58
CA VAL A 724 34.21 9.56 -36.01
C VAL A 724 35.50 9.84 -36.76
N TRP A 725 35.81 8.99 -37.75
CA TRP A 725 37.05 9.16 -38.49
C TRP A 725 36.90 8.53 -39.86
N ASP A 726 37.84 8.87 -40.75
CA ASP A 726 37.90 8.33 -42.10
C ASP A 726 39.02 7.32 -42.20
N THR A 727 38.71 6.15 -42.74
CA THR A 727 39.74 5.15 -43.00
C THR A 727 40.58 5.48 -44.22
N ASN A 728 40.15 6.44 -45.04
CA ASN A 728 40.88 6.86 -46.21
C ASN A 728 41.53 8.21 -45.95
N TRP A 729 42.84 8.28 -46.22
CA TRP A 729 43.59 9.49 -45.92
C TRP A 729 44.75 9.61 -46.90
N ASP A 730 45.28 10.83 -47.03
CA ASP A 730 46.46 11.10 -47.83
C ASP A 730 47.28 12.17 -47.11
N SER A 731 48.38 11.75 -46.50
CA SER A 731 49.19 12.68 -45.71
C SER A 731 49.70 13.84 -46.57
N SER A 732 49.99 13.57 -47.85
CA SER A 732 50.49 14.64 -48.72
C SER A 732 49.48 15.76 -48.87
N GLN A 733 48.23 15.43 -49.17
CA GLN A 733 47.18 16.44 -49.23
C GLN A 733 46.80 16.94 -47.85
N TYR A 734 46.80 16.06 -46.84
CA TYR A 734 46.48 16.42 -45.47
C TYR A 734 47.72 16.86 -44.69
N SER A 735 48.76 17.33 -45.38
CA SER A 735 49.96 17.79 -44.69
C SER A 735 49.68 19.01 -43.82
N GLY A 736 48.93 19.97 -44.36
CA GLY A 736 48.62 21.20 -43.66
C GLY A 736 47.45 21.12 -42.70
N TYR A 737 46.79 19.97 -42.60
CA TYR A 737 45.65 19.80 -41.74
C TYR A 737 45.86 18.61 -40.82
N PRO A 738 45.25 18.63 -39.63
CA PRO A 738 45.42 17.50 -38.71
C PRO A 738 44.94 16.18 -39.31
N ASP A 739 45.65 15.11 -38.98
CA ASP A 739 45.34 13.78 -39.49
C ASP A 739 44.17 13.22 -38.70
N TYR A 740 42.96 13.47 -39.19
CA TYR A 740 41.76 12.98 -38.52
C TYR A 740 41.57 11.48 -38.67
N SER A 741 42.32 10.83 -39.58
CA SER A 741 42.17 9.39 -39.77
C SER A 741 42.48 8.60 -38.51
N ASP A 742 43.28 9.16 -37.61
CA ASP A 742 43.52 8.52 -36.32
C ASP A 742 42.28 8.69 -35.44
N PRO A 743 41.66 7.62 -34.98
CA PRO A 743 40.50 7.74 -34.09
C PRO A 743 40.82 8.14 -32.66
N SER A 744 42.06 8.55 -32.38
CA SER A 744 42.46 8.93 -31.04
C SER A 744 41.83 10.24 -30.57
N ASN A 745 41.19 10.99 -31.47
CA ASN A 745 40.52 12.23 -31.09
C ASN A 745 39.08 11.91 -30.74
N ILE A 746 38.74 12.13 -29.47
CA ILE A 746 37.44 11.75 -28.92
C ILE A 746 36.83 12.96 -28.21
N ARG A 747 35.54 13.18 -28.42
CA ARG A 747 34.82 14.29 -27.83
C ARG A 747 33.86 13.77 -26.76
N MET A 748 33.80 14.47 -25.64
CA MET A 748 33.02 13.98 -24.50
C MET A 748 32.21 15.11 -23.90
N SER A 749 31.00 14.78 -23.45
CA SER A 749 30.13 15.71 -22.76
C SER A 749 29.33 14.95 -21.72
N ALA A 750 28.83 15.69 -20.73
CA ALA A 750 28.09 15.08 -19.63
C ALA A 750 27.08 16.08 -19.10
N GLY A 751 26.13 15.58 -18.33
CA GLY A 751 25.09 16.42 -17.75
C GLY A 751 23.88 15.58 -17.36
N ILE A 752 22.73 16.24 -17.35
CA ILE A 752 21.47 15.60 -16.97
C ILE A 752 20.47 15.80 -18.09
N ALA A 753 19.53 14.86 -18.19
CA ALA A 753 18.47 14.93 -19.19
C ALA A 753 17.17 14.46 -18.56
N LEU A 754 16.09 15.18 -18.87
CA LEU A 754 14.78 14.88 -18.32
C LEU A 754 13.91 14.28 -19.41
N GLN A 755 13.38 13.08 -19.14
CA GLN A 755 12.58 12.34 -20.10
C GLN A 755 11.14 12.27 -19.59
N TRP A 756 10.19 12.67 -20.43
CA TRP A 756 8.79 12.65 -20.06
C TRP A 756 7.97 12.15 -21.24
N MET A 757 7.02 11.26 -20.96
CA MET A 757 6.11 10.77 -21.98
C MET A 757 4.86 11.63 -22.00
N SER A 758 4.47 12.09 -23.18
CA SER A 758 3.37 13.01 -23.39
C SER A 758 2.45 12.50 -24.48
N PRO A 759 1.20 12.97 -24.52
CA PRO A 759 0.28 12.55 -25.59
C PRO A 759 0.78 12.90 -26.98
N LEU A 760 1.66 13.89 -27.11
CA LEU A 760 2.24 14.23 -28.40
C LEU A 760 3.44 13.37 -28.76
N GLY A 761 3.83 12.45 -27.89
CA GLY A 761 4.98 11.61 -28.14
C GLY A 761 6.01 11.74 -27.03
N PRO A 762 7.11 10.99 -27.14
CA PRO A 762 8.15 11.07 -26.11
C PRO A 762 8.82 12.43 -26.12
N LEU A 763 8.97 13.02 -24.93
CA LEU A 763 9.58 14.33 -24.77
C LEU A 763 10.87 14.18 -24.00
N VAL A 764 11.95 14.72 -24.54
CA VAL A 764 13.26 14.70 -23.90
C VAL A 764 13.83 16.12 -23.89
N PHE A 765 14.31 16.55 -22.73
CA PHE A 765 15.03 17.80 -22.58
C PHE A 765 16.38 17.48 -21.94
N SER A 766 17.44 18.09 -22.46
CA SER A 766 18.79 17.77 -22.03
C SER A 766 19.50 19.00 -21.53
N TYR A 767 20.29 18.83 -20.47
CA TYR A 767 21.18 19.86 -19.94
C TYR A 767 22.61 19.34 -20.07
N ALA A 768 23.25 19.63 -21.20
CA ALA A 768 24.56 19.10 -21.52
C ALA A 768 25.64 20.07 -21.09
N GLN A 769 26.78 19.52 -20.67
CA GLN A 769 27.96 20.32 -20.31
C GLN A 769 29.20 19.65 -20.89
N PRO A 770 29.66 20.08 -22.05
CA PRO A 770 30.87 19.46 -22.64
C PRO A 770 32.10 19.72 -21.78
N PHE A 771 33.01 18.76 -21.78
CA PHE A 771 34.26 18.88 -21.05
C PHE A 771 35.47 18.83 -21.98
N LYS A 772 35.55 17.83 -22.84
CA LYS A 772 36.63 17.69 -23.82
C LYS A 772 36.06 17.93 -25.20
N LYS A 773 36.65 18.88 -25.93
CA LYS A 773 36.17 19.27 -27.24
C LYS A 773 37.33 19.36 -28.23
N TYR A 774 36.99 19.55 -29.50
CA TYR A 774 37.96 19.71 -30.57
C TYR A 774 37.54 20.89 -31.44
N ASP A 775 38.19 21.01 -32.59
CA ASP A 775 37.88 22.11 -33.51
C ASP A 775 36.51 21.92 -34.13
N GLY A 776 35.78 23.03 -34.26
CA GLY A 776 34.49 23.03 -34.92
C GLY A 776 33.42 22.19 -34.24
N ASP A 777 33.30 22.34 -32.92
CA ASP A 777 32.30 21.59 -32.18
C ASP A 777 31.05 22.41 -31.87
N LYS A 778 31.19 23.73 -31.76
CA LYS A 778 30.11 24.67 -31.47
C LYS A 778 29.13 24.10 -30.43
N ALA A 779 29.69 23.80 -29.26
CA ALA A 779 28.96 23.10 -28.22
C ALA A 779 27.74 23.88 -27.74
N GLU A 780 26.63 23.16 -27.54
CA GLU A 780 25.39 23.74 -27.03
C GLU A 780 25.05 23.07 -25.72
N GLN A 781 24.74 23.87 -24.71
CA GLN A 781 24.42 23.32 -23.39
C GLN A 781 23.00 22.76 -23.35
N PHE A 782 22.14 23.17 -24.27
CA PHE A 782 20.73 22.79 -24.26
C PHE A 782 20.33 22.22 -25.60
N GLN A 783 19.56 21.13 -25.58
CA GLN A 783 18.97 20.55 -26.77
C GLN A 783 17.54 20.15 -26.47
N PHE A 784 16.67 20.27 -27.48
CA PHE A 784 15.28 19.83 -27.38
C PHE A 784 14.95 18.96 -28.59
N ASN A 785 14.31 17.82 -28.34
CA ASN A 785 13.97 16.89 -29.40
C ASN A 785 12.81 16.01 -28.97
N ILE A 786 12.24 15.30 -29.93
CA ILE A 786 11.16 14.36 -29.69
C ILE A 786 11.47 13.02 -30.36
N ASN B 5 11.10 17.69 8.00
CA ASN B 5 12.02 18.82 7.92
C ASN B 5 11.29 20.15 8.12
N SER B 6 10.17 20.31 7.41
CA SER B 6 9.33 21.49 7.56
C SER B 6 8.22 21.31 8.58
N GLU B 7 8.09 20.12 9.17
CA GLU B 7 7.02 19.82 10.10
C GLU B 7 7.36 20.18 11.54
N GLU B 8 8.53 20.76 11.79
CA GLU B 8 8.92 21.09 13.16
C GLU B 8 8.06 22.25 13.62
N ASP B 9 6.93 21.92 14.25
CA ASP B 9 5.96 22.90 14.73
C ASP B 9 5.58 22.55 16.15
N VAL B 10 6.60 22.30 16.98
CA VAL B 10 6.39 21.76 18.33
C VAL B 10 5.50 22.70 19.12
N VAL B 11 4.34 22.20 19.54
CA VAL B 11 3.44 22.95 20.40
C VAL B 11 3.98 22.89 21.82
N LYS B 12 4.53 24.00 22.29
CA LYS B 12 5.15 24.08 23.60
C LYS B 12 5.31 25.55 23.95
N MET B 13 5.84 25.80 25.15
CA MET B 13 6.18 27.14 25.59
C MET B 13 7.08 27.03 26.81
N SER B 14 8.22 27.71 26.76
CA SER B 14 9.15 27.76 27.88
C SER B 14 9.62 29.21 28.10
N PRO B 15 8.71 30.09 28.49
CA PRO B 15 9.12 31.47 28.78
C PRO B 15 9.96 31.54 30.04
N LEU B 16 10.92 32.45 30.04
CA LEU B 16 11.81 32.60 31.18
C LEU B 16 11.05 33.23 32.35
N PRO B 17 11.09 32.62 33.53
CA PRO B 17 10.55 33.28 34.71
C PRO B 17 11.39 34.49 35.09
N THR B 18 10.76 35.40 35.85
CA THR B 18 11.44 36.64 36.22
C THR B 18 12.72 36.35 36.99
N VAL B 19 13.79 37.04 36.61
CA VAL B 19 15.08 36.87 37.26
C VAL B 19 15.02 37.59 38.62
N GLU B 20 15.17 36.83 39.70
CA GLU B 20 15.05 37.37 41.05
C GLU B 20 16.07 36.65 41.92
N ASN B 21 17.05 37.40 42.42
CA ASN B 21 18.18 36.84 43.18
C ASN B 21 18.35 37.60 44.49
N GLN B 22 17.89 37.00 45.59
CA GLN B 22 18.09 37.58 46.90
C GLN B 22 19.32 37.03 47.62
N PHE B 23 20.04 36.10 47.01
CA PHE B 23 21.37 35.74 47.46
C PHE B 23 22.12 35.16 46.27
N THR B 24 23.44 35.16 46.37
CA THR B 24 24.28 34.69 45.28
C THR B 24 24.90 33.34 45.62
N PRO B 25 24.69 32.32 44.80
CA PRO B 25 25.42 31.06 44.97
C PRO B 25 26.72 31.05 44.17
N THR B 26 27.55 30.07 44.49
CA THR B 26 28.85 29.92 43.83
C THR B 26 29.10 28.45 43.49
N THR B 27 29.91 28.24 42.47
CA THR B 27 30.37 26.90 42.10
C THR B 27 31.74 26.67 42.73
N ALA B 28 31.82 25.74 43.67
CA ALA B 28 33.08 25.50 44.36
C ALA B 28 34.15 25.02 43.39
N TRP B 29 33.81 24.10 42.49
CA TRP B 29 34.73 23.64 41.47
C TRP B 29 33.95 22.79 40.48
N SER B 30 34.64 22.40 39.41
CA SER B 30 34.12 21.42 38.45
C SER B 30 35.30 20.56 37.98
N THR B 31 34.96 19.36 37.52
CA THR B 31 35.99 18.41 37.11
C THR B 31 35.97 18.10 35.62
N SER B 32 34.79 18.13 34.98
CA SER B 32 34.64 17.82 33.55
C SER B 32 35.18 16.43 33.24
N VAL B 33 34.50 15.44 33.81
CA VAL B 33 34.86 14.04 33.58
C VAL B 33 34.85 13.69 32.10
N GLY B 34 34.04 14.36 31.32
CA GLY B 34 34.01 14.18 29.88
C GLY B 34 32.60 13.96 29.38
N SER B 35 32.51 13.46 28.14
CA SER B 35 31.22 13.18 27.53
C SER B 35 30.55 12.00 28.24
N GLY B 36 29.55 12.28 29.06
CA GLY B 36 28.88 11.24 29.82
C GLY B 36 27.55 10.84 29.22
N ILE B 37 26.46 11.30 29.84
CA ILE B 37 25.12 10.94 29.38
C ILE B 37 24.88 11.48 27.98
N GLY B 38 25.27 12.72 27.72
CA GLY B 38 25.03 13.31 26.42
C GLY B 38 23.56 13.41 26.12
N ASN B 39 23.19 13.11 24.87
CA ASN B 39 21.79 13.14 24.45
C ASN B 39 20.98 12.00 25.05
N PHE B 40 21.63 11.03 25.70
CA PHE B 40 20.96 9.82 26.14
C PHE B 40 20.34 10.00 27.52
N TYR B 41 19.05 9.75 27.62
CA TYR B 41 18.37 9.79 28.91
C TYR B 41 18.66 8.52 29.70
N SER B 42 19.07 8.67 30.95
CA SER B 42 19.40 7.53 31.79
C SER B 42 19.28 7.94 33.25
N ASN B 43 19.80 7.08 34.13
CA ASN B 43 19.65 7.26 35.58
C ASN B 43 20.99 7.55 36.24
N LEU B 44 21.93 8.15 35.51
CA LEU B 44 23.21 8.49 36.09
C LEU B 44 23.04 9.57 37.16
N HIS B 45 23.73 9.39 38.27
CA HIS B 45 23.76 10.41 39.32
C HIS B 45 24.95 10.16 40.22
N PRO B 46 25.84 11.15 40.38
CA PRO B 46 27.02 10.94 41.22
C PRO B 46 26.66 10.71 42.67
N ALA B 47 27.48 9.91 43.34
CA ALA B 47 27.25 9.53 44.73
C ALA B 47 28.46 9.89 45.58
N LEU B 48 28.20 10.16 46.86
CA LEU B 48 29.22 10.56 47.81
C LEU B 48 29.18 9.63 49.00
N ALA B 49 30.34 9.45 49.64
CA ALA B 49 30.43 8.61 50.84
C ALA B 49 31.59 9.12 51.69
N ASP B 50 31.27 9.87 52.74
CA ASP B 50 32.24 10.30 53.74
C ASP B 50 33.39 11.09 53.10
N ASN B 51 33.06 12.27 52.59
CA ASN B 51 34.01 13.19 52.00
C ASN B 51 34.65 12.63 50.74
N VAL B 52 34.07 11.60 50.16
CA VAL B 52 34.56 10.99 48.93
C VAL B 52 33.43 10.97 47.92
N VAL B 53 33.68 11.54 46.74
CA VAL B 53 32.68 11.67 45.69
C VAL B 53 32.97 10.63 44.62
N TYR B 54 31.94 9.93 44.19
CA TYR B 54 32.06 8.92 43.14
C TYR B 54 31.22 9.33 41.95
N ALA B 55 31.84 9.41 40.78
CA ALA B 55 31.17 9.81 39.55
C ALA B 55 31.62 8.91 38.40
N ALA B 56 30.75 8.80 37.41
CA ALA B 56 31.04 7.98 36.23
C ALA B 56 30.30 8.54 35.03
N ASP B 57 30.75 8.12 33.84
CA ASP B 57 30.18 8.57 32.58
C ASP B 57 29.86 7.36 31.71
N ARG B 58 29.14 7.60 30.62
CA ARG B 58 28.75 6.52 29.73
C ARG B 58 29.94 5.85 29.05
N ALA B 59 31.06 6.55 28.96
CA ALA B 59 32.25 6.02 28.30
C ALA B 59 32.92 4.89 29.06
N GLY B 60 32.52 4.63 30.30
CA GLY B 60 33.11 3.59 31.10
C GLY B 60 34.08 4.07 32.16
N LEU B 61 34.47 5.33 32.14
CA LEU B 61 35.36 5.87 33.16
C LEU B 61 34.58 6.13 34.44
N VAL B 62 35.08 5.62 35.56
CA VAL B 62 34.54 5.90 36.88
C VAL B 62 35.63 6.58 37.70
N LYS B 63 35.29 7.68 38.36
CA LYS B 63 36.28 8.51 39.02
C LYS B 63 35.88 8.75 40.48
N ALA B 64 36.82 8.54 41.38
CA ALA B 64 36.65 8.86 42.78
C ALA B 64 37.23 10.24 43.05
N LEU B 65 36.45 11.10 43.71
CA LEU B 65 36.83 12.49 43.89
C LEU B 65 36.64 12.90 45.35
N ASN B 66 37.42 13.89 45.76
CA ASN B 66 37.34 14.46 47.09
C ASN B 66 36.53 15.76 47.05
N ALA B 67 35.96 16.11 48.20
CA ALA B 67 35.20 17.35 48.33
C ALA B 67 36.11 18.49 48.74
N ASP B 68 35.63 19.72 48.45
CA ASP B 68 36.30 20.98 48.79
C ASP B 68 37.54 21.22 47.95
N ASP B 69 37.94 20.24 47.16
CA ASP B 69 39.11 20.40 46.29
C ASP B 69 38.85 19.99 44.85
N GLY B 70 38.06 18.95 44.63
CA GLY B 70 37.92 18.41 43.29
C GLY B 70 39.14 17.67 42.80
N LYS B 71 40.00 17.23 43.71
CA LYS B 71 41.23 16.54 43.32
C LYS B 71 40.96 15.07 43.05
N GLU B 72 41.53 14.58 41.96
CA GLU B 72 41.37 13.17 41.59
C GLU B 72 42.01 12.26 42.63
N ILE B 73 41.35 11.15 42.92
CA ILE B 73 41.91 10.09 43.75
C ILE B 73 42.31 8.88 42.91
N TRP B 74 41.35 8.27 42.22
CA TRP B 74 41.64 7.21 41.27
C TRP B 74 40.50 7.15 40.28
N SER B 75 40.84 6.92 39.01
CA SER B 75 39.84 6.88 37.95
C SER B 75 40.23 5.79 36.95
N VAL B 76 39.34 4.82 36.77
CA VAL B 76 39.57 3.71 35.87
C VAL B 76 38.43 3.66 34.86
N SER B 77 38.75 3.16 33.67
CA SER B 77 37.77 2.98 32.61
C SER B 77 37.27 1.54 32.63
N LEU B 78 36.01 1.36 32.22
CA LEU B 78 35.40 0.04 32.16
C LEU B 78 35.33 -0.47 30.73
N ALA B 79 36.36 -0.16 29.94
CA ALA B 79 36.42 -0.65 28.57
C ALA B 79 36.42 -2.18 28.55
N GLU B 80 35.67 -2.75 27.61
CA GLU B 80 35.49 -4.19 27.52
C GLU B 80 36.66 -4.79 26.76
N LYS B 81 37.80 -4.89 27.45
CA LYS B 81 38.99 -5.50 26.86
C LYS B 81 38.74 -6.94 26.45
N ASP B 82 37.87 -7.64 27.20
CA ASP B 82 37.45 -8.98 26.80
C ASP B 82 36.52 -8.97 25.60
N GLY B 83 36.01 -7.79 25.22
CA GLY B 83 35.09 -7.69 24.12
C GLY B 83 35.77 -7.76 22.76
N TRP B 84 34.94 -7.79 21.71
CA TRP B 84 35.45 -7.93 20.36
C TRP B 84 36.30 -6.72 19.96
N PHE B 85 35.84 -5.52 20.28
CA PHE B 85 36.60 -4.32 19.95
C PHE B 85 37.69 -4.04 20.97
N SER B 86 37.62 -4.67 22.15
CA SER B 86 38.60 -4.55 23.22
C SER B 86 38.59 -3.17 23.86
N LYS B 87 37.82 -2.23 23.29
CA LYS B 87 37.69 -0.90 23.86
C LYS B 87 36.27 -0.34 23.71
N GLU B 88 35.30 -1.14 23.28
CA GLU B 88 33.98 -0.62 23.00
C GLU B 88 33.31 -0.15 24.28
N PRO B 89 32.50 0.91 24.21
CA PRO B 89 31.90 1.47 25.42
C PRO B 89 30.98 0.46 26.11
N ALA B 90 31.01 0.46 27.44
CA ALA B 90 30.11 -0.37 28.22
C ALA B 90 28.73 0.26 28.38
N LEU B 91 28.60 1.55 28.08
CA LEU B 91 27.34 2.28 28.17
C LEU B 91 26.75 2.17 29.58
N LEU B 92 27.49 2.75 30.52
CA LEU B 92 27.10 2.71 31.93
C LEU B 92 25.84 3.51 32.15
N SER B 93 24.83 2.88 32.76
CA SER B 93 23.55 3.55 32.97
C SER B 93 22.97 3.39 34.37
N GLY B 94 23.40 2.39 35.14
CA GLY B 94 22.85 2.22 36.47
C GLY B 94 23.26 3.35 37.40
N GLY B 95 22.44 3.56 38.43
CA GLY B 95 22.73 4.59 39.39
C GLY B 95 23.98 4.29 40.20
N VAL B 96 24.70 5.35 40.57
CA VAL B 96 25.92 5.20 41.34
C VAL B 96 25.55 4.98 42.80
N THR B 97 25.90 3.81 43.33
CA THR B 97 25.57 3.44 44.69
C THR B 97 26.83 2.99 45.42
N VAL B 98 26.95 3.41 46.68
CA VAL B 98 28.09 3.07 47.52
C VAL B 98 27.61 2.21 48.68
N SER B 99 28.41 1.22 49.04
CA SER B 99 28.06 0.32 50.14
C SER B 99 29.36 -0.18 50.77
N GLY B 100 29.76 0.46 51.87
CA GLY B 100 31.00 0.07 52.52
C GLY B 100 32.18 0.26 51.59
N GLY B 101 32.96 -0.80 51.41
CA GLY B 101 34.09 -0.76 50.52
C GLY B 101 33.71 -1.18 49.12
N HIS B 102 32.41 -1.18 48.83
CA HIS B 102 31.90 -1.60 47.54
C HIS B 102 31.05 -0.50 46.93
N VAL B 103 31.23 -0.30 45.63
CA VAL B 103 30.45 0.66 44.85
C VAL B 103 29.82 -0.10 43.69
N TYR B 104 28.52 0.07 43.49
CA TYR B 104 27.77 -0.68 42.50
C TYR B 104 27.39 0.23 41.34
N ILE B 105 27.71 -0.22 40.12
CA ILE B 105 27.41 0.51 38.90
C ILE B 105 26.70 -0.43 37.94
N GLY B 106 25.51 -0.05 37.50
CA GLY B 106 24.79 -0.82 36.52
C GLY B 106 25.04 -0.36 35.10
N SER B 107 24.63 -1.19 34.15
CA SER B 107 24.81 -0.88 32.74
C SER B 107 23.61 -1.40 31.97
N GLU B 108 23.41 -0.84 30.77
CA GLU B 108 22.35 -1.29 29.91
C GLU B 108 22.69 -2.57 29.16
N LYS B 109 23.93 -3.06 29.29
CA LYS B 109 24.38 -4.27 28.62
C LYS B 109 24.19 -5.51 29.48
N ALA B 110 23.18 -5.50 30.36
CA ALA B 110 22.88 -6.62 31.26
C ALA B 110 24.09 -6.93 32.15
N GLN B 111 24.82 -5.90 32.54
CA GLN B 111 26.01 -6.06 33.38
C GLN B 111 25.95 -5.09 34.55
N VAL B 112 26.29 -5.58 35.73
CA VAL B 112 26.45 -4.75 36.91
C VAL B 112 27.81 -5.08 37.53
N TYR B 113 28.53 -4.05 37.94
CA TYR B 113 29.89 -4.19 38.43
C TYR B 113 29.94 -3.82 39.90
N ALA B 114 30.79 -4.52 40.64
CA ALA B 114 31.00 -4.28 42.07
C ALA B 114 32.37 -3.63 42.23
N LEU B 115 32.40 -2.30 42.17
CA LEU B 115 33.65 -1.58 42.35
C LEU B 115 34.15 -1.73 43.78
N ASN B 116 35.47 -1.90 43.90
CA ASN B 116 36.11 -2.16 45.18
C ASN B 116 36.74 -0.91 45.80
N THR B 117 36.46 0.25 45.23
CA THR B 117 36.87 1.55 45.78
C THR B 117 38.38 1.72 45.85
N SER B 118 38.94 1.70 47.07
CA SER B 118 40.28 2.20 47.30
C SER B 118 41.30 1.55 46.38
N ASP B 119 41.22 0.23 46.20
CA ASP B 119 42.16 -0.45 45.30
C ASP B 119 41.97 0.00 43.86
N GLY B 120 40.75 0.35 43.48
CA GLY B 120 40.47 0.82 42.13
C GLY B 120 39.92 -0.23 41.19
N THR B 121 39.97 -1.51 41.56
CA THR B 121 39.49 -2.56 40.69
C THR B 121 38.04 -2.90 41.01
N VAL B 122 37.52 -3.88 40.27
CA VAL B 122 36.16 -4.36 40.47
C VAL B 122 36.21 -5.65 41.29
N ALA B 123 35.34 -5.74 42.30
CA ALA B 123 35.29 -6.95 43.10
C ALA B 123 34.87 -8.15 42.25
N TRP B 124 33.77 -8.01 41.51
CA TRP B 124 33.31 -9.05 40.61
C TRP B 124 32.35 -8.44 39.61
N GLN B 125 32.23 -9.09 38.46
CA GLN B 125 31.32 -8.66 37.41
C GLN B 125 30.32 -9.78 37.14
N THR B 126 29.04 -9.45 37.14
CA THR B 126 27.99 -10.44 36.94
C THR B 126 27.07 -10.00 35.81
N LYS B 127 26.73 -10.96 34.96
CA LYS B 127 25.77 -10.76 33.89
C LYS B 127 24.37 -10.99 34.45
N VAL B 128 23.53 -9.97 34.38
CA VAL B 128 22.19 -10.02 34.96
C VAL B 128 21.17 -10.25 33.86
N ALA B 129 20.05 -10.87 34.24
CA ALA B 129 18.99 -11.15 33.29
C ALA B 129 18.34 -9.84 32.86
N GLY B 130 18.65 -9.40 31.64
CA GLY B 130 18.14 -8.15 31.13
C GLY B 130 18.98 -6.96 31.54
N GLU B 131 18.72 -5.83 30.87
CA GLU B 131 19.46 -4.61 31.15
C GLU B 131 19.10 -4.07 32.52
N ALA B 132 20.07 -3.41 33.16
CA ALA B 132 19.88 -2.79 34.46
C ALA B 132 19.80 -1.28 34.28
N LEU B 133 18.60 -0.72 34.47
CA LEU B 133 18.36 0.70 34.25
C LEU B 133 17.87 1.43 35.49
N SER B 134 17.84 0.78 36.66
CA SER B 134 17.48 1.42 37.90
C SER B 134 18.66 1.41 38.85
N ARG B 135 18.66 2.35 39.80
CA ARG B 135 19.75 2.44 40.75
C ARG B 135 19.80 1.19 41.61
N PRO B 136 20.96 0.55 41.76
CA PRO B 136 21.05 -0.63 42.63
C PRO B 136 20.94 -0.21 44.09
N VAL B 137 20.08 -0.90 44.83
CA VAL B 137 19.84 -0.60 46.24
C VAL B 137 20.23 -1.84 47.05
N VAL B 138 21.14 -1.66 47.99
CA VAL B 138 21.59 -2.75 48.85
C VAL B 138 20.56 -2.96 49.95
N SER B 139 20.43 -4.20 50.41
CA SER B 139 19.48 -4.53 51.48
C SER B 139 20.00 -5.77 52.19
N ASP B 140 20.63 -5.57 53.35
CA ASP B 140 21.02 -6.63 54.26
C ASP B 140 21.75 -7.76 53.54
N GLY B 141 22.89 -7.41 52.96
CA GLY B 141 23.70 -8.37 52.23
C GLY B 141 23.19 -8.72 50.86
N LEU B 142 22.16 -8.03 50.37
CA LEU B 142 21.63 -8.25 49.04
C LEU B 142 21.36 -6.90 48.39
N VAL B 143 21.49 -6.87 47.06
CA VAL B 143 21.21 -5.67 46.28
C VAL B 143 20.15 -6.01 45.25
N LEU B 144 19.20 -5.09 45.06
CA LEU B 144 18.09 -5.29 44.14
C LEU B 144 18.23 -4.32 42.97
N ILE B 145 18.02 -4.83 41.76
CA ILE B 145 18.10 -4.05 40.54
C ILE B 145 16.87 -4.32 39.71
N HIS B 146 16.23 -3.26 39.22
CA HIS B 146 15.01 -3.37 38.43
C HIS B 146 15.40 -3.51 36.96
N THR B 147 15.50 -4.76 36.51
CA THR B 147 15.78 -5.02 35.11
C THR B 147 14.60 -4.57 34.25
N SER B 148 14.91 -4.00 33.09
CA SER B 148 13.86 -3.51 32.21
C SER B 148 13.27 -4.67 31.40
N ASN B 149 12.88 -5.73 32.11
CA ASN B 149 12.20 -6.86 31.50
C ASN B 149 11.07 -7.37 32.39
N GLY B 150 10.60 -6.58 33.35
CA GLY B 150 9.67 -7.07 34.33
C GLY B 150 10.27 -8.04 35.32
N GLN B 151 11.59 -8.00 35.52
CA GLN B 151 12.27 -8.94 36.39
C GLN B 151 13.05 -8.15 37.44
N LEU B 152 12.87 -8.52 38.70
CA LEU B 152 13.70 -8.01 39.79
C LEU B 152 14.63 -9.14 40.23
N GLN B 153 15.92 -8.84 40.32
CA GLN B 153 16.93 -9.83 40.65
C GLN B 153 17.57 -9.48 41.98
N ALA B 154 17.72 -10.50 42.83
CA ALA B 154 18.37 -10.36 44.12
C ALA B 154 19.81 -10.85 44.01
N LEU B 155 20.75 -9.92 44.04
CA LEU B 155 22.16 -10.22 43.90
C LEU B 155 22.82 -10.21 45.27
N ASN B 156 23.54 -11.28 45.58
CA ASN B 156 24.26 -11.35 46.84
C ASN B 156 25.32 -10.26 46.89
N GLU B 157 25.36 -9.54 48.01
CA GLU B 157 26.30 -8.43 48.14
C GLU B 157 27.75 -8.90 48.06
N ALA B 158 28.04 -10.05 48.65
CA ALA B 158 29.41 -10.57 48.64
C ALA B 158 29.85 -10.89 47.22
N ASP B 159 29.07 -11.69 46.50
CA ASP B 159 29.42 -12.08 45.13
C ASP B 159 28.25 -12.72 44.41
N GLY B 160 27.90 -12.15 43.24
CA GLY B 160 26.90 -12.72 42.35
C GLY B 160 25.67 -13.31 43.00
N ALA B 161 25.38 -14.56 42.66
CA ALA B 161 24.33 -15.34 43.31
C ALA B 161 22.96 -14.66 43.19
N VAL B 162 22.48 -14.56 41.95
CA VAL B 162 21.12 -14.08 41.73
C VAL B 162 20.16 -15.06 42.37
N LYS B 163 19.51 -14.62 43.45
CA LYS B 163 18.73 -15.55 44.27
C LYS B 163 17.36 -15.83 43.67
N TRP B 164 16.54 -14.80 43.52
CA TRP B 164 15.20 -14.97 42.96
C TRP B 164 15.01 -14.05 41.77
N THR B 165 14.20 -14.51 40.82
CA THR B 165 13.84 -13.75 39.62
C THR B 165 12.32 -13.67 39.60
N VAL B 166 11.78 -12.56 40.11
CA VAL B 166 10.34 -12.38 40.12
C VAL B 166 9.90 -11.86 38.75
N ASN B 167 8.66 -12.18 38.38
CA ASN B 167 8.14 -11.88 37.05
C ASN B 167 7.09 -10.78 37.15
N LEU B 168 7.23 -9.77 36.30
CA LEU B 168 6.26 -8.69 36.20
C LEU B 168 5.66 -8.70 34.78
N ASP B 169 4.84 -7.70 34.49
CA ASP B 169 4.18 -7.60 33.20
C ASP B 169 4.48 -6.25 32.57
N MET B 170 4.99 -6.28 31.34
CA MET B 170 5.39 -5.08 30.62
C MET B 170 4.43 -4.83 29.47
N PRO B 171 3.54 -3.84 29.56
CA PRO B 171 2.80 -3.42 28.37
C PRO B 171 3.78 -2.88 27.33
N SER B 172 3.52 -3.20 26.06
CA SER B 172 4.55 -2.97 25.06
C SER B 172 4.59 -1.53 24.58
N LEU B 173 4.54 -0.58 25.52
CA LEU B 173 5.03 0.77 25.23
C LEU B 173 5.62 1.39 26.49
N SER B 174 6.17 0.59 27.39
CA SER B 174 6.63 1.09 28.68
C SER B 174 7.71 2.15 28.49
N LEU B 175 7.57 3.25 29.23
CA LEU B 175 8.56 4.32 29.16
C LEU B 175 9.76 3.98 30.03
N ARG B 176 10.91 4.54 29.65
CA ARG B 176 12.16 4.21 30.32
C ARG B 176 12.22 4.82 31.71
N GLY B 177 13.22 4.37 32.48
CA GLY B 177 13.41 4.87 33.82
C GLY B 177 12.52 4.18 34.83
N GLU B 178 12.57 2.86 34.87
CA GLU B 178 11.73 2.09 35.78
C GLU B 178 12.05 2.45 37.22
N SER B 179 11.03 2.32 38.08
CA SER B 179 11.17 2.70 39.47
C SER B 179 12.18 1.80 40.19
N ALA B 180 12.74 2.33 41.26
CA ALA B 180 13.72 1.62 42.06
C ALA B 180 13.08 1.08 43.33
N PRO B 181 13.52 -0.08 43.81
CA PRO B 181 12.94 -0.65 45.03
C PRO B 181 13.46 0.02 46.29
N THR B 182 12.69 -0.12 47.35
CA THR B 182 13.04 0.43 48.66
C THR B 182 13.00 -0.68 49.69
N THR B 183 13.99 -0.69 50.58
CA THR B 183 14.11 -1.73 51.60
C THR B 183 13.68 -1.19 52.95
N ALA B 184 12.80 -1.93 53.63
CA ALA B 184 12.34 -1.56 54.95
C ALA B 184 11.72 -2.75 55.67
N PHE B 185 12.31 -3.16 56.78
CA PHE B 185 11.77 -4.24 57.62
C PHE B 185 11.56 -5.52 56.82
N GLY B 186 12.45 -5.78 55.87
CA GLY B 186 12.32 -6.94 55.02
C GLY B 186 11.35 -6.78 53.88
N ALA B 187 10.73 -5.62 53.74
CA ALA B 187 9.72 -5.38 52.71
C ALA B 187 10.30 -4.49 51.62
N ALA B 188 10.17 -4.94 50.38
CA ALA B 188 10.58 -4.16 49.22
C ALA B 188 9.36 -3.49 48.61
N VAL B 189 9.39 -2.17 48.52
CA VAL B 189 8.34 -1.42 47.84
C VAL B 189 8.90 -1.00 46.48
N VAL B 190 8.40 -1.64 45.43
CA VAL B 190 8.90 -1.40 44.08
C VAL B 190 7.71 -1.33 43.13
N GLY B 191 7.78 -0.39 42.19
CA GLY B 191 6.76 -0.25 41.18
C GLY B 191 7.22 -0.74 39.82
N GLY B 192 6.26 -1.17 39.00
CA GLY B 192 6.54 -1.71 37.68
C GLY B 192 6.06 -0.76 36.59
N ASP B 193 6.23 -1.21 35.36
CA ASP B 193 5.78 -0.43 34.22
C ASP B 193 4.34 -0.68 33.87
N ASN B 194 3.61 -1.40 34.72
CA ASN B 194 2.19 -1.68 34.51
C ASN B 194 1.29 -0.95 35.50
N GLY B 195 1.82 0.05 36.19
CA GLY B 195 1.02 0.84 37.11
C GLY B 195 0.56 0.10 38.34
N ARG B 196 1.27 -0.94 38.75
CA ARG B 196 0.93 -1.72 39.93
C ARG B 196 2.15 -1.90 40.81
N VAL B 197 2.02 -1.58 42.10
CA VAL B 197 3.11 -1.63 43.06
C VAL B 197 2.90 -2.79 44.01
N SER B 198 3.94 -3.60 44.22
CA SER B 198 3.85 -4.80 45.01
C SER B 198 5.04 -4.91 45.95
N ALA B 199 4.89 -5.75 46.98
CA ALA B 199 5.91 -5.96 48.00
C ALA B 199 6.46 -7.38 47.91
N VAL B 200 7.76 -7.52 48.16
CA VAL B 200 8.43 -8.81 48.17
C VAL B 200 9.44 -8.84 49.31
N LEU B 201 9.54 -9.98 49.98
CA LEU B 201 10.46 -10.17 51.09
C LEU B 201 11.88 -10.38 50.59
N MET B 202 12.86 -9.76 51.26
CA MET B 202 14.25 -9.92 50.88
C MET B 202 14.94 -11.07 51.60
N GLU B 203 14.37 -12.27 51.54
CA GLU B 203 15.14 -13.47 51.90
C GLU B 203 14.88 -14.65 50.98
N GLN B 204 13.73 -14.72 50.30
CA GLN B 204 13.42 -15.83 49.43
C GLN B 204 12.77 -15.42 48.12
N GLY B 205 12.14 -14.25 48.03
CA GLY B 205 11.52 -13.82 46.80
C GLY B 205 10.08 -14.27 46.63
N GLN B 206 9.23 -13.94 47.60
CA GLN B 206 7.81 -14.23 47.53
C GLN B 206 7.02 -12.94 47.41
N MET B 207 6.07 -12.91 46.48
CA MET B 207 5.27 -11.72 46.26
C MET B 207 4.22 -11.62 47.36
N ILE B 208 4.24 -10.49 48.07
CA ILE B 208 3.41 -10.33 49.27
C ILE B 208 2.01 -9.87 48.89
N TRP B 209 1.90 -8.69 48.29
CA TRP B 209 0.61 -8.16 47.90
C TRP B 209 0.81 -7.16 46.78
N GLN B 210 -0.13 -7.15 45.84
CA GLN B 210 -0.06 -6.32 44.64
C GLN B 210 -1.26 -5.39 44.62
N GLN B 211 -1.01 -4.10 44.37
CA GLN B 211 -2.07 -3.11 44.31
C GLN B 211 -1.82 -2.17 43.13
N ARG B 212 -2.90 -1.81 42.44
CA ARG B 212 -2.83 -0.99 41.23
C ARG B 212 -3.38 0.40 41.51
N ILE B 213 -2.64 1.43 41.10
CA ILE B 213 -3.06 2.81 41.30
C ILE B 213 -3.33 3.53 39.98
N SER B 214 -2.53 3.28 38.94
CA SER B 214 -2.63 4.04 37.70
C SER B 214 -3.98 3.81 37.05
N GLN B 215 -4.79 4.86 36.96
CA GLN B 215 -6.10 4.80 36.33
C GLN B 215 -6.08 5.73 35.12
N ALA B 216 -5.64 5.18 33.98
CA ALA B 216 -5.63 5.92 32.72
C ALA B 216 -6.80 5.45 31.87
N THR B 217 -7.96 6.06 32.14
CA THR B 217 -9.19 5.76 31.39
C THR B 217 -9.32 6.65 30.16
N GLY B 218 -8.25 6.77 29.40
CA GLY B 218 -8.23 7.66 28.26
C GLY B 218 -8.84 7.03 27.03
N SER B 219 -8.91 7.86 25.98
CA SER B 219 -9.50 7.40 24.72
C SER B 219 -8.67 6.31 24.07
N THR B 220 -7.35 6.47 24.03
CA THR B 220 -6.46 5.53 23.39
C THR B 220 -5.56 4.88 24.44
N GLU B 221 -5.81 3.61 24.73
CA GLU B 221 -5.08 2.89 25.77
C GLU B 221 -3.60 2.79 25.46
N ILE B 222 -3.23 2.68 24.19
CA ILE B 222 -1.81 2.54 23.83
C ILE B 222 -1.02 3.75 24.30
N ASP B 223 -1.56 4.95 24.08
CA ASP B 223 -0.93 6.16 24.58
C ASP B 223 -1.18 6.36 26.07
N ARG B 224 -2.07 5.57 26.66
CA ARG B 224 -2.23 5.56 28.12
C ARG B 224 -1.21 4.59 28.70
N LEU B 225 0.00 5.12 28.93
CA LEU B 225 1.05 4.32 29.53
C LEU B 225 0.77 4.08 31.00
N SER B 226 0.74 5.13 31.80
CA SER B 226 0.33 5.07 33.21
C SER B 226 1.14 4.03 33.97
N ASP B 227 2.44 4.27 34.06
CA ASP B 227 3.34 3.39 34.78
C ASP B 227 3.96 4.13 35.95
N VAL B 228 4.25 3.38 37.00
CA VAL B 228 4.90 3.92 38.20
C VAL B 228 6.40 3.75 38.04
N ASP B 229 7.09 4.87 37.84
CA ASP B 229 8.52 4.87 37.57
C ASP B 229 9.22 5.90 38.44
N THR B 230 8.86 5.94 39.73
CA THR B 230 9.49 6.81 40.70
C THR B 230 9.86 6.01 41.93
N THR B 231 10.89 6.45 42.62
CA THR B 231 11.30 5.76 43.84
C THR B 231 10.26 6.01 44.94
N PRO B 232 9.63 4.97 45.48
CA PRO B 232 8.68 5.18 46.57
C PRO B 232 9.39 5.62 47.84
N VAL B 233 8.65 6.31 48.70
CA VAL B 233 9.15 6.70 50.01
C VAL B 233 8.14 6.27 51.06
N VAL B 234 8.64 5.97 52.25
CA VAL B 234 7.83 5.49 53.34
C VAL B 234 8.10 6.36 54.57
N VAL B 235 7.04 6.77 55.25
CA VAL B 235 7.12 7.47 56.52
C VAL B 235 6.29 6.69 57.52
N ASN B 236 6.91 6.29 58.63
CA ASN B 236 6.29 5.40 59.62
C ASN B 236 5.84 4.15 58.87
N GLY B 237 4.56 3.81 58.87
CA GLY B 237 4.06 2.63 58.19
C GLY B 237 3.30 2.88 56.91
N VAL B 238 3.41 4.06 56.31
CA VAL B 238 2.69 4.40 55.09
C VAL B 238 3.69 4.77 54.02
N VAL B 239 3.47 4.26 52.81
CA VAL B 239 4.38 4.45 51.68
C VAL B 239 3.69 5.33 50.66
N PHE B 240 4.50 5.96 49.80
CA PHE B 240 4.00 6.88 48.79
C PHE B 240 4.33 6.36 47.40
N ALA B 241 3.40 6.57 46.47
CA ALA B 241 3.56 6.06 45.12
C ALA B 241 3.05 7.09 44.12
N LEU B 242 3.56 7.00 42.89
CA LEU B 242 3.23 7.93 41.81
C LEU B 242 3.24 7.20 40.48
N ALA B 243 2.18 7.36 39.71
CA ALA B 243 2.14 6.88 38.34
C ALA B 243 2.47 8.02 37.38
N TYR B 244 2.77 7.64 36.13
CA TYR B 244 3.04 8.65 35.11
C TYR B 244 1.83 9.52 34.82
N ASN B 245 0.64 8.91 34.71
CA ASN B 245 -0.54 9.65 34.30
C ASN B 245 -1.47 9.97 35.46
N GLY B 246 -0.93 10.17 36.66
CA GLY B 246 -1.74 10.63 37.76
C GLY B 246 -1.60 9.72 38.95
N ASN B 247 -2.60 9.81 39.83
CA ASN B 247 -2.77 8.90 40.97
C ASN B 247 -1.61 8.98 41.97
N LEU B 248 -1.44 10.18 42.53
CA LEU B 248 -0.81 10.26 43.84
C LEU B 248 -1.60 9.43 44.84
N THR B 249 -0.90 8.60 45.62
CA THR B 249 -1.57 7.68 46.50
C THR B 249 -0.71 7.42 47.73
N ALA B 250 -1.34 7.48 48.90
CA ALA B 250 -0.75 7.00 50.15
C ALA B 250 -1.57 5.79 50.59
N LEU B 251 -0.88 4.74 51.04
CA LEU B 251 -1.56 3.48 51.27
C LEU B 251 -0.84 2.69 52.35
N ASP B 252 -1.57 1.71 52.90
CA ASP B 252 -1.05 0.88 53.97
C ASP B 252 0.03 -0.08 53.46
N LEU B 253 1.13 -0.17 54.21
CA LEU B 253 2.19 -1.09 53.83
C LEU B 253 1.82 -2.54 54.14
N ARG B 254 1.18 -2.77 55.29
CA ARG B 254 0.84 -4.13 55.69
C ARG B 254 -0.21 -4.75 54.77
N SER B 255 -1.07 -3.93 54.17
CA SER B 255 -2.17 -4.45 53.36
C SER B 255 -2.14 -3.83 51.97
N GLY B 256 -3.18 -4.11 51.17
CA GLY B 256 -3.37 -3.45 49.90
C GLY B 256 -4.44 -2.38 49.99
N GLN B 257 -4.45 -1.66 51.11
CA GLN B 257 -5.51 -0.70 51.41
C GLN B 257 -4.99 0.72 51.20
N ILE B 258 -5.74 1.52 50.46
CA ILE B 258 -5.38 2.90 50.17
C ILE B 258 -6.20 3.82 51.05
N MET B 259 -5.53 4.65 51.85
CA MET B 259 -6.26 5.59 52.69
C MET B 259 -6.91 6.68 51.83
N TRP B 260 -6.16 7.27 50.92
CA TRP B 260 -6.65 8.36 50.09
C TRP B 260 -5.71 8.51 48.90
N LYS B 261 -6.17 9.26 47.90
CA LYS B 261 -5.40 9.50 46.70
C LYS B 261 -5.64 10.91 46.19
N ARG B 262 -4.65 11.46 45.50
CA ARG B 262 -4.77 12.74 44.82
C ARG B 262 -4.57 12.52 43.33
N GLU B 263 -5.63 12.72 42.56
CA GLU B 263 -5.58 12.40 41.14
C GLU B 263 -4.70 13.36 40.35
N LEU B 264 -4.13 14.37 41.00
CA LEU B 264 -3.22 15.26 40.29
C LEU B 264 -2.06 14.49 39.67
N GLY B 265 -1.41 13.64 40.47
CA GLY B 265 -0.34 12.76 40.03
C GLY B 265 0.61 13.34 39.00
N SER B 266 0.88 12.58 37.94
CA SER B 266 1.68 13.02 36.80
C SER B 266 3.05 13.51 37.26
N VAL B 267 3.70 12.71 38.10
CA VAL B 267 5.01 13.03 38.64
C VAL B 267 5.94 11.84 38.42
N ASN B 268 7.22 12.14 38.15
CA ASN B 268 8.21 11.10 37.92
C ASN B 268 9.24 11.00 39.05
N ASP B 269 9.28 11.96 39.96
CA ASP B 269 10.28 12.00 41.03
C ASP B 269 9.86 13.06 42.04
N PHE B 270 10.08 12.77 43.33
CA PHE B 270 9.52 13.60 44.39
C PHE B 270 10.34 13.44 45.65
N ILE B 271 9.97 14.21 46.67
CA ILE B 271 10.66 14.22 47.96
C ILE B 271 9.65 14.47 49.06
N VAL B 272 10.03 14.12 50.29
CA VAL B 272 9.20 14.28 51.47
C VAL B 272 10.02 14.88 52.59
N ASP B 273 9.44 15.83 53.33
CA ASP B 273 10.07 16.40 54.50
C ASP B 273 9.78 15.63 55.77
N GLY B 274 8.75 14.78 55.76
CA GLY B 274 8.19 14.20 56.96
C GLY B 274 6.94 14.88 57.45
N ASN B 275 6.70 16.12 57.02
CA ASN B 275 5.43 16.80 57.27
C ASN B 275 4.85 17.48 56.04
N ARG B 276 5.67 17.83 55.05
CA ARG B 276 5.20 18.43 53.80
C ARG B 276 5.90 17.75 52.65
N ILE B 277 5.13 17.15 51.75
CA ILE B 277 5.71 16.47 50.60
C ILE B 277 5.88 17.47 49.46
N TYR B 278 6.82 17.18 48.58
CA TYR B 278 7.06 17.99 47.40
C TYR B 278 7.21 17.09 46.18
N LEU B 279 6.93 17.67 45.01
CA LEU B 279 6.81 16.89 43.79
C LEU B 279 6.87 17.83 42.60
N VAL B 280 7.09 17.24 41.42
CA VAL B 280 7.19 17.98 40.17
C VAL B 280 6.24 17.37 39.16
N ASP B 281 5.30 18.16 38.66
CA ASP B 281 4.30 17.66 37.72
C ASP B 281 4.95 17.36 36.37
N GLN B 282 4.19 16.65 35.52
CA GLN B 282 4.57 16.53 34.12
C GLN B 282 4.68 17.88 33.45
N ASN B 283 3.89 18.85 33.93
CA ASN B 283 3.89 20.21 33.40
C ASN B 283 4.88 21.11 34.12
N ASP B 284 5.86 20.53 34.81
CA ASP B 284 6.86 21.29 35.58
C ASP B 284 6.19 22.26 36.55
N ARG B 285 5.18 21.76 37.25
CA ARG B 285 4.44 22.55 38.23
C ARG B 285 4.78 22.03 39.62
N VAL B 286 5.34 22.91 40.45
CA VAL B 286 5.71 22.55 41.81
C VAL B 286 4.51 22.77 42.72
N MET B 287 4.32 21.88 43.68
CA MET B 287 3.17 21.95 44.56
C MET B 287 3.48 21.18 45.84
N ALA B 288 2.97 21.67 46.96
CA ALA B 288 3.14 21.04 48.25
C ALA B 288 1.79 20.50 48.73
N LEU B 289 1.81 19.30 49.31
CA LEU B 289 0.60 18.64 49.75
C LEU B 289 0.71 18.29 51.22
N THR B 290 -0.44 18.23 51.88
CA THR B 290 -0.50 17.80 53.27
C THR B 290 -0.42 16.29 53.34
N ILE B 291 0.52 15.78 54.13
CA ILE B 291 0.68 14.34 54.28
C ILE B 291 -0.54 13.72 54.96
N ASP B 292 -1.32 14.51 55.70
CA ASP B 292 -2.46 13.96 56.42
C ASP B 292 -3.57 13.56 55.47
N GLY B 293 -3.94 14.44 54.54
CA GLY B 293 -5.08 14.19 53.68
C GLY B 293 -4.93 14.65 52.25
N GLY B 294 -3.71 15.01 51.85
CA GLY B 294 -3.48 15.44 50.49
C GLY B 294 -4.05 16.79 50.15
N VAL B 295 -4.14 17.70 51.12
CA VAL B 295 -4.60 19.05 50.84
C VAL B 295 -3.47 19.83 50.18
N THR B 296 -3.80 20.56 49.12
CA THR B 296 -2.82 21.37 48.40
C THR B 296 -2.33 22.48 49.31
N LEU B 297 -1.10 22.33 49.82
CA LEU B 297 -0.53 23.36 50.69
C LEU B 297 -0.33 24.67 49.92
N TRP B 298 0.30 24.59 48.75
CA TRP B 298 0.54 25.74 47.90
C TRP B 298 1.13 25.23 46.58
N THR B 299 1.27 26.15 45.63
CA THR B 299 1.81 25.79 44.32
C THR B 299 2.43 27.02 43.68
N GLN B 300 3.27 26.76 42.68
CA GLN B 300 3.87 27.82 41.86
C GLN B 300 3.95 27.29 40.43
N SER B 301 2.99 27.68 39.60
CA SER B 301 2.89 27.20 38.23
C SER B 301 3.64 28.09 37.25
N ASP B 302 4.66 28.80 37.72
CA ASP B 302 5.43 29.67 36.84
C ASP B 302 6.12 28.88 35.74
N LEU B 303 6.70 27.74 36.08
CA LEU B 303 7.41 26.93 35.12
C LEU B 303 6.46 25.99 34.39
N LEU B 304 6.77 25.73 33.12
CA LEU B 304 5.93 24.88 32.29
C LEU B 304 6.78 24.32 31.16
N HIS B 305 7.05 23.02 31.20
CA HIS B 305 7.78 22.31 30.14
C HIS B 305 9.19 22.86 29.93
N ARG B 306 9.93 23.01 31.03
CA ARG B 306 11.33 23.41 30.92
C ARG B 306 12.30 22.24 31.09
N LEU B 307 11.79 21.01 31.20
CA LEU B 307 12.62 19.82 31.40
C LEU B 307 13.45 19.95 32.69
N LEU B 308 12.72 19.95 33.80
CA LEU B 308 13.33 20.13 35.11
C LEU B 308 14.01 18.85 35.57
N THR B 309 14.42 18.84 36.83
CA THR B 309 15.02 17.68 37.47
C THR B 309 14.26 17.37 38.76
N SER B 310 14.81 16.47 39.56
CA SER B 310 14.16 16.08 40.80
C SER B 310 14.21 17.21 41.82
N PRO B 311 13.19 17.36 42.65
CA PRO B 311 13.25 18.37 43.72
C PRO B 311 14.09 17.88 44.90
N VAL B 312 14.90 18.77 45.43
CA VAL B 312 15.77 18.48 46.56
C VAL B 312 15.67 19.62 47.57
N LEU B 313 15.55 19.28 48.85
CA LEU B 313 15.54 20.26 49.92
C LEU B 313 16.97 20.41 50.44
N TYR B 314 17.41 21.66 50.56
CA TYR B 314 18.76 21.95 51.06
C TYR B 314 18.70 23.21 51.90
N ASN B 315 19.12 23.09 53.17
CA ASN B 315 19.23 24.24 54.08
C ASN B 315 17.93 25.02 54.17
N GLY B 316 16.81 24.29 54.18
CA GLY B 316 15.51 24.92 54.22
C GLY B 316 15.05 25.50 52.90
N ASN B 317 15.69 25.14 51.79
CA ASN B 317 15.36 25.67 50.48
C ASN B 317 15.23 24.53 49.48
N LEU B 318 14.34 24.73 48.51
CA LEU B 318 14.12 23.75 47.44
C LEU B 318 14.95 24.15 46.22
N VAL B 319 15.63 23.17 45.64
CA VAL B 319 16.55 23.40 44.53
C VAL B 319 16.18 22.49 43.38
N VAL B 320 16.23 23.01 42.16
CA VAL B 320 15.96 22.24 40.96
C VAL B 320 16.53 22.98 39.76
N GLY B 321 17.08 22.23 38.81
CA GLY B 321 17.66 22.79 37.61
C GLY B 321 16.83 22.50 36.38
N ASP B 322 17.40 22.85 35.22
CA ASP B 322 16.74 22.64 33.94
C ASP B 322 17.79 22.34 32.88
N SER B 323 17.32 21.94 31.70
CA SER B 323 18.22 21.59 30.61
C SER B 323 19.06 22.79 30.17
N GLU B 324 18.53 24.00 30.36
CA GLU B 324 19.27 25.21 30.00
C GLU B 324 20.44 25.50 30.93
N GLY B 325 20.57 24.75 32.02
CA GLY B 325 21.63 24.95 32.98
C GLY B 325 21.30 25.90 34.11
N TYR B 326 20.11 26.49 34.09
CA TYR B 326 19.71 27.42 35.13
C TYR B 326 19.48 26.66 36.43
N LEU B 327 19.83 27.29 37.55
CA LEU B 327 19.58 26.72 38.87
C LEU B 327 18.58 27.58 39.61
N HIS B 328 17.61 26.93 40.25
CA HIS B 328 16.51 27.61 40.91
C HIS B 328 16.54 27.32 42.40
N TRP B 329 16.49 28.38 43.20
CA TRP B 329 16.32 28.28 44.65
C TRP B 329 14.89 28.72 44.96
N ILE B 330 14.05 27.79 45.37
CA ILE B 330 12.63 28.04 45.54
C ILE B 330 12.30 28.10 47.03
N ASN B 331 11.50 29.10 47.41
CA ASN B 331 11.17 29.30 48.81
C ASN B 331 10.43 28.09 49.37
N VAL B 332 10.74 27.77 50.63
CA VAL B 332 10.12 26.61 51.27
C VAL B 332 8.63 26.85 51.49
N GLU B 333 8.21 28.10 51.68
CA GLU B 333 6.81 28.43 51.92
C GLU B 333 6.26 29.19 50.72
N ASP B 334 5.21 28.63 50.11
CA ASP B 334 4.47 29.26 49.01
C ASP B 334 5.32 29.35 47.75
N GLY B 335 6.60 29.01 47.85
CA GLY B 335 7.49 29.06 46.70
C GLY B 335 7.86 30.48 46.33
N ARG B 336 9.10 30.69 45.91
CA ARG B 336 9.55 31.99 45.43
C ARG B 336 10.94 31.82 44.83
N PHE B 337 11.19 32.54 43.73
CA PHE B 337 12.47 32.45 43.03
C PHE B 337 13.51 33.19 43.85
N VAL B 338 14.09 32.48 44.83
CA VAL B 338 15.07 33.11 45.72
C VAL B 338 16.30 33.53 44.94
N ALA B 339 16.77 32.67 44.03
CA ALA B 339 17.93 33.02 43.21
C ALA B 339 17.94 32.14 41.96
N GLN B 340 18.52 32.68 40.90
CA GLN B 340 18.71 31.95 39.65
C GLN B 340 20.19 31.97 39.28
N GLN B 341 20.68 30.85 38.77
CA GLN B 341 22.10 30.69 38.49
C GLN B 341 22.28 29.84 37.24
N LYS B 342 22.75 30.47 36.16
CA LYS B 342 23.15 29.74 34.96
C LYS B 342 24.49 29.07 35.24
N VAL B 343 24.45 27.84 35.74
CA VAL B 343 25.67 27.15 36.16
C VAL B 343 26.33 26.38 35.02
N ASP B 344 25.64 26.19 33.90
CA ASP B 344 26.20 25.44 32.79
C ASP B 344 25.33 25.65 31.56
N SER B 345 25.87 25.28 30.40
CA SER B 345 25.13 25.26 29.15
C SER B 345 25.09 23.89 28.51
N SER B 346 25.69 22.87 29.14
CA SER B 346 25.73 21.54 28.55
C SER B 346 24.35 20.88 28.58
N GLY B 347 23.65 20.97 29.69
CA GLY B 347 22.35 20.34 29.84
C GLY B 347 22.27 19.54 31.11
N PHE B 348 21.04 19.37 31.61
CA PHE B 348 20.80 18.67 32.87
C PHE B 348 19.62 17.73 32.70
N GLN B 349 19.83 16.46 33.04
CA GLN B 349 18.73 15.50 33.15
C GLN B 349 18.87 14.59 34.35
N THR B 350 19.91 14.74 35.16
CA THR B 350 20.14 13.88 36.31
C THR B 350 19.48 14.48 37.55
N GLU B 351 19.37 13.66 38.60
CA GLU B 351 18.73 14.08 39.83
C GLU B 351 19.74 14.70 40.77
N PRO B 352 19.51 15.92 41.26
CA PRO B 352 20.41 16.49 42.26
C PRO B 352 20.37 15.70 43.56
N VAL B 353 21.47 15.74 44.29
CA VAL B 353 21.57 15.07 45.58
C VAL B 353 22.28 15.99 46.56
N ALA B 354 21.78 16.04 47.79
CA ALA B 354 22.35 16.85 48.85
C ALA B 354 22.67 15.95 50.03
N ALA B 355 23.93 15.95 50.45
CA ALA B 355 24.34 15.10 51.56
C ALA B 355 25.45 15.79 52.34
N ASP B 356 25.55 15.44 53.62
CA ASP B 356 26.58 15.97 54.51
C ASP B 356 26.58 17.50 54.52
N GLY B 357 25.38 18.08 54.50
CA GLY B 357 25.26 19.53 54.50
C GLY B 357 25.81 20.17 53.25
N LYS B 358 25.88 19.42 52.15
CA LYS B 358 26.39 19.93 50.89
C LYS B 358 25.34 19.67 49.82
N LEU B 359 25.69 19.95 48.57
CA LEU B 359 24.75 19.76 47.47
C LEU B 359 25.54 19.36 46.23
N LEU B 360 25.05 18.35 45.53
CA LEU B 360 25.75 17.78 44.39
C LEU B 360 24.85 17.76 43.16
N ILE B 361 25.42 18.11 42.01
CA ILE B 361 24.71 18.11 40.73
C ILE B 361 25.68 17.73 39.64
N GLN B 362 25.16 17.09 38.60
CA GLN B 362 25.95 16.70 37.44
C GLN B 362 25.24 17.17 36.18
N ALA B 363 26.00 17.70 35.23
CA ALA B 363 25.49 18.12 33.95
C ALA B 363 25.81 17.07 32.89
N LYS B 364 25.31 17.30 31.68
CA LYS B 364 25.53 16.35 30.58
C LYS B 364 27.02 16.25 30.23
N ASP B 365 27.73 17.37 30.22
CA ASP B 365 29.13 17.38 29.84
C ASP B 365 30.05 17.95 30.90
N GLY B 366 29.62 18.99 31.61
CA GLY B 366 30.44 19.57 32.66
C GLY B 366 30.59 18.66 33.88
N THR B 367 29.76 17.63 33.97
CA THR B 367 29.81 16.63 35.03
C THR B 367 29.60 17.34 36.37
N VAL B 368 30.48 17.15 37.36
CA VAL B 368 30.21 17.64 38.70
C VAL B 368 30.28 19.16 38.74
N TYR B 369 29.33 19.76 39.44
CA TYR B 369 29.39 21.17 39.83
C TYR B 369 29.04 21.28 41.31
N SER B 370 30.05 21.51 42.13
CA SER B 370 29.86 21.61 43.57
C SER B 370 29.14 22.92 43.87
N ILE B 371 28.04 22.81 44.63
CA ILE B 371 27.16 23.94 44.87
C ILE B 371 27.39 24.45 46.29
N THR B 372 27.66 25.74 46.41
CA THR B 372 27.90 26.38 47.70
C THR B 372 27.52 27.85 47.57
N ARG B 373 27.12 28.44 48.70
CA ARG B 373 26.76 29.85 48.74
C ARG B 373 27.88 30.73 48.21
N CYS C 1 -16.75 18.34 -37.52
CA CYS C 1 -17.59 19.42 -38.02
C CYS C 1 -18.59 19.87 -36.96
N SER C 2 -19.86 19.54 -37.16
CA SER C 2 -20.93 19.92 -36.26
C SER C 2 -21.26 18.76 -35.34
N SER C 3 -21.89 19.08 -34.21
CA SER C 3 -22.25 18.08 -33.21
C SER C 3 -23.51 17.34 -33.66
N ASP C 4 -24.12 16.60 -32.73
CA ASP C 4 -25.32 15.85 -33.05
C ASP C 4 -26.46 16.79 -33.41
N SER C 5 -27.41 16.26 -34.19
CA SER C 5 -28.54 17.04 -34.70
C SER C 5 -29.36 17.56 -33.53
N ARG C 6 -29.32 18.88 -33.32
CA ARG C 6 -30.07 19.58 -32.27
C ARG C 6 -29.57 19.23 -30.88
N TYR C 7 -28.65 18.28 -30.79
CA TYR C 7 -27.98 17.88 -29.55
C TYR C 7 -28.90 17.83 -28.33
N LYS C 8 -30.15 17.41 -28.54
CA LYS C 8 -31.09 17.24 -27.45
C LYS C 8 -31.98 16.04 -27.78
N ARG C 9 -32.11 15.12 -26.82
CA ARG C 9 -32.96 13.94 -26.95
C ARG C 9 -32.45 13.00 -28.05
N GLN C 10 -31.14 12.75 -28.06
CA GLN C 10 -30.55 11.80 -28.98
C GLN C 10 -29.48 10.97 -28.26
N VAL C 11 -29.22 9.79 -28.81
CA VAL C 11 -28.14 8.96 -28.30
C VAL C 11 -26.80 9.60 -28.65
N SER C 12 -25.84 9.49 -27.74
CA SER C 12 -24.53 10.07 -27.99
C SER C 12 -23.81 9.40 -29.14
N GLY C 13 -24.14 8.14 -29.40
CA GLY C 13 -23.45 7.37 -30.43
C GLY C 13 -24.09 7.51 -31.79
N ASP C 14 -23.82 6.51 -32.63
CA ASP C 14 -24.28 6.51 -34.01
C ASP C 14 -25.70 5.95 -34.09
N GLU C 15 -26.12 5.63 -35.31
CA GLU C 15 -27.41 5.01 -35.56
C GLU C 15 -27.29 3.74 -36.41
N ALA C 16 -26.12 3.47 -36.98
CA ALA C 16 -25.94 2.33 -37.87
C ALA C 16 -26.13 0.99 -37.20
N TYR C 17 -26.43 0.94 -35.90
CA TYR C 17 -26.65 -0.34 -35.25
C TYR C 17 -27.94 -1.00 -35.71
N LEU C 18 -28.83 -0.24 -36.36
CA LEU C 18 -30.10 -0.78 -36.84
C LEU C 18 -29.93 -1.78 -37.96
N GLU C 19 -28.75 -1.85 -38.58
CA GLU C 19 -28.50 -2.73 -39.71
C GLU C 19 -28.13 -4.14 -39.29
N ALA C 20 -28.45 -4.55 -38.07
CA ALA C 20 -28.16 -5.92 -37.65
C ALA C 20 -29.03 -6.91 -38.39
N ALA C 21 -28.46 -8.09 -38.67
CA ALA C 21 -29.18 -9.11 -39.40
C ALA C 21 -30.30 -9.70 -38.55
N PRO C 22 -31.35 -10.23 -39.17
CA PRO C 22 -32.42 -10.87 -38.41
C PRO C 22 -31.95 -12.17 -37.80
N LEU C 23 -32.80 -12.72 -36.93
CA LEU C 23 -32.47 -13.90 -36.14
C LEU C 23 -33.28 -15.10 -36.62
N ALA C 24 -32.60 -16.21 -36.88
CA ALA C 24 -33.24 -17.46 -37.25
C ALA C 24 -32.53 -18.60 -36.55
N GLU C 25 -33.28 -19.39 -35.79
CA GLU C 25 -32.68 -20.47 -35.02
C GLU C 25 -32.20 -21.59 -35.93
N LEU C 26 -31.22 -22.34 -35.45
CA LEU C 26 -30.69 -23.48 -36.19
C LEU C 26 -31.48 -24.73 -35.82
N HIS C 27 -32.21 -25.28 -36.78
CA HIS C 27 -33.10 -26.39 -36.49
C HIS C 27 -32.31 -27.65 -36.17
N ALA C 28 -32.98 -28.57 -35.47
CA ALA C 28 -32.33 -29.80 -35.04
C ALA C 28 -32.00 -30.69 -36.24
N PRO C 29 -30.96 -31.52 -36.15
CA PRO C 29 -30.64 -32.42 -37.26
C PRO C 29 -31.59 -33.61 -37.33
N ALA C 30 -31.34 -34.52 -38.27
CA ALA C 30 -32.23 -35.66 -38.50
C ALA C 30 -31.83 -36.79 -37.56
N GLY C 31 -32.72 -37.10 -36.61
CA GLY C 31 -32.52 -38.24 -35.73
C GLY C 31 -31.32 -38.14 -34.81
N MET C 32 -31.03 -36.94 -34.31
CA MET C 32 -29.97 -36.76 -33.34
C MET C 32 -30.20 -35.43 -32.62
N ILE C 33 -29.80 -35.38 -31.35
CA ILE C 33 -30.10 -34.25 -30.49
C ILE C 33 -28.86 -33.38 -30.33
N LEU C 34 -29.09 -32.07 -30.11
CA LEU C 34 -28.12 -31.03 -29.80
C LEU C 34 -28.18 -30.68 -28.32
N PRO C 35 -27.05 -30.30 -27.72
CA PRO C 35 -27.05 -29.79 -26.35
C PRO C 35 -27.33 -28.30 -26.23
N VAL C 36 -27.73 -27.65 -27.33
CA VAL C 36 -27.82 -26.20 -27.37
C VAL C 36 -28.87 -25.66 -26.41
N THR C 37 -29.81 -26.49 -25.96
CA THR C 37 -30.82 -26.01 -25.02
C THR C 37 -30.21 -26.03 -23.62
N SER C 38 -29.16 -25.22 -23.42
CA SER C 38 -28.53 -25.09 -22.11
C SER C 38 -28.12 -23.64 -21.84
N GLY C 39 -28.48 -22.71 -22.71
CA GLY C 39 -28.04 -21.35 -22.58
C GLY C 39 -28.81 -20.57 -21.54
N ASP C 40 -28.47 -19.28 -21.45
CA ASP C 40 -29.11 -18.37 -20.51
C ASP C 40 -29.51 -17.03 -21.11
N TYR C 41 -28.90 -16.60 -22.21
CA TYR C 41 -29.21 -15.31 -22.83
C TYR C 41 -30.42 -15.49 -23.76
N ALA C 42 -31.59 -15.58 -23.16
CA ALA C 42 -32.84 -15.68 -23.89
C ALA C 42 -33.48 -14.31 -24.02
N ILE C 43 -33.94 -13.99 -25.23
CA ILE C 43 -34.52 -12.67 -25.53
C ILE C 43 -36.04 -12.83 -25.50
N PRO C 44 -36.74 -12.21 -24.56
CA PRO C 44 -38.21 -12.28 -24.57
C PRO C 44 -38.77 -11.64 -25.84
N VAL C 45 -39.88 -12.22 -26.31
CA VAL C 45 -40.56 -11.66 -27.48
C VAL C 45 -41.38 -10.45 -27.06
N THR C 46 -41.29 -9.38 -27.85
CA THR C 46 -42.00 -8.13 -27.56
C THR C 46 -42.61 -7.57 -28.84
N ASN C 47 -43.57 -6.68 -28.66
CA ASN C 47 -44.26 -6.04 -29.77
C ASN C 47 -43.42 -4.86 -30.28
N GLY C 48 -43.89 -4.24 -31.36
CA GLY C 48 -43.24 -3.06 -31.88
C GLY C 48 -43.84 -1.78 -31.33
N SER C 49 -44.19 -0.85 -32.21
CA SER C 49 -44.86 0.39 -31.84
C SER C 49 -44.08 1.15 -30.77
N GLY C 50 -42.76 1.19 -30.95
CA GLY C 50 -41.90 1.89 -30.00
C GLY C 50 -40.93 2.78 -30.74
N ALA C 51 -40.49 3.83 -30.05
CA ALA C 51 -39.54 4.75 -30.63
C ALA C 51 -38.21 4.03 -30.89
N VAL C 52 -37.66 4.28 -32.07
CA VAL C 52 -36.42 3.64 -32.49
C VAL C 52 -35.44 4.72 -32.96
N GLY C 53 -34.21 4.64 -32.47
CA GLY C 53 -33.19 5.56 -32.90
C GLY C 53 -33.49 6.99 -32.47
N LYS C 54 -33.45 7.90 -33.46
CA LYS C 54 -33.64 9.32 -33.17
C LYS C 54 -35.01 9.64 -32.61
N ALA C 55 -35.98 8.74 -32.77
CA ALA C 55 -37.30 8.93 -32.17
C ALA C 55 -37.27 8.85 -30.66
N LEU C 56 -36.16 8.40 -30.07
CA LEU C 56 -36.02 8.29 -28.61
C LEU C 56 -35.81 9.69 -28.04
N ASP C 57 -36.91 10.35 -27.66
CA ASP C 57 -36.85 11.68 -27.07
C ASP C 57 -36.56 11.57 -25.58
N ILE C 58 -35.34 11.14 -25.27
CA ILE C 58 -34.95 10.91 -23.88
C ILE C 58 -34.90 12.24 -23.14
N ARG C 59 -35.67 12.33 -22.04
CA ARG C 59 -35.73 13.51 -21.19
C ARG C 59 -36.06 13.06 -19.79
N PRO C 60 -35.56 13.73 -18.76
CA PRO C 60 -36.02 13.45 -17.39
C PRO C 60 -37.43 13.96 -17.20
N PRO C 61 -38.42 13.06 -17.07
CA PRO C 61 -39.82 13.48 -16.97
C PRO C 61 -40.22 13.85 -15.55
N GLU D 7 -20.91 27.92 -6.46
CA GLU D 7 -20.33 28.97 -7.28
C GLU D 7 -21.35 30.05 -7.59
N VAL D 8 -22.63 29.72 -7.44
CA VAL D 8 -23.73 30.63 -7.73
C VAL D 8 -24.24 31.24 -6.43
N PRO D 9 -24.84 32.43 -6.47
CA PRO D 9 -25.37 33.02 -5.23
C PRO D 9 -26.52 32.20 -4.67
N ASP D 10 -26.65 32.26 -3.35
CA ASP D 10 -27.71 31.51 -2.66
C ASP D 10 -29.06 32.12 -2.98
N ASN D 11 -29.96 31.32 -3.55
CA ASN D 11 -31.28 31.77 -3.93
C ASN D 11 -32.27 30.66 -3.61
N PRO D 12 -33.54 30.99 -3.45
CA PRO D 12 -34.58 29.96 -3.27
C PRO D 12 -34.65 29.04 -4.48
N PRO D 13 -35.27 27.87 -4.34
CA PRO D 13 -35.21 26.87 -5.42
C PRO D 13 -35.76 27.35 -6.75
N ASN D 14 -36.69 28.31 -6.74
CA ASN D 14 -37.44 28.64 -7.95
C ASN D 14 -36.54 29.13 -9.07
N GLU D 15 -35.89 30.28 -8.87
CA GLU D 15 -35.12 30.90 -9.94
C GLU D 15 -33.93 30.04 -10.34
N ILE D 16 -33.26 29.44 -9.36
CA ILE D 16 -32.08 28.62 -9.64
C ILE D 16 -32.46 27.38 -10.43
N TYR D 17 -33.55 26.70 -10.05
CA TYR D 17 -33.99 25.54 -10.83
C TYR D 17 -34.42 25.96 -12.23
N ALA D 18 -35.12 27.09 -12.34
CA ALA D 18 -35.59 27.54 -13.65
C ALA D 18 -34.43 27.85 -14.57
N THR D 19 -33.40 28.55 -14.07
CA THR D 19 -32.27 28.89 -14.92
C THR D 19 -31.43 27.67 -15.23
N ALA D 20 -31.31 26.73 -14.31
CA ALA D 20 -30.61 25.49 -14.62
C ALA D 20 -31.32 24.71 -15.71
N GLN D 21 -32.65 24.62 -15.63
CA GLN D 21 -33.40 23.91 -16.65
C GLN D 21 -33.32 24.63 -18.00
N GLN D 22 -33.36 25.96 -17.99
CA GLN D 22 -33.21 26.71 -19.24
C GLN D 22 -31.83 26.49 -19.84
N LYS D 23 -30.78 26.48 -19.02
CA LYS D 23 -29.45 26.20 -19.53
C LYS D 23 -29.35 24.79 -20.09
N LEU D 24 -30.02 23.83 -19.44
CA LEU D 24 -30.08 22.48 -19.98
C LEU D 24 -30.75 22.47 -21.34
N GLN D 25 -31.84 23.23 -21.49
CA GLN D 25 -32.49 23.35 -22.79
C GLN D 25 -31.56 24.03 -23.79
N ASP D 26 -30.67 24.89 -23.31
CA ASP D 26 -29.70 25.54 -24.19
C ASP D 26 -28.66 24.54 -24.70
N GLY D 27 -28.33 23.54 -23.88
CA GLY D 27 -27.39 22.52 -24.26
C GLY D 27 -25.99 22.68 -23.71
N ASN D 28 -25.69 23.81 -23.06
CA ASN D 28 -24.36 24.05 -22.48
C ASN D 28 -24.23 23.17 -21.24
N TRP D 29 -23.92 21.90 -21.47
CA TRP D 29 -23.90 20.93 -20.37
C TRP D 29 -22.74 21.18 -19.42
N ARG D 30 -21.60 21.65 -19.94
CA ARG D 30 -20.42 21.80 -19.09
C ARG D 30 -20.67 22.78 -17.96
N GLN D 31 -21.48 23.80 -18.18
CA GLN D 31 -21.83 24.72 -17.10
C GLN D 31 -23.08 24.27 -16.37
N ALA D 32 -24.11 23.86 -17.13
CA ALA D 32 -25.37 23.44 -16.53
C ALA D 32 -25.16 22.38 -15.48
N ILE D 33 -24.22 21.46 -15.70
CA ILE D 33 -23.90 20.46 -14.68
C ILE D 33 -23.32 21.12 -13.44
N THR D 34 -22.53 22.19 -13.61
CA THR D 34 -21.97 22.86 -12.44
C THR D 34 -23.06 23.49 -11.59
N GLN D 35 -23.96 24.26 -12.22
CA GLN D 35 -25.05 24.83 -11.43
C GLN D 35 -25.95 23.74 -10.84
N LEU D 36 -26.20 22.67 -11.60
CA LEU D 36 -27.08 21.62 -11.11
C LEU D 36 -26.47 20.89 -9.92
N GLU D 37 -25.16 20.65 -9.96
CA GLU D 37 -24.48 20.04 -8.83
C GLU D 37 -24.49 20.97 -7.63
N ALA D 38 -24.34 22.28 -7.85
CA ALA D 38 -24.49 23.22 -6.75
C ALA D 38 -25.89 23.13 -6.16
N LEU D 39 -26.90 22.98 -7.02
CA LEU D 39 -28.27 22.84 -6.55
C LEU D 39 -28.41 21.61 -5.67
N ASP D 40 -27.92 20.46 -6.15
CA ASP D 40 -28.04 19.22 -5.39
C ASP D 40 -27.30 19.30 -4.07
N ASN D 41 -26.08 19.84 -4.08
CA ASN D 41 -25.28 19.90 -2.86
C ASN D 41 -25.92 20.84 -1.84
N ARG D 42 -26.39 22.01 -2.28
CA ARG D 42 -27.02 22.93 -1.35
C ARG D 42 -28.30 22.35 -0.78
N TYR D 43 -29.10 21.69 -1.61
CA TYR D 43 -30.41 21.15 -1.23
C TYR D 43 -30.33 19.63 -1.36
N PRO D 44 -29.82 18.93 -0.34
CA PRO D 44 -29.62 17.48 -0.49
C PRO D 44 -30.92 16.71 -0.70
N PHE D 45 -31.89 16.85 0.19
CA PHE D 45 -33.12 16.08 0.10
C PHE D 45 -34.33 17.00 0.00
N GLY D 46 -34.26 18.00 -0.88
CA GLY D 46 -35.37 18.89 -1.09
C GLY D 46 -36.58 18.19 -1.66
N PRO D 47 -37.65 18.95 -1.89
CA PRO D 47 -38.90 18.34 -2.36
C PRO D 47 -38.78 17.64 -3.70
N TYR D 48 -37.89 18.10 -4.57
CA TYR D 48 -37.77 17.60 -5.93
C TYR D 48 -36.41 16.94 -6.16
N SER D 49 -35.96 16.16 -5.17
CA SER D 49 -34.63 15.56 -5.25
C SER D 49 -34.52 14.59 -6.42
N GLN D 50 -35.57 13.80 -6.66
CA GLN D 50 -35.51 12.78 -7.70
C GLN D 50 -35.32 13.42 -9.08
N GLN D 51 -36.02 14.51 -9.35
CA GLN D 51 -35.83 15.19 -10.63
C GLN D 51 -34.42 15.75 -10.73
N VAL D 52 -33.84 16.16 -9.60
CA VAL D 52 -32.44 16.62 -9.61
C VAL D 52 -31.52 15.47 -9.99
N GLN D 53 -31.74 14.30 -9.41
CA GLN D 53 -30.90 13.15 -9.79
C GLN D 53 -31.09 12.81 -11.26
N LEU D 54 -32.34 12.88 -11.74
CA LEU D 54 -32.63 12.53 -13.12
C LEU D 54 -31.92 13.46 -14.10
N ASP D 55 -32.02 14.77 -13.89
CA ASP D 55 -31.38 15.68 -14.84
C ASP D 55 -29.86 15.72 -14.63
N LEU D 56 -29.37 15.36 -13.43
CA LEU D 56 -27.95 15.05 -13.30
C LEU D 56 -27.54 13.95 -14.26
N ILE D 57 -28.32 12.86 -14.29
CA ILE D 57 -27.98 11.75 -15.18
C ILE D 57 -28.05 12.21 -16.63
N TYR D 58 -29.08 12.99 -16.97
CA TYR D 58 -29.21 13.48 -18.34
C TYR D 58 -27.99 14.30 -18.75
N ALA D 59 -27.61 15.28 -17.92
CA ALA D 59 -26.47 16.13 -18.26
C ALA D 59 -25.18 15.32 -18.32
N TYR D 60 -24.99 14.40 -17.38
CA TYR D 60 -23.79 13.58 -17.38
C TYR D 60 -23.69 12.78 -18.67
N TYR D 61 -24.77 12.12 -19.06
CA TYR D 61 -24.72 11.28 -20.25
C TYR D 61 -24.52 12.13 -21.51
N LYS D 62 -25.19 13.27 -21.61
CA LYS D 62 -24.97 14.12 -22.77
C LYS D 62 -23.57 14.75 -22.79
N ASN D 63 -22.89 14.80 -21.65
CA ASN D 63 -21.57 15.40 -21.58
C ASN D 63 -20.45 14.36 -21.53
N ALA D 64 -20.77 13.09 -21.77
CA ALA D 64 -19.80 12.00 -21.71
C ALA D 64 -19.12 11.96 -20.33
N ASP D 65 -19.94 11.70 -19.32
CA ASP D 65 -19.48 11.65 -17.94
C ASP D 65 -19.70 10.26 -17.39
N LEU D 66 -19.26 9.27 -18.16
CA LEU D 66 -19.64 7.87 -17.94
C LEU D 66 -19.38 7.35 -16.53
N PRO D 67 -18.20 7.54 -15.93
CA PRO D 67 -18.03 6.99 -14.57
C PRO D 67 -18.90 7.69 -13.53
N LEU D 68 -18.93 9.03 -13.56
CA LEU D 68 -19.77 9.76 -12.63
C LEU D 68 -21.24 9.43 -12.83
N ALA D 69 -21.67 9.35 -14.09
CA ALA D 69 -23.06 9.01 -14.38
C ALA D 69 -23.41 7.63 -13.89
N GLN D 70 -22.51 6.66 -14.11
CA GLN D 70 -22.77 5.30 -13.65
C GLN D 70 -22.86 5.25 -12.13
N ALA D 71 -21.96 5.95 -11.44
CA ALA D 71 -22.00 5.97 -9.98
C ALA D 71 -23.28 6.60 -9.47
N ALA D 72 -23.71 7.70 -10.10
CA ALA D 72 -24.96 8.34 -9.68
C ALA D 72 -26.16 7.45 -9.95
N ILE D 73 -26.14 6.71 -11.06
CA ILE D 73 -27.20 5.77 -11.36
C ILE D 73 -27.28 4.70 -10.27
N ASP D 74 -26.12 4.14 -9.91
CA ASP D 74 -26.11 3.08 -8.91
C ASP D 74 -26.55 3.59 -7.55
N ARG D 75 -26.18 4.83 -7.23
CA ARG D 75 -26.66 5.43 -5.99
C ARG D 75 -28.17 5.63 -6.02
N PHE D 76 -28.70 6.11 -7.15
CA PHE D 76 -30.12 6.44 -7.21
C PHE D 76 -31.00 5.20 -7.18
N ILE D 77 -30.62 4.15 -7.92
CA ILE D 77 -31.48 2.98 -8.07
C ILE D 77 -31.80 2.29 -6.76
N ARG D 78 -31.14 2.66 -5.67
CA ARG D 78 -31.50 2.16 -4.36
C ARG D 78 -32.48 3.09 -3.63
N LEU D 79 -32.28 4.40 -3.79
CA LEU D 79 -33.08 5.37 -3.04
C LEU D 79 -34.56 5.26 -3.39
N ASN D 80 -34.88 5.00 -4.65
CA ASN D 80 -36.25 4.97 -5.14
C ASN D 80 -36.51 3.64 -5.80
N PRO D 81 -36.70 2.57 -5.01
CA PRO D 81 -36.88 1.24 -5.59
C PRO D 81 -38.08 1.14 -6.52
N THR D 82 -39.17 1.84 -6.22
CA THR D 82 -40.35 1.86 -7.06
C THR D 82 -40.68 3.29 -7.45
N HIS D 83 -40.81 3.52 -8.76
CA HIS D 83 -40.99 4.85 -9.31
C HIS D 83 -41.32 4.73 -10.79
N PRO D 84 -42.16 5.61 -11.35
CA PRO D 84 -42.60 5.44 -12.74
C PRO D 84 -41.47 5.55 -13.77
N ASN D 85 -40.23 5.75 -13.37
CA ASN D 85 -39.14 5.95 -14.32
C ASN D 85 -37.94 5.06 -14.05
N ILE D 86 -38.10 4.01 -13.24
CA ILE D 86 -36.96 3.15 -12.91
C ILE D 86 -36.41 2.46 -14.14
N ASP D 87 -37.30 1.94 -14.99
CA ASP D 87 -36.87 1.32 -16.23
C ASP D 87 -36.12 2.33 -17.10
N TYR D 88 -36.60 3.56 -17.15
CA TYR D 88 -35.90 4.61 -17.88
C TYR D 88 -34.51 4.85 -17.32
N VAL D 89 -34.39 4.88 -15.99
CA VAL D 89 -33.10 5.13 -15.35
C VAL D 89 -32.09 4.04 -15.69
N MET D 90 -32.48 2.78 -15.48
CA MET D 90 -31.51 1.72 -15.72
C MET D 90 -31.33 1.46 -17.21
N TYR D 91 -32.28 1.87 -18.04
CA TYR D 91 -32.06 1.86 -19.49
C TYR D 91 -30.96 2.84 -19.87
N MET D 92 -31.00 4.05 -19.30
CA MET D 92 -29.89 4.97 -19.54
C MET D 92 -28.59 4.43 -19.00
N ARG D 93 -28.63 3.69 -17.89
CA ARG D 93 -27.42 3.05 -17.38
C ARG D 93 -26.84 2.07 -18.40
N GLY D 94 -27.69 1.21 -18.96
CA GLY D 94 -27.22 0.27 -19.98
C GLY D 94 -26.74 0.97 -21.23
N LEU D 95 -27.40 2.07 -21.60
CA LEU D 95 -26.93 2.87 -22.73
C LEU D 95 -25.54 3.43 -22.46
N THR D 96 -25.30 3.90 -21.23
CA THR D 96 -23.98 4.39 -20.86
C THR D 96 -22.95 3.27 -20.96
N ASN D 97 -23.31 2.07 -20.51
CA ASN D 97 -22.40 0.94 -20.62
C ASN D 97 -22.03 0.67 -22.06
N MET D 98 -23.03 0.61 -22.95
CA MET D 98 -22.74 0.33 -24.35
C MET D 98 -21.89 1.43 -24.96
N ALA D 99 -22.23 2.69 -24.68
CA ALA D 99 -21.44 3.80 -25.20
C ALA D 99 -20.01 3.72 -24.71
N LEU D 100 -19.79 3.23 -23.49
CA LEU D 100 -18.44 2.95 -23.03
C LEU D 100 -17.78 1.90 -23.89
N ASP D 101 -18.52 0.84 -24.23
CA ASP D 101 -17.93 -0.24 -25.03
C ASP D 101 -17.50 0.26 -26.41
N ASP D 102 -18.42 0.91 -27.12
CA ASP D 102 -18.14 1.40 -28.48
C ASP D 102 -17.71 2.86 -28.48
N SER D 103 -16.62 3.16 -27.77
CA SER D 103 -16.08 4.51 -27.68
C SER D 103 -14.64 4.46 -28.19
N ALA D 104 -14.44 4.91 -29.42
CA ALA D 104 -13.12 4.94 -30.04
C ALA D 104 -13.21 5.75 -31.33
N LEU D 105 -12.10 5.81 -32.06
CA LEU D 105 -12.03 6.49 -33.34
C LEU D 105 -12.19 5.54 -34.52
N GLN D 106 -12.77 4.36 -34.29
CA GLN D 106 -13.02 3.44 -35.39
C GLN D 106 -14.00 4.01 -36.40
N GLY D 107 -14.91 4.87 -35.95
CA GLY D 107 -15.93 5.39 -36.85
C GLY D 107 -15.36 6.21 -37.99
N PHE D 108 -14.36 7.05 -37.69
CA PHE D 108 -13.76 7.88 -38.72
C PHE D 108 -13.04 7.03 -39.76
N PHE D 109 -12.49 5.90 -39.34
CA PHE D 109 -11.77 5.00 -40.25
C PHE D 109 -12.57 3.77 -40.63
N GLY D 110 -13.77 3.60 -40.08
CA GLY D 110 -14.62 2.48 -40.43
C GLY D 110 -14.01 1.13 -40.09
N VAL D 111 -13.79 0.87 -38.81
CA VAL D 111 -13.23 -0.39 -38.33
C VAL D 111 -14.32 -1.16 -37.63
N ASP D 112 -14.52 -2.42 -38.02
CA ASP D 112 -15.54 -3.25 -37.42
C ASP D 112 -15.14 -3.64 -36.00
N ARG D 113 -15.56 -2.87 -35.01
CA ARG D 113 -15.29 -3.20 -33.63
C ARG D 113 -16.10 -4.41 -33.21
N SER D 114 -15.48 -5.59 -33.23
CA SER D 114 -16.20 -6.81 -32.95
C SER D 114 -15.43 -7.70 -31.97
N ASP D 115 -14.11 -7.47 -31.87
CA ASP D 115 -13.23 -8.37 -31.14
C ASP D 115 -12.41 -7.63 -30.10
N ARG D 116 -13.05 -6.73 -29.36
CA ARG D 116 -12.40 -6.08 -28.23
C ARG D 116 -12.94 -6.68 -26.94
N ASP D 117 -12.57 -6.11 -25.80
CA ASP D 117 -13.00 -6.64 -24.51
C ASP D 117 -14.51 -6.56 -24.39
N PRO D 118 -15.22 -7.68 -24.24
CA PRO D 118 -16.68 -7.63 -24.24
C PRO D 118 -17.28 -7.39 -22.86
N GLN D 119 -16.47 -6.92 -21.91
CA GLN D 119 -16.95 -6.74 -20.55
C GLN D 119 -18.10 -5.74 -20.50
N HIS D 120 -17.94 -4.60 -21.20
CA HIS D 120 -19.00 -3.60 -21.22
C HIS D 120 -20.21 -4.08 -22.01
N ALA D 121 -19.95 -4.83 -23.09
CA ALA D 121 -21.06 -5.44 -23.82
C ALA D 121 -21.83 -6.41 -22.94
N ARG D 122 -21.11 -7.21 -22.14
CA ARG D 122 -21.79 -8.12 -21.22
C ARG D 122 -22.60 -7.36 -20.18
N ALA D 123 -22.05 -6.28 -19.64
CA ALA D 123 -22.77 -5.50 -18.64
C ALA D 123 -24.05 -4.90 -19.24
N ALA D 124 -23.95 -4.32 -20.43
CA ALA D 124 -25.13 -3.77 -21.07
C ALA D 124 -26.14 -4.85 -21.40
N PHE D 125 -25.67 -6.03 -21.82
CA PHE D 125 -26.56 -7.14 -22.09
C PHE D 125 -27.34 -7.55 -20.85
N SER D 126 -26.64 -7.65 -19.71
CA SER D 126 -27.32 -7.99 -18.47
C SER D 126 -28.33 -6.93 -18.09
N ASP D 127 -27.96 -5.65 -18.22
CA ASP D 127 -28.88 -4.57 -17.86
C ASP D 127 -30.14 -4.61 -18.71
N PHE D 128 -29.98 -4.77 -20.02
CA PHE D 128 -31.14 -4.74 -20.90
C PHE D 128 -31.98 -6.01 -20.79
N SER D 129 -31.34 -7.15 -20.50
CA SER D 129 -32.11 -8.35 -20.21
C SER D 129 -32.95 -8.17 -18.96
N LYS D 130 -32.36 -7.55 -17.92
CA LYS D 130 -33.13 -7.22 -16.74
C LYS D 130 -34.27 -6.27 -17.06
N LEU D 131 -34.04 -5.31 -17.96
CA LEU D 131 -35.11 -4.41 -18.39
C LEU D 131 -36.26 -5.20 -19.03
N VAL D 132 -35.95 -5.97 -20.06
CA VAL D 132 -37.00 -6.64 -20.82
C VAL D 132 -37.71 -7.68 -19.97
N ARG D 133 -37.03 -8.24 -18.97
CA ARG D 133 -37.72 -9.14 -18.05
C ARG D 133 -38.60 -8.37 -17.08
N GLY D 134 -38.15 -7.21 -16.62
CA GLY D 134 -38.88 -6.46 -15.61
C GLY D 134 -40.03 -5.64 -16.16
N TYR D 135 -39.78 -4.91 -17.24
CA TYR D 135 -40.78 -4.01 -17.82
C TYR D 135 -40.86 -4.26 -19.32
N PRO D 136 -41.44 -5.40 -19.74
CA PRO D 136 -41.62 -5.64 -21.17
C PRO D 136 -42.72 -4.80 -21.80
N ASN D 137 -43.51 -4.11 -20.99
CA ASN D 137 -44.62 -3.29 -21.45
C ASN D 137 -44.26 -1.81 -21.53
N SER D 138 -43.00 -1.46 -21.36
CA SER D 138 -42.59 -0.07 -21.39
C SER D 138 -42.52 0.44 -22.84
N GLN D 139 -42.13 1.70 -22.99
CA GLN D 139 -41.96 2.32 -24.29
C GLN D 139 -40.56 2.18 -24.85
N TYR D 140 -39.67 1.49 -24.13
CA TYR D 140 -38.29 1.29 -24.56
C TYR D 140 -37.99 -0.15 -24.94
N THR D 141 -39.02 -1.00 -25.01
CA THR D 141 -38.77 -2.43 -25.21
C THR D 141 -38.23 -2.73 -26.60
N THR D 142 -38.69 -2.02 -27.63
CA THR D 142 -38.23 -2.29 -28.99
C THR D 142 -36.75 -1.96 -29.15
N ASP D 143 -36.34 -0.78 -28.69
CA ASP D 143 -34.93 -0.41 -28.75
C ASP D 143 -34.09 -1.35 -27.89
N ALA D 144 -34.61 -1.76 -26.74
CA ALA D 144 -33.89 -2.69 -25.89
C ALA D 144 -33.66 -4.03 -26.61
N THR D 145 -34.69 -4.53 -27.28
CA THR D 145 -34.54 -5.79 -28.02
C THR D 145 -33.53 -5.63 -29.16
N LYS D 146 -33.58 -4.51 -29.86
CA LYS D 146 -32.62 -4.28 -30.95
C LYS D 146 -31.19 -4.22 -30.41
N ARG D 147 -31.00 -3.55 -29.28
CA ARG D 147 -29.67 -3.47 -28.70
C ARG D 147 -29.20 -4.84 -28.20
N LEU D 148 -30.11 -5.66 -27.67
CA LEU D 148 -29.74 -7.04 -27.33
C LEU D 148 -29.33 -7.83 -28.56
N VAL D 149 -30.02 -7.61 -29.68
CA VAL D 149 -29.61 -8.26 -30.93
C VAL D 149 -28.19 -7.87 -31.27
N PHE D 150 -27.89 -6.56 -31.20
CA PHE D 150 -26.53 -6.10 -31.54
C PHE D 150 -25.49 -6.66 -30.59
N LEU D 151 -25.78 -6.69 -29.29
CA LEU D 151 -24.82 -7.22 -28.33
C LEU D 151 -24.59 -8.72 -28.55
N LYS D 152 -25.66 -9.45 -28.85
CA LYS D 152 -25.51 -10.86 -29.23
C LYS D 152 -24.57 -10.99 -30.42
N ASP D 153 -24.77 -10.15 -31.43
CA ASP D 153 -23.91 -10.21 -32.61
C ASP D 153 -22.46 -9.92 -32.26
N ARG D 154 -22.22 -8.92 -31.42
CA ARG D 154 -20.85 -8.56 -31.08
C ARG D 154 -20.16 -9.68 -30.29
N LEU D 155 -20.85 -10.26 -29.31
CA LEU D 155 -20.26 -11.36 -28.56
C LEU D 155 -19.97 -12.55 -29.47
N ALA D 156 -20.92 -12.88 -30.35
CA ALA D 156 -20.70 -13.98 -31.27
C ALA D 156 -19.51 -13.73 -32.18
N LYS D 157 -19.39 -12.50 -32.70
CA LYS D 157 -18.28 -12.18 -33.59
C LYS D 157 -16.96 -12.26 -32.86
N TYR D 158 -16.89 -11.77 -31.63
CA TYR D 158 -15.65 -11.85 -30.85
C TYR D 158 -15.25 -13.29 -30.63
N GLU D 159 -16.21 -14.12 -30.22
CA GLU D 159 -15.92 -15.52 -29.97
C GLU D 159 -15.48 -16.23 -31.24
N TYR D 160 -16.14 -15.94 -32.35
CA TYR D 160 -15.78 -16.55 -33.63
C TYR D 160 -14.39 -16.10 -34.06
N SER D 161 -14.03 -14.85 -33.80
CA SER D 161 -12.69 -14.37 -34.11
C SER D 161 -11.65 -15.13 -33.32
N VAL D 162 -11.89 -15.33 -32.02
CA VAL D 162 -10.94 -16.07 -31.20
C VAL D 162 -10.79 -17.50 -31.72
N ALA D 163 -11.92 -18.14 -32.01
CA ALA D 163 -11.88 -19.52 -32.49
C ALA D 163 -11.15 -19.62 -33.82
N GLU D 164 -11.40 -18.68 -34.72
CA GLU D 164 -10.73 -18.67 -36.02
C GLU D 164 -9.22 -18.49 -35.85
N TYR D 165 -8.82 -17.55 -34.99
CA TYR D 165 -7.40 -17.37 -34.74
C TYR D 165 -6.76 -18.66 -34.28
N TYR D 166 -7.38 -19.33 -33.30
CA TYR D 166 -6.84 -20.59 -32.84
C TYR D 166 -6.87 -21.66 -33.92
N THR D 167 -7.82 -21.57 -34.85
CA THR D 167 -7.91 -22.56 -35.92
C THR D 167 -6.69 -22.50 -36.83
N GLU D 168 -6.35 -21.31 -37.34
CA GLU D 168 -5.10 -21.26 -38.09
C GLU D 168 -3.87 -21.35 -37.21
N ARG D 169 -4.00 -21.12 -35.91
CA ARG D 169 -2.88 -21.37 -35.03
C ARG D 169 -2.58 -22.87 -34.94
N GLY D 170 -3.62 -23.70 -34.89
CA GLY D 170 -3.45 -25.13 -34.78
C GLY D 170 -3.93 -25.73 -33.49
N ALA D 171 -4.54 -24.94 -32.61
CA ALA D 171 -5.03 -25.40 -31.31
C ALA D 171 -6.43 -26.00 -31.50
N TRP D 172 -6.48 -27.22 -31.99
CA TRP D 172 -7.75 -27.79 -32.44
C TRP D 172 -8.73 -27.98 -31.29
N VAL D 173 -8.30 -28.62 -30.21
CA VAL D 173 -9.22 -28.96 -29.12
C VAL D 173 -9.72 -27.70 -28.44
N ALA D 174 -8.88 -26.68 -28.33
CA ALA D 174 -9.33 -25.41 -27.78
C ALA D 174 -10.43 -24.81 -28.67
N VAL D 175 -10.25 -24.88 -29.99
CA VAL D 175 -11.29 -24.43 -30.90
C VAL D 175 -12.58 -25.21 -30.66
N VAL D 176 -12.45 -26.53 -30.50
CA VAL D 176 -13.63 -27.38 -30.32
C VAL D 176 -14.40 -26.96 -29.07
N ASN D 177 -13.68 -26.79 -27.96
CA ASN D 177 -14.34 -26.41 -26.72
C ASN D 177 -14.98 -25.03 -26.84
N ARG D 178 -14.28 -24.08 -27.46
CA ARG D 178 -14.85 -22.75 -27.60
C ARG D 178 -16.13 -22.79 -28.43
N VAL D 179 -16.07 -23.39 -29.62
CA VAL D 179 -17.24 -23.40 -30.49
C VAL D 179 -18.36 -24.22 -29.88
N GLU D 180 -18.03 -25.23 -29.07
CA GLU D 180 -19.07 -25.91 -28.31
C GLU D 180 -19.74 -24.94 -27.35
N GLY D 181 -18.94 -24.09 -26.69
CA GLY D 181 -19.52 -23.08 -25.82
C GLY D 181 -20.44 -22.13 -26.55
N MET D 182 -20.02 -21.66 -27.73
CA MET D 182 -20.89 -20.76 -28.50
C MET D 182 -22.15 -21.47 -28.98
N LEU D 183 -22.05 -22.74 -29.36
CA LEU D 183 -23.24 -23.50 -29.71
C LEU D 183 -24.18 -23.62 -28.52
N ARG D 184 -23.62 -23.83 -27.33
CA ARG D 184 -24.46 -23.96 -26.13
C ARG D 184 -25.16 -22.66 -25.79
N ASP D 185 -24.45 -21.53 -25.86
CA ASP D 185 -25.02 -20.28 -25.39
C ASP D 185 -25.55 -19.38 -26.52
N TYR D 186 -24.95 -19.45 -27.71
CA TYR D 186 -25.37 -18.64 -28.84
C TYR D 186 -25.82 -19.53 -29.99
N PRO D 187 -26.92 -20.27 -29.82
CA PRO D 187 -27.33 -21.21 -30.88
C PRO D 187 -28.06 -20.56 -32.04
N ASP D 188 -28.42 -19.28 -31.92
CA ASP D 188 -29.23 -18.61 -32.93
C ASP D 188 -28.44 -17.68 -33.83
N THR D 189 -27.31 -17.16 -33.37
CA THR D 189 -26.58 -16.14 -34.10
C THR D 189 -26.02 -16.70 -35.41
N GLN D 190 -25.63 -15.79 -36.30
CA GLN D 190 -25.07 -16.15 -37.59
C GLN D 190 -23.58 -16.46 -37.54
N ALA D 191 -22.86 -15.96 -36.53
CA ALA D 191 -21.44 -16.25 -36.42
C ALA D 191 -21.19 -17.73 -36.22
N THR D 192 -22.03 -18.39 -35.42
CA THR D 192 -21.91 -19.85 -35.27
C THR D 192 -22.17 -20.55 -36.60
N ARG D 193 -23.10 -20.04 -37.40
CA ARG D 193 -23.35 -20.62 -38.71
C ARG D 193 -22.11 -20.57 -39.59
N ASP D 194 -21.27 -19.55 -39.40
CA ASP D 194 -20.00 -19.50 -40.11
C ASP D 194 -18.90 -20.25 -39.38
N ALA D 195 -19.12 -20.60 -38.11
CA ALA D 195 -18.16 -21.37 -37.33
C ALA D 195 -18.38 -22.87 -37.43
N LEU D 196 -19.48 -23.30 -38.04
CA LEU D 196 -19.76 -24.73 -38.16
C LEU D 196 -18.63 -25.53 -38.83
N PRO D 197 -18.00 -25.08 -39.92
CA PRO D 197 -16.94 -25.90 -40.54
C PRO D 197 -15.76 -26.16 -39.63
N LEU D 198 -15.62 -25.40 -38.55
CA LEU D 198 -14.47 -25.57 -37.67
C LEU D 198 -14.44 -26.97 -37.06
N MET D 199 -15.61 -27.57 -36.82
CA MET D 199 -15.66 -28.98 -36.43
C MET D 199 -14.96 -29.85 -37.47
N GLU D 200 -15.30 -29.66 -38.74
CA GLU D 200 -14.69 -30.46 -39.80
C GLU D 200 -13.18 -30.22 -39.86
N ASN D 201 -12.77 -28.97 -39.68
CA ASN D 201 -11.35 -28.66 -39.69
C ASN D 201 -10.61 -29.35 -38.56
N ALA D 202 -11.22 -29.37 -37.37
CA ALA D 202 -10.53 -29.91 -36.20
C ALA D 202 -10.56 -31.43 -36.18
N TYR D 203 -11.77 -32.01 -36.16
CA TYR D 203 -11.91 -33.45 -35.95
C TYR D 203 -11.14 -34.24 -37.00
N ARG D 204 -11.19 -33.80 -38.26
CA ARG D 204 -10.43 -34.47 -39.31
C ARG D 204 -8.93 -34.35 -39.04
N GLN D 205 -8.48 -33.18 -38.58
CA GLN D 205 -7.06 -33.01 -38.28
C GLN D 205 -6.64 -33.80 -37.05
N MET D 206 -7.53 -33.97 -36.08
CA MET D 206 -7.26 -34.76 -34.90
C MET D 206 -7.86 -36.16 -34.99
N GLN D 207 -8.32 -36.56 -36.17
CA GLN D 207 -8.72 -37.95 -36.47
C GLN D 207 -9.86 -38.43 -35.58
N MET D 208 -10.99 -37.72 -35.69
CA MET D 208 -12.25 -38.20 -35.13
C MET D 208 -13.36 -37.99 -36.16
N ASN D 209 -13.12 -38.50 -37.37
CA ASN D 209 -14.13 -38.40 -38.44
C ASN D 209 -15.45 -38.97 -38.00
N ALA D 210 -15.43 -40.02 -37.16
CA ALA D 210 -16.64 -40.65 -36.67
C ALA D 210 -17.57 -39.65 -35.99
N GLN D 211 -17.01 -38.63 -35.33
CA GLN D 211 -17.81 -37.51 -34.85
C GLN D 211 -18.01 -36.43 -35.90
N ALA D 212 -17.18 -36.42 -36.94
CA ALA D 212 -17.27 -35.39 -37.97
C ALA D 212 -18.44 -35.59 -38.94
N GLU D 213 -18.86 -36.83 -39.18
CA GLU D 213 -19.98 -37.02 -40.12
C GLU D 213 -21.25 -36.37 -39.61
N LYS D 214 -21.51 -36.45 -38.31
CA LYS D 214 -22.71 -35.84 -37.75
C LYS D 214 -22.71 -34.32 -37.97
N VAL D 215 -21.57 -33.68 -37.74
CA VAL D 215 -21.50 -32.24 -37.94
C VAL D 215 -21.61 -31.89 -39.41
N ALA D 216 -21.02 -32.71 -40.29
CA ALA D 216 -21.19 -32.48 -41.72
C ALA D 216 -22.66 -32.55 -42.10
N LYS D 217 -23.38 -33.53 -41.55
CA LYS D 217 -24.80 -33.66 -41.81
C LYS D 217 -25.58 -32.44 -41.33
N ILE D 218 -25.28 -31.97 -40.12
CA ILE D 218 -26.03 -30.82 -39.61
C ILE D 218 -25.68 -29.56 -40.39
N ILE D 219 -24.42 -29.43 -40.83
CA ILE D 219 -24.05 -28.30 -41.67
C ILE D 219 -24.82 -28.32 -42.98
N ALA D 220 -24.92 -29.50 -43.60
CA ALA D 220 -25.69 -29.61 -44.83
C ALA D 220 -27.16 -29.29 -44.58
N ALA D 221 -27.69 -29.74 -43.44
CA ALA D 221 -29.10 -29.50 -43.13
C ALA D 221 -29.39 -28.01 -42.98
N ASN D 222 -28.52 -27.28 -42.29
CA ASN D 222 -28.71 -25.86 -42.08
C ASN D 222 -28.02 -25.00 -43.13
N SER D 223 -27.39 -25.62 -44.14
CA SER D 223 -26.76 -24.84 -45.20
C SER D 223 -27.77 -24.00 -45.96
N SER D 224 -28.92 -24.59 -46.28
CA SER D 224 -30.01 -23.89 -46.97
C SER D 224 -29.55 -23.26 -48.28
N ARG E 6 12.72 -26.67 -40.81
CA ARG E 6 12.97 -25.53 -41.68
C ARG E 6 13.89 -24.51 -41.01
N VAL E 7 13.48 -23.25 -41.00
CA VAL E 7 14.31 -22.18 -40.46
C VAL E 7 13.62 -21.36 -39.38
N VAL E 8 12.29 -21.29 -39.37
CA VAL E 8 11.60 -20.42 -38.41
C VAL E 8 11.47 -21.14 -37.07
N TYR E 9 11.47 -20.36 -35.99
CA TYR E 9 11.30 -20.94 -34.67
C TYR E 9 9.85 -21.30 -34.43
N ARG E 10 9.62 -22.52 -33.94
CA ARG E 10 8.28 -22.99 -33.63
C ARG E 10 8.20 -23.35 -32.15
N PRO E 11 7.37 -22.68 -31.36
CA PRO E 11 7.19 -23.08 -29.97
C PRO E 11 6.47 -24.42 -29.89
N ASP E 12 6.69 -25.11 -28.77
CA ASP E 12 5.98 -26.37 -28.55
C ASP E 12 4.49 -26.13 -28.40
N ILE E 13 3.69 -26.96 -29.05
CA ILE E 13 2.24 -26.90 -28.96
C ILE E 13 1.75 -28.08 -28.14
N ASN E 14 0.93 -27.81 -27.14
CA ASN E 14 0.27 -28.84 -26.36
C ASN E 14 -1.22 -28.58 -26.38
N GLN E 15 -1.99 -29.57 -26.83
CA GLN E 15 -3.43 -29.41 -27.00
C GLN E 15 -4.15 -30.66 -26.48
N GLY E 16 -3.85 -31.05 -25.26
CA GLY E 16 -4.57 -32.13 -24.61
C GLY E 16 -3.83 -32.63 -23.39
N ASN E 17 -4.60 -33.08 -22.41
CA ASN E 17 -4.01 -33.57 -21.17
C ASN E 17 -3.15 -34.80 -21.42
N TYR E 18 -1.95 -34.80 -20.85
CA TYR E 18 -1.00 -35.89 -21.04
C TYR E 18 -1.30 -36.99 -20.03
N LEU E 19 -1.34 -38.22 -20.53
CA LEU E 19 -1.86 -39.36 -19.78
C LEU E 19 -0.74 -40.35 -19.48
N THR E 20 -0.89 -41.05 -18.36
CA THR E 20 0.05 -42.08 -17.94
C THR E 20 -0.58 -43.45 -18.11
N ALA E 21 0.07 -44.31 -18.90
CA ALA E 21 -0.54 -45.58 -19.27
C ALA E 21 -0.83 -46.46 -18.07
N ASN E 22 -0.03 -46.36 -17.01
CA ASN E 22 -0.31 -47.14 -15.80
C ASN E 22 -1.65 -46.74 -15.20
N ASP E 23 -1.95 -45.44 -15.17
CA ASP E 23 -3.29 -45.01 -14.77
C ASP E 23 -4.34 -45.55 -15.72
N VAL E 24 -4.04 -45.54 -17.02
CA VAL E 24 -4.93 -46.15 -18.01
C VAL E 24 -5.04 -47.65 -17.77
N SER E 25 -3.99 -48.27 -17.23
CA SER E 25 -4.02 -49.70 -16.98
C SER E 25 -5.10 -50.07 -15.97
N LYS E 26 -5.27 -49.26 -14.92
CA LYS E 26 -6.31 -49.54 -13.93
C LYS E 26 -7.71 -49.42 -14.49
N ILE E 27 -7.88 -48.78 -15.64
CA ILE E 27 -9.21 -48.51 -16.19
C ILE E 27 -9.82 -49.82 -16.66
N ARG E 28 -11.12 -49.99 -16.39
CA ARG E 28 -11.83 -51.20 -16.76
C ARG E 28 -13.30 -50.86 -16.96
N VAL E 29 -14.02 -51.78 -17.61
CA VAL E 29 -15.43 -51.56 -17.93
C VAL E 29 -16.26 -51.66 -16.66
N GLY E 30 -17.17 -50.70 -16.46
CA GLY E 30 -18.00 -50.68 -15.29
C GLY E 30 -17.56 -49.62 -14.30
N MET E 31 -16.28 -49.30 -14.34
CA MET E 31 -15.73 -48.25 -13.48
C MET E 31 -16.35 -46.91 -13.84
N THR E 32 -16.96 -46.26 -12.85
CA THR E 32 -17.96 -45.23 -13.08
C THR E 32 -17.35 -43.83 -13.13
N GLN E 33 -18.21 -42.83 -13.37
CA GLN E 33 -17.75 -41.47 -13.68
C GLN E 33 -16.93 -40.87 -12.54
N GLN E 34 -17.44 -40.96 -11.31
CA GLN E 34 -16.79 -40.31 -10.19
C GLN E 34 -15.39 -40.87 -9.97
N GLN E 35 -15.27 -42.20 -9.99
CA GLN E 35 -13.96 -42.82 -9.82
C GLN E 35 -13.05 -42.51 -11.00
N VAL E 36 -13.63 -42.36 -12.19
CA VAL E 36 -12.84 -41.87 -13.33
C VAL E 36 -12.25 -40.51 -13.02
N ALA E 37 -13.06 -39.61 -12.46
CA ALA E 37 -12.59 -38.27 -12.13
C ALA E 37 -11.49 -38.32 -11.09
N TYR E 38 -11.66 -39.15 -10.05
CA TYR E 38 -10.60 -39.26 -9.05
C TYR E 38 -9.33 -39.84 -9.64
N ALA E 39 -9.44 -40.82 -10.53
CA ALA E 39 -8.26 -41.51 -11.04
C ALA E 39 -7.50 -40.65 -12.04
N LEU E 40 -8.21 -39.96 -12.93
CA LEU E 40 -7.56 -39.32 -14.07
C LEU E 40 -7.83 -37.83 -14.15
N GLY E 41 -9.05 -37.42 -13.82
CA GLY E 41 -9.43 -36.02 -13.89
C GLY E 41 -10.43 -35.76 -15.01
N THR E 42 -10.90 -34.52 -15.04
CA THR E 42 -11.95 -34.14 -15.98
C THR E 42 -11.41 -34.16 -17.41
N PRO E 43 -12.12 -34.78 -18.35
CA PRO E 43 -11.70 -34.69 -19.76
C PRO E 43 -11.95 -33.30 -20.30
N LEU E 44 -10.94 -32.74 -20.96
CA LEU E 44 -11.05 -31.38 -21.48
C LEU E 44 -12.13 -31.28 -22.54
N MET E 45 -12.20 -32.27 -23.44
CA MET E 45 -13.16 -32.25 -24.53
C MET E 45 -13.97 -33.54 -24.48
N SER E 46 -15.29 -33.39 -24.47
CA SER E 46 -16.20 -34.53 -24.46
C SER E 46 -17.24 -34.32 -25.55
N ASP E 47 -18.01 -35.38 -25.83
CA ASP E 47 -19.02 -35.31 -26.87
C ASP E 47 -20.32 -34.78 -26.28
N PRO E 48 -20.80 -33.61 -26.73
CA PRO E 48 -22.09 -33.09 -26.25
C PRO E 48 -23.28 -33.46 -27.12
N PHE E 49 -23.07 -34.21 -28.20
CA PHE E 49 -24.11 -34.51 -29.18
C PHE E 49 -24.67 -35.88 -28.85
N GLY E 50 -25.72 -35.91 -28.03
CA GLY E 50 -26.33 -37.17 -27.67
C GLY E 50 -25.53 -37.95 -26.66
N THR E 51 -24.89 -39.03 -27.13
CA THR E 51 -24.16 -39.92 -26.25
C THR E 51 -23.07 -39.18 -25.47
N ASN E 52 -22.94 -39.52 -24.19
CA ASN E 52 -21.97 -38.89 -23.31
C ASN E 52 -20.68 -39.72 -23.35
N THR E 53 -19.91 -39.52 -24.40
CA THR E 53 -18.61 -40.17 -24.55
C THR E 53 -17.52 -39.16 -24.29
N TRP E 54 -16.60 -39.50 -23.40
CA TRP E 54 -15.52 -38.61 -22.98
C TRP E 54 -14.29 -38.89 -23.82
N PHE E 55 -13.63 -37.82 -24.28
CA PHE E 55 -12.47 -37.92 -25.15
C PHE E 55 -11.25 -37.41 -24.41
N TYR E 56 -10.16 -38.19 -24.45
CA TYR E 56 -8.88 -37.78 -23.89
C TYR E 56 -7.85 -37.82 -25.01
N VAL E 57 -7.37 -36.66 -25.42
CA VAL E 57 -6.42 -36.53 -26.52
C VAL E 57 -5.05 -36.24 -25.95
N PHE E 58 -4.07 -37.05 -26.31
CA PHE E 58 -2.68 -36.88 -25.88
C PHE E 58 -1.87 -36.55 -27.13
N ARG E 59 -1.79 -35.26 -27.45
CA ARG E 59 -1.21 -34.79 -28.70
C ARG E 59 -0.18 -33.69 -28.41
N GLN E 60 1.00 -33.83 -29.02
CA GLN E 60 2.06 -32.82 -28.90
C GLN E 60 2.59 -32.48 -30.28
N GLN E 61 2.90 -31.21 -30.50
CA GLN E 61 3.52 -30.73 -31.73
C GLN E 61 4.76 -29.95 -31.35
N PRO E 62 5.88 -30.64 -31.11
CA PRO E 62 7.10 -29.94 -30.67
C PRO E 62 7.58 -28.88 -31.64
N GLY E 63 7.37 -29.09 -32.94
CA GLY E 63 7.85 -28.14 -33.94
C GLY E 63 8.92 -28.73 -34.81
N HIS E 64 8.75 -28.61 -36.14
CA HIS E 64 9.66 -29.21 -37.11
C HIS E 64 9.79 -30.71 -36.92
N GLU E 65 8.75 -31.32 -36.34
CA GLU E 65 8.75 -32.74 -36.04
C GLU E 65 7.33 -33.27 -36.13
N GLY E 66 7.20 -34.54 -36.52
CA GLY E 66 5.91 -35.15 -36.67
C GLY E 66 5.07 -35.15 -35.41
N VAL E 67 3.79 -34.79 -35.55
CA VAL E 67 2.92 -34.72 -34.39
C VAL E 67 2.73 -36.12 -33.82
N THR E 68 2.80 -36.21 -32.49
CA THR E 68 2.53 -37.45 -31.77
C THR E 68 1.14 -37.36 -31.16
N GLN E 69 0.38 -38.45 -31.27
CA GLN E 69 -1.01 -38.44 -30.82
C GLN E 69 -1.36 -39.79 -30.20
N GLN E 70 -2.23 -39.75 -29.20
CA GLN E 70 -2.77 -40.95 -28.58
C GLN E 70 -4.20 -40.66 -28.16
N THR E 71 -5.15 -41.36 -28.75
CA THR E 71 -6.57 -41.09 -28.53
C THR E 71 -7.15 -42.13 -27.58
N LEU E 72 -7.79 -41.65 -26.52
CA LEU E 72 -8.48 -42.50 -25.56
C LEU E 72 -9.95 -42.13 -25.56
N THR E 73 -10.81 -43.11 -25.74
CA THR E 73 -12.25 -42.90 -25.82
C THR E 73 -12.95 -43.71 -24.73
N LEU E 74 -13.88 -43.06 -24.04
CA LEU E 74 -14.69 -43.70 -23.01
C LEU E 74 -16.15 -43.54 -23.39
N THR E 75 -16.87 -44.66 -23.47
CA THR E 75 -18.28 -44.66 -23.84
C THR E 75 -19.10 -44.98 -22.60
N PHE E 76 -19.99 -44.07 -22.23
CA PHE E 76 -20.82 -44.22 -21.05
C PHE E 76 -22.28 -44.36 -21.47
N ASN E 77 -23.04 -45.16 -20.71
CA ASN E 77 -24.47 -45.25 -20.93
C ASN E 77 -25.16 -44.04 -20.30
N SER E 78 -26.49 -43.99 -20.43
CA SER E 78 -27.24 -42.91 -19.81
C SER E 78 -27.59 -43.27 -18.37
N SER E 79 -26.61 -43.76 -17.63
CA SER E 79 -26.76 -43.97 -16.19
C SER E 79 -25.56 -43.51 -15.37
N GLY E 80 -24.38 -43.38 -15.96
CA GLY E 80 -23.18 -43.05 -15.23
C GLY E 80 -22.15 -44.15 -15.10
N VAL E 81 -22.24 -45.21 -15.89
CA VAL E 81 -21.32 -46.33 -15.81
C VAL E 81 -20.67 -46.54 -17.18
N LEU E 82 -19.36 -46.79 -17.17
CA LEU E 82 -18.61 -47.01 -18.39
C LEU E 82 -19.07 -48.28 -19.10
N THR E 83 -18.97 -48.26 -20.43
CA THR E 83 -19.39 -49.38 -21.27
C THR E 83 -18.25 -49.94 -22.11
N ASN E 84 -17.40 -49.09 -22.67
CA ASN E 84 -16.33 -49.56 -23.53
C ASN E 84 -15.20 -48.54 -23.53
N ILE E 85 -14.01 -49.00 -23.95
CA ILE E 85 -12.81 -48.19 -24.00
C ILE E 85 -12.14 -48.38 -25.36
N ASP E 86 -11.58 -47.29 -25.88
CA ASP E 86 -10.80 -47.31 -27.12
C ASP E 86 -9.44 -46.68 -26.84
N ASN E 87 -8.41 -47.51 -26.73
CA ASN E 87 -7.04 -47.03 -26.57
C ASN E 87 -6.34 -47.02 -27.93
N LYS E 88 -6.88 -46.19 -28.81
CA LYS E 88 -6.35 -46.09 -30.17
C LYS E 88 -5.00 -45.37 -30.13
N PRO E 89 -3.93 -45.98 -30.64
CA PRO E 89 -2.60 -45.34 -30.61
C PRO E 89 -2.44 -44.18 -31.58
N ALA E 90 -3.49 -43.85 -32.34
CA ALA E 90 -3.48 -42.74 -33.32
C ALA E 90 -2.37 -43.05 -34.33
N LEU E 91 -1.64 -42.03 -34.80
CA LEU E 91 -0.57 -42.20 -35.78
C LEU E 91 -1.08 -42.91 -37.05
N SER E 92 -2.24 -42.48 -37.52
CA SER E 92 -2.87 -43.06 -38.70
C SER E 92 -2.49 -42.27 -39.94
N GLY E 93 -2.01 -42.98 -40.96
CA GLY E 93 -1.63 -42.33 -42.20
C GLY E 93 -0.42 -41.42 -42.06
N ASN E 94 -0.65 -40.11 -42.16
CA ASN E 94 0.42 -39.14 -42.04
C ASN E 94 0.99 -39.11 -40.63
N VAL F 47 -45.85 13.15 25.64
CA VAL F 47 -45.15 14.00 26.59
C VAL F 47 -43.83 13.33 26.97
N ASP F 48 -43.75 12.01 26.78
CA ASP F 48 -42.56 11.25 27.10
C ASP F 48 -41.46 11.60 26.11
N CYS F 49 -40.49 12.39 26.55
CA CYS F 49 -39.35 12.75 25.73
C CYS F 49 -38.24 11.72 25.92
N VAL F 50 -37.04 12.02 25.44
CA VAL F 50 -35.88 11.16 25.61
C VAL F 50 -34.92 11.87 26.56
N ALA F 51 -34.59 11.20 27.67
CA ALA F 51 -33.74 11.83 28.67
C ALA F 51 -32.34 12.09 28.13
N ALA F 52 -31.73 11.10 27.49
CA ALA F 52 -30.38 11.23 26.99
C ALA F 52 -30.10 10.12 25.99
N VAL F 53 -28.88 10.11 25.47
CA VAL F 53 -28.45 9.10 24.50
C VAL F 53 -27.26 8.35 25.08
N VAL F 54 -27.22 7.04 24.83
CA VAL F 54 -26.15 6.18 25.30
C VAL F 54 -25.73 5.30 24.13
N ASN F 55 -24.67 5.70 23.43
CA ASN F 55 -24.15 4.96 22.29
C ASN F 55 -25.25 4.66 21.28
N ASN F 56 -25.68 3.39 21.21
CA ASN F 56 -26.74 2.99 20.31
C ASN F 56 -28.10 2.95 20.98
N GLY F 57 -28.18 3.29 22.27
CA GLY F 57 -29.43 3.30 23.00
C GLY F 57 -29.71 4.65 23.64
N VAL F 58 -30.92 4.77 24.17
CA VAL F 58 -31.34 5.98 24.88
C VAL F 58 -32.04 5.60 26.17
N VAL F 59 -32.03 6.54 27.10
CA VAL F 59 -32.86 6.50 28.30
C VAL F 59 -33.90 7.60 28.17
N LEU F 60 -35.13 7.30 28.54
CA LEU F 60 -36.26 8.19 28.34
C LEU F 60 -36.86 8.63 29.68
N GLU F 61 -37.70 9.66 29.60
CA GLU F 61 -38.15 10.33 30.82
C GLU F 61 -38.98 9.40 31.70
N SER F 62 -39.84 8.57 31.09
CA SER F 62 -40.64 7.65 31.91
C SER F 62 -39.75 6.63 32.62
N ASP F 63 -38.56 6.37 32.08
CA ASP F 63 -37.63 5.45 32.74
C ASP F 63 -37.13 6.04 34.06
N VAL F 64 -36.69 7.31 34.03
CA VAL F 64 -36.30 7.94 35.29
C VAL F 64 -37.51 8.17 36.17
N ASP F 65 -38.69 8.30 35.56
CA ASP F 65 -39.93 8.39 36.34
C ASP F 65 -40.14 7.13 37.15
N GLY F 66 -39.88 5.96 36.55
CA GLY F 66 -39.97 4.70 37.28
C GLY F 66 -38.98 4.58 38.41
N LEU F 67 -38.14 5.60 38.62
CA LEU F 67 -37.17 5.60 39.72
C LEU F 67 -37.08 6.94 40.43
N MET F 68 -37.89 7.94 40.08
CA MET F 68 -37.94 9.17 40.86
C MET F 68 -39.23 9.26 41.68
N GLN F 69 -40.39 9.14 41.05
CA GLN F 69 -41.63 9.07 41.82
C GLN F 69 -41.95 7.65 42.25
N SER F 70 -41.23 6.67 41.73
CA SER F 70 -41.36 5.29 42.19
C SER F 70 -40.33 4.93 43.25
N VAL F 71 -39.45 5.87 43.62
CA VAL F 71 -38.48 5.71 44.69
C VAL F 71 -38.58 6.99 45.55
N LYS F 72 -37.74 7.10 46.58
CA LYS F 72 -37.61 8.30 47.40
C LYS F 72 -38.98 8.79 47.90
N LEU F 73 -39.50 8.08 48.91
CA LEU F 73 -40.88 8.08 49.39
C LEU F 73 -41.74 7.15 48.55
N ASN F 74 -41.08 6.25 47.83
CA ASN F 74 -41.75 5.13 47.16
C ASN F 74 -40.76 3.96 47.16
N ALA F 75 -41.06 2.95 46.34
CA ALA F 75 -40.25 1.74 46.20
C ALA F 75 -40.27 0.91 47.47
N ALA F 76 -39.52 1.32 48.48
CA ALA F 76 -39.44 0.61 49.75
C ALA F 76 -38.69 1.48 50.75
N GLN F 77 -39.12 1.44 52.01
CA GLN F 77 -38.56 2.28 53.06
C GLN F 77 -38.60 3.75 52.65
N ALA F 78 -39.83 4.25 52.52
CA ALA F 78 -40.11 5.55 51.93
C ALA F 78 -39.15 6.66 52.38
N ARG F 79 -38.68 6.59 53.62
CA ARG F 79 -37.79 7.65 54.13
C ARG F 79 -36.53 7.76 53.29
N GLN F 80 -35.70 6.71 53.29
CA GLN F 80 -34.45 6.69 52.53
C GLN F 80 -33.59 7.91 52.81
N GLN F 81 -33.51 8.84 51.84
CA GLN F 81 -32.71 10.04 51.97
C GLN F 81 -33.45 11.21 51.32
N LEU F 82 -33.45 12.36 52.00
CA LEU F 82 -34.10 13.57 51.49
C LEU F 82 -33.18 14.79 51.59
N PRO F 83 -32.09 14.82 50.81
CA PRO F 83 -31.42 16.10 50.60
C PRO F 83 -32.32 17.04 49.82
N ASP F 84 -32.69 16.61 48.62
CA ASP F 84 -33.74 17.20 47.80
C ASP F 84 -33.87 16.36 46.53
N ASP F 85 -35.05 16.32 45.92
CA ASP F 85 -35.18 15.59 44.66
C ASP F 85 -34.54 16.37 43.51
N ALA F 86 -34.65 17.70 43.53
CA ALA F 86 -34.03 18.52 42.50
C ALA F 86 -32.51 18.38 42.54
N THR F 87 -31.93 18.35 43.74
CA THR F 87 -30.51 18.08 43.87
C THR F 87 -30.17 16.64 43.52
N LEU F 88 -31.13 15.72 43.66
CA LEU F 88 -30.91 14.31 43.36
C LEU F 88 -31.03 14.00 41.89
N ARG F 89 -31.58 14.91 41.08
CA ARG F 89 -31.76 14.65 39.66
C ARG F 89 -30.45 14.22 38.99
N HIS F 90 -29.32 14.77 39.42
CA HIS F 90 -28.05 14.46 38.78
C HIS F 90 -27.67 13.00 39.00
N GLN F 91 -27.71 12.55 40.26
CA GLN F 91 -27.23 11.20 40.56
C GLN F 91 -28.15 10.12 40.01
N ILE F 92 -29.46 10.36 39.98
CA ILE F 92 -30.34 9.37 39.36
C ILE F 92 -30.04 9.26 37.88
N MET F 93 -29.81 10.38 37.20
CA MET F 93 -29.46 10.33 35.79
C MET F 93 -28.16 9.58 35.56
N GLU F 94 -27.12 9.86 36.36
CA GLU F 94 -25.86 9.16 36.17
C GLU F 94 -26.00 7.67 36.46
N ARG F 95 -26.79 7.31 37.47
CA ARG F 95 -27.02 5.91 37.78
C ARG F 95 -27.70 5.20 36.63
N LEU F 96 -28.73 5.82 36.05
CA LEU F 96 -29.46 5.16 34.98
C LEU F 96 -28.64 5.08 33.69
N ILE F 97 -27.82 6.10 33.41
CA ILE F 97 -26.99 6.02 32.22
C ILE F 97 -25.92 4.94 32.39
N MET F 98 -25.38 4.80 33.61
CA MET F 98 -24.46 3.69 33.86
C MET F 98 -25.18 2.37 33.67
N ASP F 99 -26.42 2.28 34.14
CA ASP F 99 -27.22 1.07 33.96
C ASP F 99 -27.35 0.73 32.48
N GLN F 100 -27.69 1.74 31.67
CA GLN F 100 -27.85 1.51 30.24
C GLN F 100 -26.55 1.10 29.59
N ILE F 101 -25.43 1.69 30.03
CA ILE F 101 -24.13 1.31 29.50
C ILE F 101 -23.86 -0.16 29.76
N ILE F 102 -24.15 -0.62 30.98
CA ILE F 102 -23.88 -2.02 31.30
C ILE F 102 -24.81 -2.93 30.51
N LEU F 103 -26.06 -2.51 30.30
CA LEU F 103 -26.95 -3.29 29.45
C LEU F 103 -26.42 -3.41 28.02
N GLN F 104 -25.92 -2.30 27.47
CA GLN F 104 -25.33 -2.37 26.14
C GLN F 104 -24.14 -3.32 26.12
N MET F 105 -23.29 -3.24 27.15
CA MET F 105 -22.13 -4.13 27.23
C MET F 105 -22.58 -5.59 27.24
N GLY F 106 -23.50 -5.93 28.16
CA GLY F 106 -23.97 -7.30 28.24
C GLY F 106 -24.62 -7.78 26.96
N GLN F 107 -25.27 -6.87 26.23
CA GLN F 107 -25.79 -7.23 24.92
C GLN F 107 -24.66 -7.51 23.93
N LYS F 108 -23.54 -6.77 24.05
CA LYS F 108 -22.45 -6.96 23.09
C LYS F 108 -21.75 -8.29 23.27
N MET F 109 -21.63 -8.78 24.50
CA MET F 109 -21.06 -10.11 24.66
C MET F 109 -22.03 -11.23 24.30
N GLY F 110 -23.23 -10.90 23.86
CA GLY F 110 -24.19 -11.93 23.51
C GLY F 110 -24.59 -12.80 24.68
N VAL F 111 -24.81 -12.20 25.84
CA VAL F 111 -25.16 -12.94 27.04
C VAL F 111 -26.63 -12.72 27.34
N LYS F 112 -27.36 -13.81 27.58
CA LYS F 112 -28.80 -13.75 27.82
C LYS F 112 -29.15 -14.58 29.04
N ILE F 113 -30.32 -14.29 29.61
CA ILE F 113 -30.83 -15.02 30.77
C ILE F 113 -32.17 -15.65 30.38
N SER F 114 -32.30 -16.94 30.62
CA SER F 114 -33.53 -17.65 30.32
C SER F 114 -34.55 -17.44 31.45
N ASP F 115 -35.74 -18.01 31.25
CA ASP F 115 -36.85 -17.72 32.16
C ASP F 115 -36.71 -18.45 33.49
N GLU F 116 -36.11 -19.64 33.50
CA GLU F 116 -36.03 -20.40 34.75
C GLU F 116 -35.21 -19.65 35.80
N GLN F 117 -34.14 -19.00 35.38
CA GLN F 117 -33.34 -18.18 36.30
C GLN F 117 -34.20 -17.07 36.88
N LEU F 118 -35.03 -16.44 36.05
CA LEU F 118 -35.94 -15.43 36.56
C LEU F 118 -36.92 -16.02 37.56
N ASP F 119 -37.36 -17.26 37.33
CA ASP F 119 -38.27 -17.91 38.26
C ASP F 119 -37.62 -18.14 39.62
N GLN F 120 -36.37 -18.63 39.61
CA GLN F 120 -35.67 -18.78 40.88
C GLN F 120 -35.43 -17.43 41.54
N ALA F 121 -35.12 -16.41 40.76
CA ALA F 121 -34.87 -15.09 41.32
C ALA F 121 -36.13 -14.51 41.99
N ILE F 122 -37.28 -14.65 41.33
CA ILE F 122 -38.50 -14.12 41.92
C ILE F 122 -38.92 -14.95 43.13
N ALA F 123 -38.65 -16.27 43.10
CA ALA F 123 -38.89 -17.07 44.30
C ALA F 123 -38.02 -16.61 45.46
N ASN F 124 -36.75 -16.30 45.17
CA ASN F 124 -35.86 -15.80 46.22
C ASN F 124 -36.33 -14.44 46.74
N ILE F 125 -36.80 -13.57 45.85
CA ILE F 125 -37.38 -12.30 46.28
C ILE F 125 -38.56 -12.56 47.20
N ALA F 126 -39.36 -13.56 46.88
CA ALA F 126 -40.50 -13.91 47.74
C ALA F 126 -40.03 -14.38 49.11
N LYS F 127 -38.97 -15.20 49.16
CA LYS F 127 -38.56 -15.77 50.44
C LYS F 127 -37.89 -14.72 51.33
N GLN F 128 -37.16 -13.77 50.75
CA GLN F 128 -36.56 -12.72 51.57
C GLN F 128 -37.60 -11.71 52.02
N ASN F 129 -38.59 -11.42 51.17
CA ASN F 129 -39.67 -10.51 51.52
C ASN F 129 -40.67 -11.11 52.49
N ASN F 130 -40.61 -12.43 52.73
CA ASN F 130 -41.54 -13.10 53.61
C ASN F 130 -42.98 -12.74 53.23
N MET F 131 -43.28 -12.88 51.94
CA MET F 131 -44.56 -12.46 51.39
C MET F 131 -44.80 -13.24 50.11
N THR F 132 -46.01 -13.78 49.97
CA THR F 132 -46.29 -14.71 48.87
C THR F 132 -46.29 -13.98 47.53
N LEU F 133 -45.93 -14.73 46.48
CA LEU F 133 -45.69 -14.12 45.17
C LEU F 133 -46.97 -13.55 44.58
N ASP F 134 -48.07 -14.31 44.63
CA ASP F 134 -49.32 -13.82 44.04
C ASP F 134 -49.87 -12.65 44.84
N GLN F 135 -49.70 -12.66 46.17
CA GLN F 135 -50.14 -11.51 46.94
C GLN F 135 -49.25 -10.30 46.71
N MET F 136 -47.96 -10.50 46.41
CA MET F 136 -47.15 -9.37 45.99
C MET F 136 -47.59 -8.84 44.63
N ARG F 137 -48.03 -9.73 43.73
CA ARG F 137 -48.57 -9.26 42.46
C ARG F 137 -49.82 -8.41 42.68
N SER F 138 -50.71 -8.88 43.56
CA SER F 138 -51.91 -8.10 43.88
C SER F 138 -51.55 -6.78 44.55
N ARG F 139 -50.53 -6.78 45.39
CA ARG F 139 -50.09 -5.55 46.04
C ARG F 139 -49.52 -4.56 45.04
N LEU F 140 -48.64 -5.03 44.15
CA LEU F 140 -48.06 -4.16 43.14
C LEU F 140 -49.09 -3.71 42.11
N ALA F 141 -50.21 -4.42 42.00
CA ALA F 141 -51.29 -3.96 41.13
C ALA F 141 -51.76 -2.56 41.52
N TYR F 142 -51.91 -2.31 42.82
CA TYR F 142 -52.27 -0.98 43.30
C TYR F 142 -51.07 -0.12 43.66
N ASP F 143 -49.90 -0.73 43.88
CA ASP F 143 -48.70 0.05 44.20
C ASP F 143 -48.24 0.89 43.01
N GLY F 144 -48.67 0.56 41.81
CA GLY F 144 -48.21 1.23 40.60
C GLY F 144 -47.16 0.49 39.82
N LEU F 145 -46.85 -0.75 40.20
CA LEU F 145 -45.84 -1.56 39.50
C LEU F 145 -46.57 -2.68 38.77
N ASN F 146 -46.61 -2.59 37.44
CA ASN F 146 -47.20 -3.63 36.64
C ASN F 146 -46.37 -4.91 36.72
N TYR F 147 -47.04 -6.05 36.58
CA TYR F 147 -46.34 -7.33 36.63
C TYR F 147 -45.35 -7.46 35.48
N ASN F 148 -45.73 -7.04 34.28
CA ASN F 148 -44.83 -7.15 33.13
C ASN F 148 -43.64 -6.20 33.26
N THR F 149 -43.90 -4.98 33.72
CA THR F 149 -42.80 -4.06 34.01
C THR F 149 -41.91 -4.63 35.10
N TYR F 150 -42.50 -5.31 36.08
CA TYR F 150 -41.72 -5.98 37.10
C TYR F 150 -40.83 -7.06 36.48
N ARG F 151 -41.38 -7.85 35.56
CA ARG F 151 -40.58 -8.87 34.89
C ARG F 151 -39.41 -8.25 34.15
N ASN F 152 -39.67 -7.17 33.42
CA ASN F 152 -38.61 -6.52 32.64
C ASN F 152 -37.51 -5.97 33.56
N GLN F 153 -37.92 -5.30 34.65
CA GLN F 153 -36.94 -4.70 35.54
C GLN F 153 -36.13 -5.76 36.28
N ILE F 154 -36.77 -6.86 36.70
CA ILE F 154 -36.02 -7.94 37.32
C ILE F 154 -35.06 -8.55 36.32
N ARG F 155 -35.49 -8.73 35.07
CA ARG F 155 -34.60 -9.30 34.06
C ARG F 155 -33.37 -8.43 33.87
N LYS F 156 -33.56 -7.11 33.74
CA LYS F 156 -32.40 -6.27 33.48
C LYS F 156 -31.53 -6.14 34.72
N GLU F 157 -32.13 -6.16 35.92
CA GLU F 157 -31.31 -6.15 37.13
C GLU F 157 -30.45 -7.40 37.23
N MET F 158 -31.02 -8.57 36.95
CA MET F 158 -30.23 -9.80 36.96
C MET F 158 -29.12 -9.74 35.92
N ILE F 159 -29.42 -9.27 34.72
CA ILE F 159 -28.39 -9.28 33.67
C ILE F 159 -27.26 -8.32 34.02
N ILE F 160 -27.58 -7.12 34.53
CA ILE F 160 -26.52 -6.19 34.89
C ILE F 160 -25.68 -6.74 36.04
N SER F 161 -26.33 -7.34 37.04
CA SER F 161 -25.59 -7.89 38.17
C SER F 161 -24.64 -8.99 37.71
N GLU F 162 -25.12 -9.89 36.86
CA GLU F 162 -24.28 -11.01 36.45
C GLU F 162 -23.15 -10.53 35.54
N VAL F 163 -23.43 -9.56 34.66
CA VAL F 163 -22.37 -9.02 33.81
C VAL F 163 -21.28 -8.37 34.64
N ARG F 164 -21.66 -7.52 35.61
CA ARG F 164 -20.64 -6.86 36.40
C ARG F 164 -19.85 -7.87 37.23
N ASN F 165 -20.52 -8.88 37.79
CA ASN F 165 -19.80 -9.91 38.51
C ASN F 165 -18.79 -10.61 37.61
N ASN F 166 -19.23 -11.04 36.43
CA ASN F 166 -18.39 -11.85 35.55
C ASN F 166 -17.21 -11.05 35.02
N GLU F 167 -17.38 -9.75 34.80
CA GLU F 167 -16.29 -8.95 34.27
C GLU F 167 -15.49 -8.27 35.37
N VAL F 168 -15.88 -8.40 36.63
CA VAL F 168 -15.03 -7.91 37.72
C VAL F 168 -14.18 -9.02 38.31
N ARG F 169 -14.69 -10.25 38.43
CA ARG F 169 -13.83 -11.23 39.10
C ARG F 169 -12.66 -11.68 38.22
N ARG F 170 -12.62 -11.29 36.95
CA ARG F 170 -11.41 -11.46 36.16
C ARG F 170 -10.32 -10.47 36.51
N ARG F 171 -10.68 -9.23 36.82
CA ARG F 171 -9.71 -8.21 37.16
C ARG F 171 -9.39 -8.18 38.66
N ILE F 172 -9.85 -9.18 39.40
CA ILE F 172 -9.52 -9.30 40.82
C ILE F 172 -8.58 -10.50 40.99
N THR F 173 -7.42 -10.26 41.57
CA THR F 173 -6.42 -11.30 41.78
C THR F 173 -6.33 -11.63 43.27
N ILE F 174 -5.85 -12.83 43.58
CA ILE F 174 -5.64 -13.25 44.96
C ILE F 174 -4.22 -13.80 45.07
N LEU F 175 -3.44 -13.20 45.98
CA LEU F 175 -2.11 -13.72 46.26
C LEU F 175 -2.17 -14.64 47.48
N PRO F 176 -1.71 -15.88 47.37
CA PRO F 176 -1.82 -16.80 48.51
C PRO F 176 -0.76 -16.53 49.57
N GLN F 177 -0.53 -15.25 49.87
CA GLN F 177 0.32 -14.83 50.96
C GLN F 177 -0.41 -13.92 51.94
N GLU F 178 -1.12 -12.90 51.42
CA GLU F 178 -1.87 -12.00 52.27
C GLU F 178 -2.99 -12.69 53.02
N VAL F 179 -3.51 -13.81 52.49
CA VAL F 179 -4.57 -14.54 53.17
C VAL F 179 -4.07 -15.06 54.52
N GLU F 180 -2.84 -15.60 54.54
CA GLU F 180 -2.30 -16.12 55.80
C GLU F 180 -2.10 -15.00 56.82
N SER F 181 -1.55 -13.87 56.38
CA SER F 181 -1.32 -12.75 57.29
C SER F 181 -2.64 -12.21 57.84
N LEU F 182 -3.64 -12.07 56.98
CA LEU F 182 -4.94 -11.58 57.44
C LEU F 182 -5.60 -12.58 58.39
N ALA F 183 -5.44 -13.88 58.14
CA ALA F 183 -5.94 -14.88 59.07
C ALA F 183 -5.24 -14.77 60.42
N GLN F 184 -3.93 -14.52 60.42
CA GLN F 184 -3.21 -14.35 61.67
C GLN F 184 -3.60 -13.06 62.37
N GLN F 185 -4.11 -12.08 61.62
CA GLN F 185 -4.62 -10.86 62.25
C GLN F 185 -5.80 -11.17 63.15
N VAL F 186 -6.73 -12.00 62.67
CA VAL F 186 -7.90 -12.37 63.46
C VAL F 186 -8.00 -13.89 63.55
N GLN F 415 -10.68 -16.48 59.01
CA GLN F 415 -9.86 -17.68 59.09
C GLN F 415 -10.54 -18.85 58.40
N LYS F 416 -9.73 -19.69 57.74
CA LYS F 416 -10.21 -20.83 56.97
C LYS F 416 -11.23 -20.38 55.91
N ASP F 417 -10.72 -19.60 54.95
CA ASP F 417 -11.46 -19.10 53.81
C ASP F 417 -12.47 -18.02 54.19
N ARG F 418 -12.60 -17.73 55.49
CA ARG F 418 -13.49 -16.66 55.91
C ARG F 418 -12.91 -15.29 55.57
N ALA F 419 -11.61 -15.10 55.83
CA ALA F 419 -10.97 -13.83 55.50
C ALA F 419 -10.99 -13.57 54.00
N TYR F 420 -11.00 -14.63 53.19
CA TYR F 420 -11.12 -14.45 51.75
C TYR F 420 -12.43 -13.80 51.37
N ARG F 421 -13.49 -14.02 52.16
CA ARG F 421 -14.77 -13.37 51.87
C ARG F 421 -14.66 -11.86 52.03
N MET F 422 -14.02 -11.40 53.11
CA MET F 422 -13.80 -9.97 53.29
C MET F 422 -12.89 -9.41 52.21
N LEU F 423 -11.84 -10.16 51.85
CA LEU F 423 -10.96 -9.73 50.78
C LEU F 423 -11.72 -9.55 49.47
N MET F 424 -12.57 -10.53 49.15
CA MET F 424 -13.39 -10.45 47.94
C MET F 424 -14.31 -9.26 47.98
N ASN F 425 -14.96 -9.03 49.12
CA ASN F 425 -15.90 -7.92 49.23
C ASN F 425 -15.19 -6.59 49.02
N ARG F 426 -14.04 -6.39 49.68
CA ARG F 426 -13.33 -5.13 49.52
C ARG F 426 -12.84 -4.95 48.10
N LYS F 427 -12.19 -5.98 47.54
CA LYS F 427 -11.66 -5.86 46.19
C LYS F 427 -12.76 -5.58 45.18
N PHE F 428 -13.91 -6.24 45.32
CA PHE F 428 -15.05 -5.88 44.49
C PHE F 428 -15.47 -4.45 44.73
N SER F 429 -15.39 -3.98 45.98
CA SER F 429 -15.83 -2.62 46.29
C SER F 429 -15.05 -1.59 45.48
N GLU F 430 -13.72 -1.74 45.42
CA GLU F 430 -13.01 -0.80 44.55
C GLU F 430 -13.17 -1.12 43.06
N GLU F 431 -13.12 -2.40 42.67
CA GLU F 431 -13.09 -2.72 41.25
C GLU F 431 -14.39 -2.34 40.56
N ALA F 432 -15.51 -2.40 41.27
CA ALA F 432 -16.78 -2.01 40.67
C ALA F 432 -16.74 -0.55 40.23
N ALA F 433 -16.37 0.35 41.14
CA ALA F 433 -16.30 1.77 40.80
C ALA F 433 -15.25 2.01 39.72
N SER F 434 -14.12 1.30 39.80
CA SER F 434 -13.08 1.46 38.78
C SER F 434 -13.62 1.13 37.40
N TRP F 435 -14.28 -0.01 37.26
CA TRP F 435 -14.79 -0.41 35.95
C TRP F 435 -15.95 0.49 35.50
N MET F 436 -16.77 0.94 36.45
CA MET F 436 -17.87 1.83 36.10
C MET F 436 -17.34 3.13 35.50
N GLN F 437 -16.36 3.75 36.18
CA GLN F 437 -15.80 4.99 35.63
C GLN F 437 -15.03 4.72 34.34
N GLU F 438 -14.43 3.53 34.23
CA GLU F 438 -13.77 3.14 32.98
C GLU F 438 -14.74 3.19 31.81
N GLN F 439 -15.90 2.54 31.96
CA GLN F 439 -16.90 2.59 30.90
C GLN F 439 -17.43 4.01 30.70
N ARG F 440 -17.69 4.73 31.80
CA ARG F 440 -18.29 6.05 31.70
C ARG F 440 -17.41 6.99 30.88
N ALA F 441 -16.11 6.98 31.15
CA ALA F 441 -15.21 7.85 30.42
C ALA F 441 -15.12 7.45 28.96
N SER F 442 -15.19 6.16 28.66
CA SER F 442 -14.99 5.65 27.31
C SER F 442 -16.30 5.30 26.60
N ALA F 443 -17.37 6.04 26.86
CA ALA F 443 -18.65 5.81 26.20
C ALA F 443 -19.29 7.13 25.82
N TYR F 444 -20.06 7.12 24.75
CA TYR F 444 -20.74 8.31 24.26
C TYR F 444 -21.96 8.59 25.12
N VAL F 445 -21.94 9.71 25.84
CA VAL F 445 -23.05 10.13 26.70
C VAL F 445 -23.30 11.61 26.47
N LYS F 446 -24.57 12.01 26.51
CA LYS F 446 -24.94 13.40 26.35
C LYS F 446 -26.37 13.57 26.83
N ILE F 447 -26.58 14.58 27.67
CA ILE F 447 -27.90 14.85 28.27
C ILE F 447 -28.75 15.63 27.27
N LEU F 448 -30.01 15.23 27.15
CA LEU F 448 -30.92 15.84 26.18
C LEU F 448 -31.97 16.73 26.80
N SER F 449 -32.57 16.33 27.91
CA SER F 449 -33.60 17.15 28.55
C SER F 449 -33.06 17.79 29.83
N ASP G 1 -27.10 3.18 48.79
CA ASP G 1 -28.29 2.38 48.52
C ASP G 1 -29.52 2.97 49.21
N ALA G 2 -30.64 2.98 48.51
CA ALA G 2 -31.88 3.54 49.06
C ALA G 2 -32.98 2.50 49.10
N ALA G 3 -33.24 1.84 47.98
CA ALA G 3 -34.32 0.86 47.91
C ALA G 3 -33.95 -0.42 48.65
N GLN G 4 -34.98 -1.06 49.22
CA GLN G 4 -34.78 -2.32 49.92
C GLN G 4 -34.75 -3.48 48.93
N LYS G 5 -35.81 -3.65 48.16
CA LYS G 5 -35.86 -4.70 47.14
C LYS G 5 -34.89 -4.36 46.01
N ASP G 6 -33.90 -5.23 45.78
CA ASP G 6 -32.88 -4.98 44.77
C ASP G 6 -32.58 -6.31 44.09
N ARG G 7 -31.52 -6.40 43.29
CA ARG G 7 -31.17 -7.63 42.58
C ARG G 7 -30.72 -8.68 43.59
N ALA G 8 -31.18 -9.91 43.41
CA ALA G 8 -30.80 -11.00 44.29
C ALA G 8 -29.42 -11.53 43.94
#